data_6BBL
#
_entry.id   6BBL
#
_cell.length_a   76.781
_cell.length_b   128.251
_cell.length_c   107.272
_cell.angle_alpha   90.00
_cell.angle_beta   109.11
_cell.angle_gamma   90.00
#
_symmetry.space_group_name_H-M   'P 1 21 1'
#
loop_
_entity.id
_entity.type
_entity.pdbx_description
1 polymer 'Nitrogenase molybdenum-iron protein alpha chain'
2 polymer 'Nitrogenase molybdenum-iron protein beta chain'
3 non-polymer acetylene
4 non-polymer IMIDAZOLE
5 non-polymer '3-HYDROXY-3-CARBOXY-ADIPIC ACID'
6 non-polymer 'iron-sulfur-molybdenum cluster with interstitial carbon'
7 non-polymer 'FE(8)-S(7) CLUSTER, OXIDIZED'
8 non-polymer 'FE (III) ION'
9 non-polymer 'MAGNESIUM ION'
10 water water
#
loop_
_entity_poly.entity_id
_entity_poly.type
_entity_poly.pdbx_seq_one_letter_code
_entity_poly.pdbx_strand_id
1 'polypeptide(L)'
;MTGMSREEVESLIQEVLEVYPEKARKDRNKHLAVNDPAVTQSKKCIISNKKSQPGLMTIRGCAYAGSKGVVWGPIKDMIH
ISHGPVGCGQYSRAGQRNYYIGTTGVNAFVTMNFTSDFQEKDIVFGGDKKLAKLIDEVETLFPLNKGISVQSECPIGLIG
DDIESVSKVKGAELSKTIVPVRCEGFRGVSQSLGHHIANDAVRDWVLGKRDEDTTFASTPYDVAIIGDYNIGGDAWSSRI
LLEEMGLRCVAQWSGDGSISEIELTPKVKLNLVHCYRSMNYISRHMEEKYGIPWMEYNFFGPTKTIESLRAIAAKFDESI
QKKCEEVIAKYKPEWEAVVAKYRPRLEGKRVMLYIGGLRPRHVIGAYEDLGMEVVGTGYEFAHNDDYDRTMKEMGDSTLL
YDDVTGYEFEEFVKRIKPDLIGSGIKEKFIFQKMGIPFREMHSWDYSGPYHGFDGFAIFARDMDMTLNNPCWKKLQAPWE
ASEGAEKVAASA
;
A,C
2 'polypeptide(L)'
;MSQQVDKIKASYPLFLDQDYKDMLAKKRDGFEEKYPQDKIDEVFQWTTTKEYQELNFQREALTVNPAKACQPLGAVLCAL
GFEKTMPYVHGSQGCVAYFRSYFNRHFREPVSCVSDSMTEDAAVFGGQQNMKDGLQNCKATYKPDMIAVSTTCMAEVIGD
DLNAFINNSKKEGFIPDEFPVPFAHTPSFVGSHVTGWDNMFEGIARYFTLKSMDDKVVGSNKKINIVPGFETYLGNFRVI
KRMLSEMGVGYSLLSDPEEVLDTPADGQFRMYAGGTTQEEMKDAPNALNTVLLQPWHLEKTKKFVEGTWKHEVPKLNIPM
GLDWTDEFLMKVSEISGQPIPASLTKERGRLVDMMTDSHTWLHGKRFALWGDPDFVMGLVKFLLELGCEPVHILCHNGNK
RWKKAVDAILAASPYGKNATVYIGKDLWHLRSLVFTDKPDFMIGNSYGKFIQRDTLHKGKEFEVPLIRIGFPIFDRHHLH
RSTTLGYEGAMQILTTLVNSILERLDEETRGMQATDYNHDLVR
;
B,D
#
# COMPACT_ATOMS: atom_id res chain seq x y z
N MET A 4 -17.38 -41.46 16.39
CA MET A 4 -18.16 -42.39 15.60
C MET A 4 -17.73 -43.83 15.88
N SER A 5 -18.69 -44.73 15.94
CA SER A 5 -18.41 -46.13 16.16
C SER A 5 -17.76 -46.76 14.93
N ARG A 6 -17.04 -47.86 15.17
CA ARG A 6 -16.45 -48.62 14.08
C ARG A 6 -17.47 -48.92 13.00
N GLU A 7 -18.67 -49.33 13.38
CA GLU A 7 -19.69 -49.71 12.41
C GLU A 7 -20.12 -48.52 11.57
N GLU A 8 -20.32 -47.36 12.19
CA GLU A 8 -20.64 -46.15 11.43
C GLU A 8 -19.52 -45.82 10.45
N VAL A 9 -18.27 -45.91 10.89
CA VAL A 9 -17.15 -45.58 10.02
C VAL A 9 -17.09 -46.53 8.82
N GLU A 10 -17.26 -47.83 9.07
CA GLU A 10 -17.26 -48.79 7.99
C GLU A 10 -18.37 -48.51 7.00
N SER A 11 -19.54 -48.15 7.51
CA SER A 11 -20.65 -47.79 6.61
C SER A 11 -20.33 -46.51 5.84
N LEU A 12 -19.69 -45.55 6.49
CA LEU A 12 -19.30 -44.33 5.79
C LEU A 12 -18.38 -44.64 4.63
N ILE A 13 -17.41 -45.53 4.86
CA ILE A 13 -16.48 -45.90 3.80
C ILE A 13 -17.24 -46.47 2.60
N GLN A 14 -18.16 -47.40 2.86
CA GLN A 14 -18.84 -48.05 1.75
C GLN A 14 -19.74 -47.07 1.00
N GLU A 15 -20.41 -46.18 1.73
CA GLU A 15 -21.24 -45.17 1.07
C GLU A 15 -20.42 -44.26 0.17
N VAL A 16 -19.25 -43.84 0.65
CA VAL A 16 -18.42 -42.94 -0.15
C VAL A 16 -17.93 -43.63 -1.42
N LEU A 17 -17.54 -44.91 -1.32
CA LEU A 17 -17.00 -45.60 -2.49
C LEU A 17 -18.04 -45.99 -3.53
N GLU A 18 -19.33 -45.85 -3.24
CA GLU A 18 -20.38 -46.19 -4.21
C GLU A 18 -20.30 -45.33 -5.47
N VAL A 19 -19.66 -44.16 -5.41
CA VAL A 19 -19.61 -43.30 -6.58
C VAL A 19 -18.63 -43.80 -7.63
N TYR A 20 -17.68 -44.63 -7.26
CA TYR A 20 -16.58 -44.97 -8.16
C TYR A 20 -16.99 -46.04 -9.18
N PRO A 21 -16.38 -46.03 -10.37
CA PRO A 21 -16.38 -47.22 -11.21
C PRO A 21 -15.74 -48.41 -10.49
N GLU A 22 -16.11 -49.62 -10.95
CA GLU A 22 -15.77 -50.85 -10.23
C GLU A 22 -14.29 -50.95 -9.91
N LYS A 23 -13.44 -50.70 -10.89
CA LYS A 23 -12.00 -50.87 -10.73
C LYS A 23 -11.46 -49.93 -9.66
N ALA A 24 -11.87 -48.66 -9.69
CA ALA A 24 -11.40 -47.72 -8.67
C ALA A 24 -12.01 -48.05 -7.31
N ARG A 25 -13.28 -48.47 -7.30
CA ARG A 25 -13.92 -48.84 -6.05
C ARG A 25 -13.14 -49.95 -5.34
N LYS A 26 -12.78 -51.00 -6.08
CA LYS A 26 -12.07 -52.10 -5.46
C LYS A 26 -10.70 -51.67 -4.97
N ASP A 27 -10.05 -50.77 -5.70
CA ASP A 27 -8.73 -50.35 -5.28
C ASP A 27 -8.80 -49.49 -4.04
N ARG A 28 -9.67 -48.47 -4.05
CA ARG A 28 -9.70 -47.53 -2.93
C ARG A 28 -10.14 -48.20 -1.65
N ASN A 29 -10.98 -49.24 -1.74
CA ASN A 29 -11.40 -49.93 -0.54
C ASN A 29 -10.22 -50.48 0.24
N LYS A 30 -9.15 -50.86 -0.45
CA LYS A 30 -7.97 -51.42 0.21
C LYS A 30 -7.16 -50.36 0.94
N HIS A 31 -7.39 -49.08 0.67
CA HIS A 31 -6.59 -47.99 1.20
C HIS A 31 -7.31 -47.23 2.30
N LEU A 32 -8.39 -47.79 2.84
CA LEU A 32 -9.22 -47.15 3.84
C LEU A 32 -9.48 -48.17 4.94
N ALA A 33 -9.27 -47.79 6.20
CA ALA A 33 -9.39 -48.76 7.27
C ALA A 33 -9.82 -48.08 8.56
N VAL A 34 -10.30 -48.89 9.50
CA VAL A 34 -10.73 -48.43 10.82
C VAL A 34 -9.78 -49.05 11.84
N ASN A 35 -9.14 -48.21 12.66
CA ASN A 35 -8.12 -48.73 13.57
C ASN A 35 -8.75 -49.72 14.55
N ASP A 36 -8.02 -50.80 14.85
CA ASP A 36 -8.52 -51.82 15.76
C ASP A 36 -7.39 -52.30 16.69
N PRO A 37 -7.53 -52.18 18.01
CA PRO A 37 -6.41 -52.55 18.89
C PRO A 37 -5.97 -54.00 18.74
N ALA A 38 -6.87 -54.89 18.33
CA ALA A 38 -6.55 -56.30 18.18
C ALA A 38 -5.74 -56.60 16.92
N VAL A 39 -5.62 -55.66 15.98
CA VAL A 39 -4.84 -55.83 14.76
C VAL A 39 -3.73 -54.80 14.77
N THR A 40 -2.50 -55.25 15.03
CA THR A 40 -1.35 -54.38 15.09
C THR A 40 -0.51 -54.37 13.82
N GLN A 41 -0.66 -55.37 12.96
CA GLN A 41 0.06 -55.45 11.69
C GLN A 41 -0.71 -54.70 10.60
N SER A 42 -0.13 -53.60 10.10
CA SER A 42 -0.81 -52.82 9.07
C SER A 42 -1.04 -53.65 7.81
N LYS A 43 -0.16 -54.61 7.54
CA LYS A 43 -0.33 -55.48 6.38
C LYS A 43 -1.49 -56.45 6.52
N LYS A 44 -2.23 -56.41 7.62
CA LYS A 44 -3.49 -57.15 7.71
C LYS A 44 -4.70 -56.25 7.54
N CYS A 45 -4.51 -54.93 7.36
CA CYS A 45 -5.68 -54.05 7.33
C CYS A 45 -5.61 -52.89 6.35
N ILE A 46 -4.45 -52.47 5.85
CA ILE A 46 -4.41 -51.36 4.91
C ILE A 46 -3.27 -51.55 3.92
N ILE A 47 -3.53 -51.20 2.68
CA ILE A 47 -2.54 -51.20 1.60
C ILE A 47 -2.01 -49.78 1.43
N SER A 48 -0.75 -49.67 1.06
CA SER A 48 -0.11 -48.37 0.88
C SER A 48 1.01 -48.48 -0.14
N ASN A 49 1.55 -47.33 -0.52
CA ASN A 49 2.70 -47.23 -1.43
C ASN A 49 2.44 -47.97 -2.73
N LYS A 50 1.25 -47.76 -3.29
CA LYS A 50 0.84 -48.27 -4.59
C LYS A 50 0.55 -47.09 -5.50
N LYS A 51 0.43 -47.39 -6.81
CA LYS A 51 0.08 -46.35 -7.78
C LYS A 51 -1.24 -45.68 -7.42
N SER A 52 -1.36 -44.41 -7.79
CA SER A 52 -2.62 -43.69 -7.64
C SER A 52 -3.55 -44.02 -8.79
N GLN A 53 -4.86 -44.05 -8.50
CA GLN A 53 -5.86 -44.34 -9.53
C GLN A 53 -6.06 -43.11 -10.42
N PRO A 54 -6.10 -43.26 -11.73
CA PRO A 54 -6.17 -42.09 -12.60
C PRO A 54 -7.49 -41.33 -12.45
N GLY A 55 -7.38 -40.01 -12.53
CA GLY A 55 -8.53 -39.12 -12.59
C GLY A 55 -9.20 -38.83 -11.27
N LEU A 56 -8.60 -39.23 -10.13
CA LEU A 56 -9.32 -39.15 -8.86
C LEU A 56 -8.84 -38.01 -7.97
N MET A 57 -7.90 -37.18 -8.44
CA MET A 57 -7.44 -36.00 -7.72
C MET A 57 -6.69 -36.39 -6.44
N THR A 58 -5.69 -37.26 -6.61
CA THR A 58 -4.75 -37.47 -5.53
C THR A 58 -4.09 -36.14 -5.14
N ILE A 59 -3.61 -36.09 -3.89
CA ILE A 59 -2.87 -34.95 -3.38
C ILE A 59 -1.37 -35.12 -3.53
N ARG A 60 -0.93 -36.30 -4.00
CA ARG A 60 0.49 -36.65 -4.10
C ARG A 60 1.25 -35.80 -5.09
N GLY A 61 2.54 -35.65 -4.82
CA GLY A 61 3.52 -35.18 -5.77
C GLY A 61 4.33 -36.32 -6.38
N CYS A 62 5.58 -36.01 -6.75
CA CYS A 62 6.41 -36.91 -7.54
C CYS A 62 7.80 -37.09 -6.90
N ALA A 63 8.59 -37.98 -7.49
CA ALA A 63 9.90 -38.28 -6.94
C ALA A 63 10.82 -37.07 -6.90
N TYR A 64 10.71 -36.19 -7.90
CA TYR A 64 11.51 -34.97 -7.91
C TYR A 64 11.21 -34.12 -6.68
N ALA A 65 9.93 -34.00 -6.32
CA ALA A 65 9.59 -33.26 -5.12
C ALA A 65 10.26 -33.86 -3.89
N GLY A 66 10.32 -35.20 -3.82
CA GLY A 66 10.95 -35.85 -2.68
C GLY A 66 12.45 -35.65 -2.63
N SER A 67 13.09 -35.73 -3.79
CA SER A 67 14.54 -35.61 -3.87
C SER A 67 14.99 -34.16 -3.81
N LYS A 68 14.46 -33.32 -4.70
CA LYS A 68 14.88 -31.92 -4.74
C LYS A 68 14.29 -31.12 -3.58
N GLY A 69 13.04 -31.43 -3.22
CA GLY A 69 12.34 -30.65 -2.22
C GLY A 69 12.91 -30.79 -0.82
N VAL A 70 13.18 -32.02 -0.37
CA VAL A 70 13.57 -32.25 1.02
C VAL A 70 15.01 -32.75 1.14
N VAL A 71 15.40 -33.77 0.38
CA VAL A 71 16.71 -34.36 0.67
C VAL A 71 17.84 -33.43 0.23
N TRP A 72 17.77 -32.91 -1.01
CA TRP A 72 18.89 -32.14 -1.56
C TRP A 72 18.71 -30.63 -1.48
N GLY A 73 17.55 -30.12 -1.88
CA GLY A 73 17.37 -28.67 -1.99
C GLY A 73 17.75 -27.88 -0.77
N PRO A 74 17.44 -28.37 0.44
CA PRO A 74 17.76 -27.59 1.64
C PRO A 74 19.24 -27.49 1.95
N ILE A 75 20.08 -28.36 1.39
CA ILE A 75 21.52 -28.29 1.65
C ILE A 75 22.03 -26.96 1.10
N LYS A 76 22.50 -26.11 1.99
CA LYS A 76 22.47 -24.68 1.68
C LYS A 76 23.66 -24.20 0.86
N ASP A 77 24.82 -24.86 0.96
CA ASP A 77 26.01 -24.36 0.29
C ASP A 77 26.32 -25.12 -1.01
N MET A 78 25.42 -25.99 -1.45
CA MET A 78 25.46 -26.58 -2.79
C MET A 78 24.45 -25.87 -3.67
N ILE A 79 24.67 -25.97 -4.98
CA ILE A 79 23.73 -25.48 -5.99
C ILE A 79 23.06 -26.70 -6.59
N HIS A 80 21.73 -26.69 -6.61
CA HIS A 80 20.94 -27.81 -7.07
C HIS A 80 20.26 -27.42 -8.37
N ILE A 81 20.55 -28.17 -9.44
CA ILE A 81 20.06 -27.85 -10.78
C ILE A 81 18.78 -28.63 -11.02
N SER A 82 17.69 -27.91 -11.29
CA SER A 82 16.46 -28.54 -11.77
C SER A 82 16.63 -28.76 -13.26
N HIS A 83 16.90 -30.00 -13.64
CA HIS A 83 17.41 -30.33 -14.96
C HIS A 83 16.25 -30.88 -15.81
N GLY A 84 15.86 -30.12 -16.82
CA GLY A 84 14.64 -30.38 -17.58
C GLY A 84 13.96 -29.06 -17.92
N PRO A 85 12.70 -29.11 -18.32
CA PRO A 85 11.98 -27.87 -18.66
C PRO A 85 11.71 -27.02 -17.42
N VAL A 86 11.19 -25.82 -17.67
CA VAL A 86 11.16 -24.75 -16.66
C VAL A 86 10.16 -24.97 -15.54
N GLY A 87 9.12 -25.76 -15.74
CA GLY A 87 8.07 -25.83 -14.74
C GLY A 87 8.47 -26.27 -13.33
N CYS A 88 9.09 -27.44 -13.22
CA CYS A 88 9.24 -28.08 -11.92
C CYS A 88 9.97 -27.17 -10.95
N GLY A 89 11.09 -26.59 -11.42
CA GLY A 89 11.91 -25.74 -10.56
C GLY A 89 11.20 -24.46 -10.18
N GLN A 90 10.32 -23.96 -11.05
CA GLN A 90 9.65 -22.71 -10.78
C GLN A 90 8.52 -22.92 -9.78
N TYR A 91 7.70 -23.97 -9.94
CA TYR A 91 6.62 -24.24 -9.01
C TYR A 91 7.16 -24.57 -7.62
N SER A 92 8.36 -25.14 -7.55
CA SER A 92 8.91 -25.53 -6.27
C SER A 92 9.86 -24.49 -5.68
N ARG A 93 10.08 -23.37 -6.36
CA ARG A 93 11.02 -22.37 -5.85
C ARG A 93 10.48 -21.74 -4.57
N ALA A 94 11.21 -21.94 -3.48
CA ALA A 94 10.95 -21.28 -2.18
C ALA A 94 9.53 -21.55 -1.69
N GLY A 95 8.95 -22.68 -2.09
CA GLY A 95 7.67 -23.08 -1.54
C GLY A 95 7.78 -23.79 -0.22
N GLN A 96 8.93 -24.39 0.05
CA GLN A 96 9.17 -25.13 1.28
C GLN A 96 10.05 -24.30 2.20
N ARG A 97 9.70 -24.23 3.48
CA ARG A 97 10.32 -23.27 4.39
C ARG A 97 11.49 -23.91 5.13
N ASN A 98 12.47 -24.38 4.36
CA ASN A 98 13.65 -25.05 4.90
C ASN A 98 14.63 -23.98 5.33
N TYR A 99 14.54 -23.56 6.59
CA TYR A 99 15.23 -22.37 7.01
C TYR A 99 16.74 -22.59 7.10
N TYR A 100 17.48 -21.52 6.82
CA TYR A 100 18.94 -21.61 6.80
C TYR A 100 19.54 -20.24 7.09
N ILE A 101 20.80 -20.27 7.54
CA ILE A 101 21.62 -19.09 7.73
C ILE A 101 22.65 -19.04 6.61
N GLY A 102 22.66 -17.94 5.86
CA GLY A 102 23.67 -17.79 4.83
C GLY A 102 23.44 -16.52 4.04
N THR A 103 24.32 -16.31 3.04
CA THR A 103 24.28 -15.13 2.19
C THR A 103 23.83 -15.61 0.82
N THR A 104 22.53 -15.47 0.55
CA THR A 104 21.95 -16.13 -0.61
C THR A 104 22.43 -15.51 -1.92
N GLY A 105 22.80 -16.37 -2.86
CA GLY A 105 23.41 -15.97 -4.10
C GLY A 105 24.92 -15.86 -4.03
N VAL A 106 25.50 -15.99 -2.83
CA VAL A 106 26.94 -15.83 -2.64
C VAL A 106 27.52 -17.12 -2.09
N ASN A 107 27.13 -17.52 -0.86
CA ASN A 107 27.59 -18.79 -0.30
C ASN A 107 26.47 -19.77 0.00
N ALA A 108 25.20 -19.38 -0.13
CA ALA A 108 24.06 -20.24 0.09
C ALA A 108 23.04 -19.98 -1.02
N PHE A 109 22.22 -21.00 -1.34
CA PHE A 109 21.48 -20.89 -2.59
C PHE A 109 20.05 -21.47 -2.53
N VAL A 110 19.52 -21.72 -1.33
CA VAL A 110 18.33 -22.58 -1.18
C VAL A 110 17.13 -22.00 -1.91
N THR A 111 16.88 -20.70 -1.76
CA THR A 111 15.65 -20.13 -2.31
C THR A 111 15.76 -19.73 -3.77
N MET A 112 16.90 -20.00 -4.41
CA MET A 112 17.08 -19.74 -5.82
C MET A 112 16.61 -20.93 -6.66
N ASN A 113 16.36 -20.66 -7.94
CA ASN A 113 15.94 -21.68 -8.89
C ASN A 113 16.93 -21.69 -10.04
N PHE A 114 17.84 -22.66 -10.01
CA PHE A 114 18.76 -22.94 -11.10
C PHE A 114 18.15 -24.02 -11.98
N THR A 115 18.14 -23.79 -13.29
CA THR A 115 17.52 -24.75 -14.19
C THR A 115 18.24 -24.70 -15.53
N SER A 116 18.16 -25.82 -16.24
CA SER A 116 18.61 -25.93 -17.63
C SER A 116 17.54 -25.56 -18.65
N ASP A 117 16.31 -25.31 -18.21
CA ASP A 117 15.25 -24.72 -19.03
C ASP A 117 15.21 -25.38 -20.41
N PHE A 118 14.99 -26.69 -20.41
CA PHE A 118 14.96 -27.46 -21.66
C PHE A 118 14.01 -26.86 -22.67
N GLN A 119 14.48 -26.74 -23.90
CA GLN A 119 13.70 -26.44 -25.09
C GLN A 119 13.63 -27.69 -25.96
N GLU A 120 12.86 -27.62 -27.06
CA GLU A 120 12.68 -28.82 -27.88
C GLU A 120 14.01 -29.30 -28.44
N LYS A 121 14.94 -28.38 -28.73
CA LYS A 121 16.24 -28.80 -29.24
C LYS A 121 16.96 -29.71 -28.26
N ASP A 122 16.76 -29.48 -26.97
CA ASP A 122 17.39 -30.29 -25.93
C ASP A 122 16.73 -31.66 -25.83
N ILE A 123 15.43 -31.75 -26.13
CA ILE A 123 14.77 -33.04 -26.24
C ILE A 123 15.32 -33.84 -27.42
N VAL A 124 15.57 -33.16 -28.55
CA VAL A 124 15.97 -33.84 -29.78
C VAL A 124 17.43 -34.29 -29.71
N PHE A 125 18.32 -33.42 -29.26
CA PHE A 125 19.74 -33.74 -29.27
C PHE A 125 20.23 -34.24 -27.91
N GLY A 126 19.40 -34.16 -26.88
CA GLY A 126 19.85 -34.46 -25.54
C GLY A 126 20.43 -33.24 -24.84
N GLY A 127 20.41 -33.28 -23.51
CA GLY A 127 20.87 -32.17 -22.71
C GLY A 127 22.23 -32.32 -22.05
N ASP A 128 23.00 -33.37 -22.36
CA ASP A 128 24.27 -33.59 -21.66
C ASP A 128 25.31 -32.51 -22.03
N LYS A 129 25.33 -32.05 -23.29
CA LYS A 129 26.24 -30.96 -23.61
C LYS A 129 25.79 -29.65 -22.94
N LYS A 130 24.49 -29.39 -22.91
CA LYS A 130 23.99 -28.23 -22.19
C LYS A 130 24.37 -28.31 -20.71
N LEU A 131 24.26 -29.49 -20.11
CA LEU A 131 24.56 -29.64 -18.67
C LEU A 131 26.03 -29.34 -18.39
N ALA A 132 26.94 -29.81 -19.24
CA ALA A 132 28.35 -29.53 -19.01
C ALA A 132 28.63 -28.04 -19.10
N LYS A 133 28.05 -27.36 -20.09
CA LYS A 133 28.24 -25.93 -20.20
C LYS A 133 27.60 -25.22 -19.00
N LEU A 134 26.41 -25.66 -18.60
CA LEU A 134 25.77 -25.07 -17.43
C LEU A 134 26.66 -25.16 -16.20
N ILE A 135 27.30 -26.32 -16.00
CA ILE A 135 28.19 -26.48 -14.84
C ILE A 135 29.31 -25.46 -14.88
N ASP A 136 29.89 -25.22 -16.07
CA ASP A 136 30.94 -24.21 -16.18
C ASP A 136 30.40 -22.83 -15.81
N GLU A 137 29.18 -22.51 -16.22
CA GLU A 137 28.62 -21.19 -15.94
C GLU A 137 28.33 -21.03 -14.45
N VAL A 138 27.85 -22.10 -13.82
CA VAL A 138 27.66 -22.08 -12.37
C VAL A 138 28.98 -21.79 -11.67
N GLU A 139 30.06 -22.46 -12.07
CA GLU A 139 31.35 -22.27 -11.42
C GLU A 139 31.87 -20.85 -11.60
N THR A 140 31.60 -20.25 -12.76
CA THR A 140 32.05 -18.88 -13.00
C THR A 140 31.26 -17.89 -12.15
N LEU A 141 29.94 -18.04 -12.13
CA LEU A 141 29.08 -17.02 -11.56
C LEU A 141 28.79 -17.21 -10.08
N PHE A 142 29.05 -18.40 -9.54
CA PHE A 142 28.81 -18.72 -8.12
C PHE A 142 30.04 -19.46 -7.58
N PRO A 143 31.19 -18.79 -7.54
CA PRO A 143 32.45 -19.48 -7.18
C PRO A 143 32.50 -20.05 -5.78
N LEU A 144 31.67 -19.58 -4.85
CA LEU A 144 31.72 -20.11 -3.49
C LEU A 144 30.80 -21.31 -3.28
N ASN A 145 30.14 -21.79 -4.33
CA ASN A 145 29.39 -23.02 -4.16
C ASN A 145 30.37 -24.14 -3.82
N LYS A 146 29.91 -25.05 -2.97
CA LYS A 146 30.74 -26.14 -2.45
C LYS A 146 30.33 -27.49 -3.03
N GLY A 147 29.55 -27.49 -4.08
CA GLY A 147 29.12 -28.71 -4.73
C GLY A 147 27.86 -28.46 -5.52
N ILE A 148 27.62 -29.36 -6.47
CA ILE A 148 26.46 -29.23 -7.36
C ILE A 148 25.68 -30.54 -7.36
N SER A 149 24.35 -30.42 -7.39
CA SER A 149 23.53 -31.60 -7.63
C SER A 149 22.68 -31.38 -8.87
N VAL A 150 22.36 -32.50 -9.54
CA VAL A 150 21.55 -32.48 -10.75
C VAL A 150 20.26 -33.21 -10.45
N GLN A 151 19.17 -32.47 -10.32
CA GLN A 151 17.87 -33.02 -9.97
C GLN A 151 17.11 -33.27 -11.26
N SER A 152 17.03 -34.53 -11.67
CA SER A 152 16.45 -34.89 -12.97
C SER A 152 14.93 -34.76 -12.96
N GLU A 153 14.41 -34.07 -13.97
CA GLU A 153 12.99 -34.00 -14.22
C GLU A 153 12.60 -35.04 -15.28
N CYS A 154 11.30 -35.23 -15.46
CA CYS A 154 10.78 -36.31 -16.31
C CYS A 154 11.54 -36.55 -17.62
N PRO A 155 11.82 -35.56 -18.47
CA PRO A 155 12.39 -35.91 -19.78
C PRO A 155 13.77 -36.58 -19.74
N ILE A 156 14.58 -36.35 -18.71
CA ILE A 156 16.01 -36.74 -18.74
C ILE A 156 16.15 -38.24 -19.04
N GLY A 157 15.51 -39.08 -18.22
CA GLY A 157 15.64 -40.51 -18.46
C GLY A 157 14.91 -40.96 -19.71
N LEU A 158 13.85 -40.23 -20.10
CA LEU A 158 13.06 -40.67 -21.25
C LEU A 158 13.80 -40.50 -22.57
N ILE A 159 14.71 -39.52 -22.65
CA ILE A 159 15.49 -39.28 -23.87
C ILE A 159 16.87 -39.89 -23.82
N GLY A 160 17.21 -40.60 -22.74
CA GLY A 160 18.44 -41.36 -22.69
C GLY A 160 19.70 -40.58 -22.39
N ASP A 161 19.58 -39.44 -21.70
CA ASP A 161 20.76 -38.68 -21.31
C ASP A 161 21.54 -39.45 -20.26
N ASP A 162 22.83 -39.14 -20.16
CA ASP A 162 23.74 -39.81 -19.24
C ASP A 162 24.33 -38.77 -18.28
N ILE A 163 23.52 -38.34 -17.32
CA ILE A 163 23.99 -37.31 -16.40
C ILE A 163 25.07 -37.85 -15.46
N GLU A 164 25.14 -39.17 -15.27
CA GLU A 164 26.19 -39.70 -14.42
C GLU A 164 27.55 -39.50 -15.06
N SER A 165 27.66 -39.73 -16.36
CA SER A 165 28.91 -39.48 -17.06
C SER A 165 29.32 -38.02 -16.97
N VAL A 166 28.39 -37.10 -17.26
CA VAL A 166 28.72 -35.67 -17.15
C VAL A 166 29.24 -35.36 -15.75
N SER A 167 28.56 -35.89 -14.72
CA SER A 167 28.97 -35.61 -13.34
C SER A 167 30.38 -36.12 -13.03
N LYS A 168 30.71 -37.32 -13.49
CA LYS A 168 32.05 -37.85 -13.25
C LYS A 168 33.09 -37.00 -13.96
N VAL A 169 32.86 -36.73 -15.24
CA VAL A 169 33.86 -36.05 -16.06
C VAL A 169 34.05 -34.62 -15.56
N LYS A 170 32.95 -33.88 -15.40
CA LYS A 170 33.05 -32.49 -14.96
C LYS A 170 33.54 -32.41 -13.53
N GLY A 171 33.12 -33.35 -12.68
CA GLY A 171 33.59 -33.35 -11.30
C GLY A 171 35.10 -33.56 -11.22
N ALA A 172 35.62 -34.48 -12.02
CA ALA A 172 37.07 -34.70 -12.05
C ALA A 172 37.80 -33.50 -12.65
N GLU A 173 37.26 -32.94 -13.75
CA GLU A 173 37.86 -31.77 -14.38
C GLU A 173 37.96 -30.60 -13.42
N LEU A 174 36.92 -30.37 -12.62
CA LEU A 174 36.83 -29.19 -11.77
C LEU A 174 37.18 -29.46 -10.32
N SER A 175 37.57 -30.70 -9.99
CA SER A 175 37.79 -31.12 -8.60
C SER A 175 36.59 -30.74 -7.73
N LYS A 176 35.41 -31.12 -8.20
CA LYS A 176 34.16 -30.66 -7.62
C LYS A 176 33.26 -31.85 -7.36
N THR A 177 32.54 -31.81 -6.23
CA THR A 177 31.52 -32.82 -5.98
C THR A 177 30.29 -32.47 -6.81
N ILE A 178 29.97 -33.29 -7.81
CA ILE A 178 28.78 -33.10 -8.65
C ILE A 178 27.96 -34.39 -8.56
N VAL A 179 26.73 -34.26 -8.09
CA VAL A 179 25.92 -35.40 -7.69
C VAL A 179 24.79 -35.58 -8.70
N PRO A 180 24.78 -36.66 -9.49
CA PRO A 180 23.65 -36.91 -10.40
C PRO A 180 22.53 -37.63 -9.66
N VAL A 181 21.32 -37.06 -9.72
CA VAL A 181 20.17 -37.68 -9.05
C VAL A 181 19.10 -37.98 -10.08
N ARG A 182 18.77 -39.27 -10.20
CA ARG A 182 17.79 -39.76 -11.16
C ARG A 182 16.39 -39.81 -10.53
N CYS A 183 15.90 -38.63 -10.17
CA CYS A 183 14.63 -38.50 -9.45
C CYS A 183 13.49 -38.09 -10.38
N GLU A 184 13.54 -38.50 -11.65
CA GLU A 184 12.49 -38.17 -12.60
C GLU A 184 11.11 -38.50 -12.03
N GLY A 185 10.15 -37.60 -12.28
CA GLY A 185 8.83 -37.72 -11.68
C GLY A 185 8.04 -38.94 -12.12
N PHE A 186 8.42 -39.57 -13.22
CA PHE A 186 7.72 -40.79 -13.62
C PHE A 186 8.17 -41.99 -12.81
N ARG A 187 9.22 -41.87 -12.01
CA ARG A 187 9.68 -42.98 -11.19
C ARG A 187 8.88 -43.10 -9.91
N GLY A 188 8.63 -44.35 -9.50
CA GLY A 188 7.87 -44.55 -8.29
C GLY A 188 6.41 -44.18 -8.48
N VAL A 189 5.77 -43.82 -7.37
CA VAL A 189 4.35 -43.47 -7.36
C VAL A 189 4.08 -42.18 -6.59
N SER A 190 5.12 -41.51 -6.10
CA SER A 190 4.95 -40.43 -5.14
C SER A 190 6.29 -39.81 -4.80
N GLN A 191 6.29 -38.87 -3.85
CA GLN A 191 7.53 -38.31 -3.32
C GLN A 191 8.45 -39.37 -2.74
N SER A 192 7.90 -40.50 -2.30
CA SER A 192 8.68 -41.44 -1.50
C SER A 192 9.89 -41.99 -2.23
N LEU A 193 9.70 -42.49 -3.45
CA LEU A 193 10.85 -43.07 -4.13
C LEU A 193 11.93 -42.01 -4.35
N GLY A 194 11.53 -40.74 -4.48
CA GLY A 194 12.52 -39.68 -4.55
C GLY A 194 13.42 -39.60 -3.33
N HIS A 195 12.85 -39.77 -2.14
CA HIS A 195 13.68 -39.88 -0.93
C HIS A 195 14.74 -40.97 -1.11
N HIS A 196 14.29 -42.15 -1.50
CA HIS A 196 15.18 -43.31 -1.55
C HIS A 196 16.29 -43.11 -2.57
N ILE A 197 15.91 -42.71 -3.79
CA ILE A 197 16.88 -42.35 -4.82
C ILE A 197 17.85 -41.31 -4.31
N ALA A 198 17.33 -40.29 -3.61
CA ALA A 198 18.17 -39.21 -3.14
C ALA A 198 19.13 -39.68 -2.05
N ASN A 199 18.64 -40.54 -1.15
CA ASN A 199 19.49 -41.15 -0.13
C ASN A 199 20.63 -41.96 -0.77
N ASP A 200 20.30 -42.76 -1.78
CA ASP A 200 21.35 -43.52 -2.44
C ASP A 200 22.37 -42.60 -3.13
N ALA A 201 21.92 -41.44 -3.63
CA ALA A 201 22.84 -40.51 -4.25
C ALA A 201 23.80 -39.91 -3.22
N VAL A 202 23.30 -39.56 -2.03
CA VAL A 202 24.18 -39.14 -0.93
C VAL A 202 25.24 -40.20 -0.67
N ARG A 203 24.79 -41.44 -0.47
CA ARG A 203 25.69 -42.55 -0.21
C ARG A 203 26.75 -42.68 -1.29
N ASP A 204 26.32 -42.66 -2.56
CA ASP A 204 27.21 -43.01 -3.65
C ASP A 204 28.18 -41.90 -4.02
N TRP A 205 27.85 -40.64 -3.73
CA TRP A 205 28.60 -39.51 -4.26
C TRP A 205 29.16 -38.53 -3.23
N VAL A 206 28.70 -38.55 -1.97
CA VAL A 206 29.13 -37.58 -0.97
C VAL A 206 29.62 -38.24 0.32
N LEU A 207 28.88 -39.21 0.84
CA LEU A 207 28.99 -39.58 2.24
C LEU A 207 30.36 -40.20 2.58
N GLY A 208 31.02 -40.83 1.62
CA GLY A 208 32.27 -41.50 1.90
C GLY A 208 33.52 -40.67 1.69
N LYS A 209 33.37 -39.38 1.40
CA LYS A 209 34.53 -38.59 0.99
C LYS A 209 35.63 -38.59 2.06
N ARG A 210 35.26 -38.60 3.34
CA ARG A 210 36.24 -38.48 4.42
C ARG A 210 36.51 -39.81 5.10
N ASP A 211 36.30 -40.91 4.38
CA ASP A 211 36.43 -42.24 4.98
C ASP A 211 37.84 -42.47 5.54
N GLU A 212 38.86 -41.89 4.95
CA GLU A 212 40.25 -42.10 5.38
C GLU A 212 40.82 -40.88 6.10
N ASP A 213 39.96 -39.94 6.50
CA ASP A 213 40.36 -38.71 7.19
C ASP A 213 40.24 -38.98 8.69
N THR A 214 41.34 -38.81 9.44
CA THR A 214 41.35 -39.04 10.89
C THR A 214 41.52 -37.74 11.68
N THR A 215 41.31 -36.59 11.04
CA THR A 215 41.57 -35.29 11.66
C THR A 215 40.44 -34.78 12.53
N PHE A 216 39.25 -35.37 12.44
CA PHE A 216 38.10 -34.85 13.18
C PHE A 216 38.22 -35.15 14.66
N ALA A 217 38.08 -34.11 15.48
CA ALA A 217 38.17 -34.25 16.93
C ALA A 217 36.78 -34.67 17.43
N SER A 218 36.61 -35.96 17.63
CA SER A 218 35.35 -36.56 18.05
C SER A 218 35.21 -36.52 19.56
N THR A 219 33.96 -36.60 20.02
CA THR A 219 33.64 -36.70 21.43
C THR A 219 32.63 -37.82 21.62
N PRO A 220 32.45 -38.31 22.86
CA PRO A 220 31.50 -39.41 23.08
C PRO A 220 30.05 -38.99 22.88
N TYR A 221 29.78 -37.70 22.74
CA TYR A 221 28.43 -37.17 22.74
C TYR A 221 28.03 -36.62 21.37
N ASP A 222 28.74 -37.03 20.33
CA ASP A 222 28.47 -36.56 18.97
C ASP A 222 27.27 -37.28 18.37
N VAL A 223 26.32 -36.50 17.84
CA VAL A 223 25.12 -37.02 17.20
C VAL A 223 24.88 -36.26 15.90
N ALA A 224 24.03 -36.83 15.06
CA ALA A 224 23.46 -36.12 13.92
C ALA A 224 21.95 -36.15 14.00
N ILE A 225 21.33 -35.04 13.60
CA ILE A 225 19.89 -34.96 13.42
C ILE A 225 19.60 -35.37 11.98
N ILE A 226 18.89 -36.49 11.80
CA ILE A 226 18.68 -37.09 10.49
C ILE A 226 17.21 -36.97 10.14
N GLY A 227 16.90 -36.26 9.06
CA GLY A 227 15.51 -36.14 8.64
C GLY A 227 14.73 -35.05 9.38
N ASP A 228 15.33 -33.87 9.49
CA ASP A 228 14.60 -32.68 9.92
C ASP A 228 14.92 -31.59 8.90
N TYR A 229 13.90 -31.13 8.20
CA TYR A 229 14.08 -30.19 7.12
C TYR A 229 13.86 -28.75 7.55
N ASN A 230 13.80 -28.53 8.88
CA ASN A 230 13.91 -27.22 9.53
C ASN A 230 12.81 -26.26 9.08
N ILE A 231 11.58 -26.76 9.01
CA ILE A 231 10.46 -25.94 8.59
C ILE A 231 10.22 -24.86 9.66
N GLY A 232 10.36 -23.60 9.27
CA GLY A 232 10.21 -22.51 10.23
C GLY A 232 11.20 -22.56 11.37
N GLY A 233 12.30 -23.29 11.20
CA GLY A 233 13.28 -23.41 12.26
C GLY A 233 13.15 -24.61 13.16
N ASP A 234 12.32 -25.59 12.77
CA ASP A 234 12.08 -26.80 13.58
C ASP A 234 13.36 -27.47 14.08
N ALA A 235 14.37 -27.57 13.21
CA ALA A 235 15.59 -28.29 13.58
C ALA A 235 16.41 -27.50 14.58
N TRP A 236 16.38 -26.17 14.49
CA TRP A 236 17.09 -25.33 15.46
C TRP A 236 16.48 -25.46 16.84
N SER A 237 15.14 -25.51 16.93
CA SER A 237 14.46 -25.62 18.22
C SER A 237 14.55 -27.02 18.80
N SER A 238 15.05 -27.99 18.01
CA SER A 238 15.40 -29.33 18.46
C SER A 238 16.86 -29.39 18.86
N ARG A 239 17.73 -28.88 17.98
CA ARG A 239 19.15 -28.83 18.25
C ARG A 239 19.44 -28.19 19.60
N ILE A 240 18.79 -27.07 19.92
CA ILE A 240 19.13 -26.36 21.14
C ILE A 240 18.95 -27.26 22.36
N LEU A 241 17.91 -28.08 22.35
CA LEU A 241 17.64 -28.97 23.47
C LEU A 241 18.68 -30.09 23.56
N LEU A 242 19.07 -30.68 22.43
CA LEU A 242 20.06 -31.73 22.44
C LEU A 242 21.39 -31.23 23.00
N GLU A 243 21.75 -29.99 22.67
CA GLU A 243 23.01 -29.45 23.13
C GLU A 243 22.93 -28.93 24.56
N GLU A 244 21.77 -28.48 25.02
CA GLU A 244 21.59 -28.20 26.43
C GLU A 244 21.75 -29.47 27.26
N MET A 245 21.41 -30.62 26.69
CA MET A 245 21.54 -31.91 27.35
C MET A 245 22.97 -32.45 27.33
N GLY A 246 23.92 -31.72 26.75
CA GLY A 246 25.32 -32.11 26.75
C GLY A 246 25.81 -32.78 25.49
N LEU A 247 24.95 -32.95 24.48
CA LEU A 247 25.30 -33.57 23.22
C LEU A 247 25.86 -32.53 22.26
N ARG A 248 26.57 -33.01 21.25
CA ARG A 248 27.15 -32.16 20.22
C ARG A 248 26.60 -32.56 18.87
N CYS A 249 25.80 -31.69 18.28
N CYS A 249 25.85 -31.67 18.24
CA CYS A 249 25.16 -31.98 17.00
CA CYS A 249 25.14 -31.99 17.00
C CYS A 249 26.15 -31.65 15.90
C CYS A 249 26.04 -31.68 15.81
N VAL A 250 26.79 -32.70 15.36
CA VAL A 250 27.78 -32.54 14.30
C VAL A 250 27.12 -32.21 12.97
N ALA A 251 25.91 -32.69 12.74
CA ALA A 251 25.22 -32.54 11.46
C ALA A 251 23.70 -32.50 11.60
N GLN A 252 23.07 -31.80 10.65
CA GLN A 252 21.63 -31.68 10.48
C GLN A 252 21.29 -32.03 9.04
N TRP A 253 20.51 -33.10 8.81
CA TRP A 253 20.08 -33.49 7.46
C TRP A 253 18.59 -33.24 7.32
N SER A 254 18.16 -32.33 6.43
CA SER A 254 18.97 -31.47 5.54
C SER A 254 18.69 -29.97 5.75
N GLY A 255 17.77 -29.65 6.63
CA GLY A 255 17.45 -28.26 6.89
C GLY A 255 18.61 -27.54 7.53
N ASP A 256 18.99 -26.40 6.95
CA ASP A 256 20.17 -25.63 7.34
C ASP A 256 21.44 -26.46 7.25
N GLY A 257 21.39 -27.53 6.48
CA GLY A 257 22.52 -28.42 6.35
C GLY A 257 23.55 -27.91 5.38
N SER A 258 24.74 -28.51 5.45
CA SER A 258 25.87 -28.13 4.60
C SER A 258 26.56 -29.39 4.13
N ILE A 259 27.31 -29.28 3.02
CA ILE A 259 27.93 -30.49 2.49
C ILE A 259 28.98 -31.02 3.45
N SER A 260 29.69 -30.16 4.18
CA SER A 260 30.69 -30.65 5.13
C SER A 260 30.02 -31.40 6.29
N GLU A 261 28.85 -30.94 6.74
CA GLU A 261 28.15 -31.67 7.80
C GLU A 261 27.81 -33.09 7.34
N ILE A 262 27.31 -33.22 6.10
CA ILE A 262 27.03 -34.55 5.56
C ILE A 262 28.30 -35.39 5.62
N GLU A 263 29.41 -34.82 5.12
CA GLU A 263 30.67 -35.58 5.05
C GLU A 263 31.22 -35.94 6.43
N LEU A 264 30.88 -35.19 7.48
CA LEU A 264 31.33 -35.51 8.83
C LEU A 264 30.40 -36.48 9.57
N THR A 265 29.22 -36.74 9.03
CA THR A 265 28.24 -37.54 9.76
C THR A 265 28.72 -38.95 10.07
N PRO A 266 29.49 -39.63 9.21
CA PRO A 266 29.96 -40.97 9.59
C PRO A 266 30.90 -40.95 10.80
N LYS A 267 31.23 -39.78 11.32
CA LYS A 267 32.09 -39.67 12.49
C LYS A 267 31.32 -39.64 13.81
N VAL A 268 29.98 -39.65 13.77
CA VAL A 268 29.20 -39.43 14.99
C VAL A 268 29.00 -40.76 15.71
N LYS A 269 28.50 -40.67 16.94
CA LYS A 269 28.24 -41.86 17.75
C LYS A 269 26.82 -42.36 17.63
N LEU A 270 25.87 -41.53 17.19
CA LEU A 270 24.48 -41.92 17.15
C LEU A 270 23.76 -41.03 16.14
N ASN A 271 22.96 -41.65 15.28
CA ASN A 271 22.11 -40.93 14.36
C ASN A 271 20.70 -40.85 14.94
N LEU A 272 20.21 -39.63 15.10
CA LEU A 272 18.88 -39.36 15.64
C LEU A 272 17.95 -39.09 14.46
N VAL A 273 17.01 -40.00 14.24
CA VAL A 273 16.15 -39.96 13.06
C VAL A 273 14.80 -39.42 13.46
N HIS A 274 14.45 -38.27 12.90
CA HIS A 274 13.11 -37.71 13.10
C HIS A 274 12.23 -38.26 11.99
N CYS A 275 12.46 -37.84 10.74
CA CYS A 275 11.66 -38.36 9.64
C CYS A 275 12.19 -39.72 9.23
N TYR A 276 11.56 -40.77 9.78
CA TYR A 276 11.89 -42.14 9.41
C TYR A 276 11.70 -42.39 7.91
N ARG A 277 10.57 -41.96 7.37
CA ARG A 277 10.23 -42.25 5.97
C ARG A 277 11.34 -41.81 5.03
N SER A 278 11.81 -40.59 5.16
CA SER A 278 12.70 -40.05 4.14
C SER A 278 14.15 -40.42 4.36
N MET A 279 14.57 -40.76 5.57
CA MET A 279 15.98 -40.95 5.83
C MET A 279 16.33 -42.28 6.49
N ASN A 280 15.37 -43.20 6.63
CA ASN A 280 15.74 -44.50 7.17
C ASN A 280 16.75 -45.20 6.27
N TYR A 281 16.72 -44.91 4.96
CA TYR A 281 17.62 -45.61 4.04
C TYR A 281 19.08 -45.35 4.35
N ILE A 282 19.47 -44.09 4.46
CA ILE A 282 20.87 -43.78 4.72
C ILE A 282 21.24 -44.16 6.15
N SER A 283 20.28 -44.13 7.07
CA SER A 283 20.58 -44.50 8.45
C SER A 283 20.97 -45.97 8.52
N ARG A 284 20.24 -46.82 7.80
CA ARG A 284 20.58 -48.23 7.74
C ARG A 284 21.94 -48.41 7.08
N HIS A 285 22.21 -47.67 6.01
CA HIS A 285 23.51 -47.77 5.39
C HIS A 285 24.61 -47.42 6.39
N MET A 286 24.43 -46.33 7.14
CA MET A 286 25.50 -45.92 8.06
C MET A 286 25.71 -46.92 9.19
N GLU A 287 24.66 -47.63 9.61
CA GLU A 287 24.86 -48.68 10.59
C GLU A 287 25.60 -49.86 9.97
N GLU A 288 25.21 -50.22 8.74
CA GLU A 288 25.85 -51.33 8.02
C GLU A 288 27.34 -51.06 7.80
N LYS A 289 27.68 -49.89 7.29
CA LYS A 289 29.05 -49.59 6.89
C LYS A 289 29.92 -49.06 8.03
N TYR A 290 29.40 -48.13 8.85
CA TYR A 290 30.22 -47.49 9.87
C TYR A 290 29.94 -48.00 11.29
N GLY A 291 28.92 -48.84 11.47
CA GLY A 291 28.58 -49.30 12.80
C GLY A 291 27.84 -48.28 13.63
N ILE A 292 27.30 -47.22 13.01
CA ILE A 292 26.63 -46.17 13.77
C ILE A 292 25.20 -46.59 14.07
N PRO A 293 24.80 -46.70 15.33
CA PRO A 293 23.41 -47.02 15.64
C PRO A 293 22.52 -45.83 15.33
N TRP A 294 21.23 -46.10 15.11
CA TRP A 294 20.27 -45.02 14.90
C TRP A 294 19.00 -45.31 15.69
N MET A 295 18.27 -44.26 16.02
CA MET A 295 17.01 -44.38 16.76
C MET A 295 16.03 -43.32 16.29
N GLU A 296 14.75 -43.69 16.32
CA GLU A 296 13.66 -42.76 16.03
C GLU A 296 13.32 -41.95 17.27
N TYR A 297 13.02 -40.66 17.07
CA TYR A 297 12.58 -39.81 18.15
C TYR A 297 11.47 -38.90 17.64
N ASN A 298 10.88 -38.16 18.57
CA ASN A 298 9.69 -37.34 18.31
C ASN A 298 9.73 -36.12 19.20
N PHE A 299 9.83 -34.93 18.60
CA PHE A 299 9.92 -33.66 19.33
C PHE A 299 8.64 -32.81 19.17
N PHE A 300 7.50 -33.45 18.95
CA PHE A 300 6.20 -32.76 18.88
C PHE A 300 5.50 -32.84 20.24
N GLY A 301 5.47 -31.73 20.97
CA GLY A 301 4.75 -31.65 22.22
C GLY A 301 5.62 -32.08 23.40
N PRO A 302 5.25 -31.66 24.61
CA PRO A 302 6.10 -31.98 25.77
C PRO A 302 6.15 -33.46 26.09
N THR A 303 5.05 -34.20 26.00
CA THR A 303 5.11 -35.62 26.32
C THR A 303 6.13 -36.35 25.46
N LYS A 304 6.04 -36.16 24.15
CA LYS A 304 6.97 -36.85 23.25
C LYS A 304 8.39 -36.30 23.39
N THR A 305 8.54 -34.97 23.57
CA THR A 305 9.89 -34.41 23.68
C THR A 305 10.61 -34.93 24.91
N ILE A 306 9.91 -34.98 26.05
CA ILE A 306 10.49 -35.51 27.29
C ILE A 306 10.87 -36.97 27.11
N GLU A 307 9.97 -37.76 26.52
CA GLU A 307 10.25 -39.17 26.28
C GLU A 307 11.47 -39.35 25.38
N SER A 308 11.56 -38.54 24.33
CA SER A 308 12.69 -38.60 23.41
C SER A 308 14.00 -38.21 24.09
N LEU A 309 14.00 -37.07 24.80
CA LEU A 309 15.21 -36.65 25.50
C LEU A 309 15.72 -37.76 26.41
N ARG A 310 14.81 -38.39 27.17
CA ARG A 310 15.20 -39.45 28.09
C ARG A 310 15.71 -40.67 27.34
N ALA A 311 15.05 -41.05 26.26
CA ALA A 311 15.50 -42.22 25.52
C ALA A 311 16.85 -41.97 24.87
N ILE A 312 17.07 -40.76 24.34
CA ILE A 312 18.36 -40.43 23.75
C ILE A 312 19.45 -40.42 24.82
N ALA A 313 19.18 -39.76 25.95
CA ALA A 313 20.15 -39.67 27.04
C ALA A 313 20.55 -41.05 27.57
N ALA A 314 19.62 -42.01 27.53
CA ALA A 314 19.92 -43.35 28.03
C ALA A 314 20.95 -44.09 27.20
N LYS A 315 21.24 -43.60 25.99
CA LYS A 315 22.26 -44.18 25.14
C LYS A 315 23.67 -43.72 25.53
N PHE A 316 23.80 -42.73 26.39
CA PHE A 316 25.11 -42.16 26.73
C PHE A 316 25.44 -42.56 28.16
N ASP A 317 25.81 -41.64 29.03
CA ASP A 317 26.29 -41.98 30.36
C ASP A 317 25.50 -41.18 31.37
N GLU A 318 25.85 -41.35 32.63
CA GLU A 318 25.11 -40.72 33.72
C GLU A 318 25.17 -39.20 33.63
N SER A 319 26.26 -38.64 33.09
CA SER A 319 26.39 -37.18 33.04
C SER A 319 25.37 -36.58 32.08
N ILE A 320 25.08 -37.27 30.97
CA ILE A 320 24.06 -36.81 30.03
C ILE A 320 22.66 -37.02 30.61
N GLN A 321 22.44 -38.16 31.28
CA GLN A 321 21.15 -38.43 31.89
C GLN A 321 20.81 -37.37 32.95
N LYS A 322 21.82 -36.91 33.69
CA LYS A 322 21.63 -35.83 34.65
C LYS A 322 21.23 -34.52 33.96
N LYS A 323 21.97 -34.14 32.91
CA LYS A 323 21.65 -32.93 32.17
C LYS A 323 20.28 -33.04 31.52
N CYS A 324 19.89 -34.24 31.10
CA CYS A 324 18.56 -34.46 30.53
C CYS A 324 17.49 -34.02 31.52
N GLU A 325 17.61 -34.47 32.77
CA GLU A 325 16.61 -34.08 33.75
C GLU A 325 16.70 -32.61 34.10
N GLU A 326 17.89 -32.01 33.99
CA GLU A 326 18.02 -30.57 34.20
C GLU A 326 17.30 -29.79 33.09
N VAL A 327 17.44 -30.23 31.84
CA VAL A 327 16.70 -29.60 30.74
C VAL A 327 15.20 -29.74 30.97
N ILE A 328 14.75 -30.93 31.32
CA ILE A 328 13.33 -31.17 31.56
C ILE A 328 12.82 -30.25 32.66
N ALA A 329 13.59 -30.09 33.75
CA ALA A 329 13.18 -29.23 34.85
C ALA A 329 13.18 -27.76 34.42
N LYS A 330 14.11 -27.35 33.55
CA LYS A 330 14.15 -25.96 33.10
C LYS A 330 12.88 -25.60 32.33
N TYR A 331 12.45 -26.45 31.40
CA TYR A 331 11.34 -26.08 30.53
C TYR A 331 9.97 -26.44 31.10
N LYS A 332 9.93 -27.26 32.16
CA LYS A 332 8.67 -27.64 32.81
C LYS A 332 7.73 -26.45 33.03
N PRO A 333 8.16 -25.38 33.70
CA PRO A 333 7.22 -24.24 33.92
C PRO A 333 6.76 -23.58 32.63
N GLU A 334 7.58 -23.63 31.59
CA GLU A 334 7.21 -22.98 30.34
C GLU A 334 6.11 -23.74 29.63
N TRP A 335 6.29 -25.06 29.41
CA TRP A 335 5.23 -25.75 28.68
C TRP A 335 4.02 -25.98 29.57
N GLU A 336 4.20 -26.03 30.90
CA GLU A 336 3.03 -26.12 31.77
C GLU A 336 2.19 -24.85 31.67
N ALA A 337 2.83 -23.70 31.51
CA ALA A 337 2.07 -22.47 31.33
C ALA A 337 1.34 -22.47 29.99
N VAL A 338 1.93 -23.06 28.95
CA VAL A 338 1.24 -23.18 27.67
C VAL A 338 0.01 -24.05 27.82
N VAL A 339 0.18 -25.20 28.46
CA VAL A 339 -0.95 -26.10 28.65
C VAL A 339 -2.05 -25.42 29.46
N ALA A 340 -1.67 -24.74 30.56
CA ALA A 340 -2.67 -24.11 31.40
C ALA A 340 -3.46 -23.04 30.66
N LYS A 341 -2.81 -22.36 29.72
CA LYS A 341 -3.50 -21.33 28.97
C LYS A 341 -4.36 -21.92 27.86
N TYR A 342 -3.83 -22.88 27.11
CA TYR A 342 -4.43 -23.27 25.85
C TYR A 342 -5.21 -24.57 25.93
N ARG A 343 -4.85 -25.49 26.81
CA ARG A 343 -5.59 -26.74 26.86
C ARG A 343 -7.06 -26.51 27.21
N PRO A 344 -7.43 -25.64 28.16
CA PRO A 344 -8.85 -25.40 28.40
C PRO A 344 -9.60 -24.88 27.19
N ARG A 345 -8.90 -24.22 26.28
CA ARG A 345 -9.51 -23.61 25.12
C ARG A 345 -9.65 -24.57 23.95
N LEU A 346 -9.06 -25.76 24.06
CA LEU A 346 -9.05 -26.74 22.98
C LEU A 346 -9.53 -28.13 23.42
N GLU A 347 -9.68 -28.38 24.72
CA GLU A 347 -9.99 -29.72 25.21
C GLU A 347 -11.24 -30.28 24.55
N GLY A 348 -11.16 -31.55 24.18
CA GLY A 348 -12.28 -32.27 23.62
C GLY A 348 -12.47 -32.06 22.14
N LYS A 349 -11.75 -31.11 21.54
CA LYS A 349 -11.94 -30.86 20.12
C LYS A 349 -11.28 -31.95 19.28
N ARG A 350 -11.90 -32.21 18.13
CA ARG A 350 -11.59 -33.36 17.28
C ARG A 350 -10.90 -32.89 16.02
N VAL A 351 -9.80 -33.56 15.68
CA VAL A 351 -8.95 -33.16 14.56
C VAL A 351 -8.88 -34.29 13.55
N MET A 352 -8.92 -33.93 12.26
CA MET A 352 -8.55 -34.84 11.18
C MET A 352 -7.29 -34.31 10.51
N LEU A 353 -6.34 -35.22 10.24
CA LEU A 353 -5.07 -34.88 9.63
C LEU A 353 -4.95 -35.57 8.28
N TYR A 354 -4.23 -34.92 7.36
CA TYR A 354 -3.76 -35.61 6.15
C TYR A 354 -2.46 -34.94 5.73
N ILE A 355 -1.35 -35.67 5.78
CA ILE A 355 -0.08 -35.06 5.43
C ILE A 355 0.75 -36.09 4.67
N GLY A 356 2.08 -36.07 4.80
CA GLY A 356 2.90 -36.75 3.81
C GLY A 356 3.38 -38.13 4.18
N GLY A 357 4.37 -38.21 5.05
CA GLY A 357 5.01 -39.46 5.38
C GLY A 357 5.41 -39.62 6.83
N LEU A 358 5.19 -38.57 7.67
CA LEU A 358 5.62 -38.62 9.07
C LEU A 358 4.61 -37.96 10.00
N ARG A 359 4.35 -36.68 9.73
CA ARG A 359 3.56 -35.87 10.65
C ARG A 359 2.15 -36.41 10.90
N PRO A 360 1.51 -37.16 10.01
CA PRO A 360 0.16 -37.67 10.32
C PRO A 360 0.08 -38.53 11.57
N ARG A 361 1.17 -39.16 11.99
CA ARG A 361 1.18 -39.81 13.29
C ARG A 361 2.03 -39.04 14.30
N HIS A 362 3.00 -38.31 13.81
CA HIS A 362 4.03 -37.75 14.64
C HIS A 362 3.53 -36.57 15.49
N VAL A 363 2.49 -35.87 15.06
CA VAL A 363 1.98 -34.72 15.80
C VAL A 363 0.84 -35.08 16.75
N ILE A 364 0.44 -36.35 16.79
CA ILE A 364 -0.73 -36.75 17.57
C ILE A 364 -0.53 -36.44 19.05
N GLY A 365 0.65 -36.78 19.59
CA GLY A 365 0.90 -36.54 21.02
C GLY A 365 0.76 -35.08 21.39
N ALA A 366 1.22 -34.18 20.52
CA ALA A 366 1.11 -32.75 20.79
C ALA A 366 -0.35 -32.31 20.84
N TYR A 367 -1.19 -32.83 19.95
CA TYR A 367 -2.62 -32.54 20.06
C TYR A 367 -3.18 -33.04 21.37
N GLU A 368 -2.80 -34.26 21.77
CA GLU A 368 -3.33 -34.81 23.01
C GLU A 368 -2.84 -34.05 24.24
N ASP A 369 -1.64 -33.45 24.17
CA ASP A 369 -1.15 -32.60 25.25
C ASP A 369 -1.98 -31.34 25.42
N LEU A 370 -2.79 -31.00 24.44
CA LEU A 370 -3.75 -29.92 24.56
C LEU A 370 -5.17 -30.45 24.68
N GLY A 371 -5.31 -31.72 25.05
CA GLY A 371 -6.62 -32.30 25.28
C GLY A 371 -7.42 -32.60 24.03
N MET A 372 -6.81 -32.54 22.85
CA MET A 372 -7.51 -32.75 21.60
C MET A 372 -7.43 -34.22 21.20
N GLU A 373 -8.28 -34.60 20.26
CA GLU A 373 -8.38 -35.98 19.82
C GLU A 373 -8.29 -36.04 18.31
N VAL A 374 -7.37 -36.87 17.81
CA VAL A 374 -7.21 -37.07 16.37
C VAL A 374 -8.12 -38.22 15.97
N VAL A 375 -9.22 -37.89 15.28
CA VAL A 375 -10.25 -38.86 14.95
C VAL A 375 -10.06 -39.43 13.55
N GLY A 376 -9.18 -38.84 12.74
CA GLY A 376 -8.84 -39.42 11.46
C GLY A 376 -7.46 -38.96 11.03
N THR A 377 -6.69 -39.82 10.39
CA THR A 377 -5.39 -39.42 9.88
C THR A 377 -5.06 -40.26 8.66
N GLY A 378 -4.09 -39.77 7.89
CA GLY A 378 -3.68 -40.49 6.70
C GLY A 378 -2.48 -39.82 6.06
N TYR A 379 -1.92 -40.51 5.09
CA TYR A 379 -0.69 -40.09 4.43
C TYR A 379 -0.84 -40.12 2.92
N GLU A 380 -0.14 -39.20 2.27
CA GLU A 380 0.01 -39.24 0.82
C GLU A 380 0.82 -40.45 0.37
N PHE A 381 1.94 -40.76 1.07
CA PHE A 381 2.89 -41.68 0.45
C PHE A 381 3.62 -42.59 1.44
N ALA A 382 3.08 -42.80 2.63
CA ALA A 382 3.68 -43.67 3.63
C ALA A 382 3.66 -45.12 3.18
N HIS A 383 4.52 -45.92 3.82
CA HIS A 383 4.62 -47.36 3.59
C HIS A 383 4.01 -48.12 4.76
N ASN A 384 4.00 -49.45 4.67
CA ASN A 384 3.33 -50.19 5.73
C ASN A 384 4.05 -50.04 7.06
N ASP A 385 5.36 -49.83 7.08
CA ASP A 385 6.01 -49.66 8.37
C ASP A 385 5.59 -48.34 9.03
N ASP A 386 5.27 -47.32 8.24
CA ASP A 386 4.66 -46.13 8.82
C ASP A 386 3.29 -46.44 9.42
N TYR A 387 2.45 -47.19 8.69
CA TYR A 387 1.12 -47.47 9.21
C TYR A 387 1.18 -48.35 10.46
N ASP A 388 2.17 -49.25 10.53
CA ASP A 388 2.39 -49.99 11.78
C ASP A 388 2.49 -49.02 12.95
N ARG A 389 3.38 -48.02 12.84
CA ARG A 389 3.59 -47.05 13.91
C ARG A 389 2.35 -46.20 14.14
N THR A 390 1.54 -45.99 13.10
CA THR A 390 0.37 -45.14 13.21
C THR A 390 -0.74 -45.80 14.01
N MET A 391 -0.95 -47.11 13.80
CA MET A 391 -2.04 -47.78 14.50
C MET A 391 -1.84 -47.76 16.00
N LYS A 392 -0.60 -47.69 16.44
CA LYS A 392 -0.28 -47.62 17.86
C LYS A 392 -0.60 -46.23 18.42
N GLU A 393 -0.32 -45.19 17.65
CA GLU A 393 -0.52 -43.81 18.12
C GLU A 393 -1.99 -43.41 18.08
N MET A 394 -2.74 -43.90 17.10
CA MET A 394 -4.12 -43.49 16.92
C MET A 394 -5.05 -44.29 17.83
N GLY A 395 -6.19 -43.68 18.11
CA GLY A 395 -7.15 -44.30 19.00
C GLY A 395 -7.91 -45.44 18.36
N ASP A 396 -8.52 -46.24 19.23
CA ASP A 396 -9.41 -47.30 18.78
C ASP A 396 -10.52 -46.70 17.92
N SER A 397 -10.83 -47.39 16.81
CA SER A 397 -11.96 -47.08 15.93
C SER A 397 -11.78 -45.81 15.11
N THR A 398 -10.58 -45.23 15.07
CA THR A 398 -10.40 -44.01 14.28
C THR A 398 -10.23 -44.35 12.81
N LEU A 399 -10.43 -43.36 11.95
CA LEU A 399 -10.35 -43.54 10.51
C LEU A 399 -8.95 -43.32 9.97
N LEU A 400 -8.53 -44.21 9.09
CA LEU A 400 -7.22 -44.19 8.48
C LEU A 400 -7.36 -44.24 6.98
N TYR A 401 -6.71 -43.32 6.27
CA TYR A 401 -6.81 -43.19 4.84
C TYR A 401 -5.45 -43.03 4.14
N ASP A 402 -5.15 -43.91 3.18
CA ASP A 402 -3.95 -43.83 2.35
C ASP A 402 -4.22 -43.25 0.97
N ASP A 403 -3.42 -42.28 0.58
CA ASP A 403 -3.58 -41.65 -0.71
C ASP A 403 -5.01 -41.26 -0.96
N VAL A 404 -5.56 -40.54 -0.01
CA VAL A 404 -6.97 -40.15 -0.08
C VAL A 404 -7.22 -39.31 -1.31
N THR A 405 -8.39 -39.53 -1.93
CA THR A 405 -8.80 -38.70 -3.03
C THR A 405 -9.48 -37.44 -2.50
N GLY A 406 -9.51 -36.40 -3.31
CA GLY A 406 -10.19 -35.18 -2.88
C GLY A 406 -11.64 -35.46 -2.53
N TYR A 407 -12.31 -36.25 -3.35
CA TYR A 407 -13.71 -36.57 -3.07
C TYR A 407 -13.85 -37.25 -1.72
N GLU A 408 -13.02 -38.27 -1.47
CA GLU A 408 -13.09 -39.01 -0.21
C GLU A 408 -12.90 -38.09 0.98
N PHE A 409 -11.85 -37.26 0.94
CA PHE A 409 -11.55 -36.40 2.08
C PHE A 409 -12.72 -35.47 2.36
N GLU A 410 -13.30 -34.90 1.30
CA GLU A 410 -14.45 -34.03 1.47
C GLU A 410 -15.62 -34.77 2.09
N GLU A 411 -15.91 -35.98 1.63
CA GLU A 411 -17.08 -36.70 2.14
C GLU A 411 -16.86 -37.19 3.57
N PHE A 412 -15.65 -37.67 3.89
CA PHE A 412 -15.35 -38.05 5.28
C PHE A 412 -15.55 -36.86 6.23
N VAL A 413 -15.07 -35.68 5.84
CA VAL A 413 -15.18 -34.50 6.68
C VAL A 413 -16.64 -34.12 6.88
N LYS A 414 -17.44 -34.20 5.82
CA LYS A 414 -18.85 -33.87 5.94
C LYS A 414 -19.56 -34.71 6.98
N ARG A 415 -19.17 -35.98 7.10
CA ARG A 415 -19.82 -36.90 8.03
C ARG A 415 -19.25 -36.77 9.44
N ILE A 416 -17.92 -36.77 9.56
CA ILE A 416 -17.27 -36.78 10.86
C ILE A 416 -17.35 -35.42 11.53
N LYS A 417 -17.36 -34.34 10.74
CA LYS A 417 -17.53 -32.98 11.23
C LYS A 417 -16.47 -32.66 12.27
N PRO A 418 -15.20 -32.78 11.90
CA PRO A 418 -14.11 -32.45 12.82
C PRO A 418 -14.15 -30.97 13.18
N ASP A 419 -13.55 -30.63 14.32
CA ASP A 419 -13.46 -29.23 14.73
C ASP A 419 -12.29 -28.51 14.06
N LEU A 420 -11.31 -29.25 13.57
CA LEU A 420 -10.10 -28.70 12.99
C LEU A 420 -9.57 -29.72 12.00
N ILE A 421 -9.04 -29.25 10.88
CA ILE A 421 -8.37 -30.10 9.90
C ILE A 421 -6.94 -29.59 9.73
N GLY A 422 -5.98 -30.52 9.71
CA GLY A 422 -4.60 -30.17 9.45
C GLY A 422 -4.10 -30.87 8.21
N SER A 423 -3.85 -30.11 7.14
CA SER A 423 -3.42 -30.73 5.88
C SER A 423 -2.61 -29.74 5.07
N GLY A 424 -2.68 -29.81 3.74
CA GLY A 424 -1.81 -29.03 2.88
C GLY A 424 -2.52 -27.86 2.19
N ILE A 425 -1.76 -27.17 1.34
CA ILE A 425 -2.28 -25.95 0.71
C ILE A 425 -3.39 -26.28 -0.29
N LYS A 426 -3.33 -27.45 -0.94
CA LYS A 426 -4.39 -27.82 -1.88
C LYS A 426 -5.69 -28.17 -1.17
N GLU A 427 -5.64 -28.42 0.14
CA GLU A 427 -6.83 -28.72 0.92
C GLU A 427 -7.37 -27.51 1.68
N LYS A 428 -6.50 -26.58 2.06
CA LYS A 428 -6.85 -25.51 3.00
C LYS A 428 -8.14 -24.80 2.63
N PHE A 429 -8.24 -24.30 1.42
CA PHE A 429 -9.32 -23.36 1.12
C PHE A 429 -10.65 -24.06 0.90
N ILE A 430 -10.63 -25.36 0.59
CA ILE A 430 -11.86 -26.14 0.51
C ILE A 430 -12.55 -26.13 1.86
N PHE A 431 -11.81 -26.47 2.92
CA PHE A 431 -12.45 -26.71 4.21
C PHE A 431 -12.76 -25.41 4.92
N GLN A 432 -11.98 -24.34 4.69
CA GLN A 432 -12.37 -23.04 5.22
C GLN A 432 -13.75 -22.63 4.69
N LYS A 433 -14.00 -22.86 3.42
CA LYS A 433 -15.30 -22.49 2.87
C LYS A 433 -16.43 -23.28 3.50
N MET A 434 -16.15 -24.49 3.97
CA MET A 434 -17.11 -25.30 4.71
C MET A 434 -17.28 -24.85 6.15
N GLY A 435 -16.52 -23.86 6.60
CA GLY A 435 -16.63 -23.40 7.98
C GLY A 435 -15.83 -24.22 8.96
N ILE A 436 -14.83 -24.95 8.49
CA ILE A 436 -14.05 -25.83 9.34
C ILE A 436 -12.68 -25.20 9.53
N PRO A 437 -12.29 -24.80 10.74
CA PRO A 437 -10.94 -24.28 10.97
C PRO A 437 -9.87 -25.19 10.38
N PHE A 438 -8.88 -24.59 9.73
CA PHE A 438 -7.84 -25.34 9.04
C PHE A 438 -6.47 -24.81 9.40
N ARG A 439 -5.53 -25.72 9.67
CA ARG A 439 -4.13 -25.38 9.86
C ARG A 439 -3.24 -26.15 8.88
N GLU A 440 -2.38 -25.43 8.18
CA GLU A 440 -1.41 -26.07 7.29
C GLU A 440 -0.37 -26.82 8.12
N MET A 441 -0.24 -28.12 7.86
CA MET A 441 0.66 -28.95 8.63
C MET A 441 1.86 -29.41 7.83
N HIS A 442 2.10 -28.77 6.67
CA HIS A 442 3.40 -28.84 6.03
C HIS A 442 4.20 -27.57 6.31
N SER A 443 3.65 -26.43 5.89
CA SER A 443 4.27 -25.13 5.99
C SER A 443 4.05 -24.47 7.34
N TRP A 444 3.28 -25.09 8.22
CA TRP A 444 2.89 -24.50 9.49
C TRP A 444 2.15 -23.17 9.30
N ASP A 445 1.54 -22.95 8.13
CA ASP A 445 0.80 -21.72 7.85
C ASP A 445 1.68 -20.50 8.12
N TYR A 446 2.96 -20.61 7.73
CA TYR A 446 3.94 -19.53 7.77
C TYR A 446 4.29 -19.14 9.19
N SER A 447 4.06 -20.08 10.12
CA SER A 447 4.37 -19.93 11.53
C SER A 447 5.45 -20.94 11.94
N GLY A 448 5.44 -21.35 13.19
CA GLY A 448 6.45 -22.26 13.68
C GLY A 448 7.67 -21.53 14.19
N PRO A 449 8.67 -22.28 14.71
CA PRO A 449 8.75 -23.74 14.73
C PRO A 449 7.67 -24.42 15.55
N TYR A 450 7.40 -25.70 15.28
CA TYR A 450 6.55 -26.54 16.11
C TYR A 450 7.31 -27.62 16.89
N HIS A 451 8.57 -27.89 16.56
CA HIS A 451 9.38 -28.87 17.30
C HIS A 451 9.87 -28.32 18.63
N GLY A 452 9.99 -29.21 19.60
CA GLY A 452 10.60 -28.84 20.87
C GLY A 452 9.65 -28.12 21.79
N PHE A 453 10.21 -27.67 22.92
CA PHE A 453 9.43 -26.94 23.90
C PHE A 453 9.07 -25.55 23.37
N ASP A 454 10.01 -24.88 22.71
CA ASP A 454 9.73 -23.57 22.14
C ASP A 454 8.71 -23.69 21.00
N GLY A 455 8.75 -24.80 20.27
CA GLY A 455 7.79 -25.02 19.20
C GLY A 455 6.40 -25.37 19.69
N PHE A 456 6.29 -26.05 20.83
CA PHE A 456 4.98 -26.36 21.36
C PHE A 456 4.18 -25.09 21.70
N ALA A 457 4.85 -24.08 22.24
CA ALA A 457 4.14 -22.85 22.58
C ALA A 457 3.50 -22.24 21.33
N ILE A 458 4.25 -22.22 20.23
CA ILE A 458 3.76 -21.66 18.98
C ILE A 458 2.64 -22.52 18.42
N PHE A 459 2.84 -23.84 18.46
CA PHE A 459 1.83 -24.79 18.01
C PHE A 459 0.51 -24.58 18.76
N ALA A 460 0.57 -24.47 20.08
CA ALA A 460 -0.63 -24.26 20.87
C ALA A 460 -1.30 -22.94 20.54
N ARG A 461 -0.51 -21.86 20.52
CA ARG A 461 -1.05 -20.56 20.13
C ARG A 461 -1.77 -20.66 18.79
N ASP A 462 -1.17 -21.37 17.83
CA ASP A 462 -1.72 -21.41 16.47
C ASP A 462 -3.01 -22.24 16.39
N MET A 463 -3.07 -23.40 17.08
CA MET A 463 -4.30 -24.17 17.04
C MET A 463 -5.45 -23.38 17.67
N ASP A 464 -5.16 -22.67 18.76
CA ASP A 464 -6.16 -21.85 19.42
C ASP A 464 -6.60 -20.67 18.56
N MET A 465 -5.64 -19.96 17.93
CA MET A 465 -6.00 -18.77 17.18
C MET A 465 -6.95 -19.11 16.05
N THR A 466 -6.76 -20.28 15.45
CA THR A 466 -7.57 -20.67 14.32
C THR A 466 -8.87 -21.34 14.76
N LEU A 467 -8.80 -22.35 15.63
CA LEU A 467 -10.01 -23.07 16.04
C LEU A 467 -11.02 -22.12 16.71
N ASN A 468 -10.55 -21.19 17.53
CA ASN A 468 -11.46 -20.31 18.26
C ASN A 468 -11.67 -18.95 17.60
N ASN A 469 -11.29 -18.81 16.34
CA ASN A 469 -11.31 -17.49 15.72
C ASN A 469 -12.75 -17.00 15.53
N PRO A 470 -13.00 -15.70 15.69
CA PRO A 470 -14.37 -15.21 15.51
C PRO A 470 -14.91 -15.42 14.11
N CYS A 471 -14.06 -15.59 13.09
CA CYS A 471 -14.57 -15.67 11.74
C CYS A 471 -15.49 -16.87 11.55
N TRP A 472 -15.28 -17.96 12.30
CA TRP A 472 -16.01 -19.20 12.05
C TRP A 472 -17.46 -19.13 12.51
N LYS A 473 -17.86 -18.08 13.20
CA LYS A 473 -19.24 -17.96 13.60
C LYS A 473 -20.04 -17.19 12.56
N LYS A 474 -19.36 -16.67 11.54
CA LYS A 474 -20.03 -15.76 10.61
C LYS A 474 -20.34 -16.26 9.20
N LEU A 475 -20.28 -17.56 8.95
CA LEU A 475 -20.41 -18.00 7.56
C LEU A 475 -21.84 -17.92 7.03
N GLN A 476 -22.83 -18.08 7.89
CA GLN A 476 -24.23 -18.02 7.46
C GLN A 476 -24.76 -16.60 7.60
N ALA A 477 -25.26 -16.04 6.50
CA ALA A 477 -25.89 -14.73 6.56
C ALA A 477 -27.10 -14.78 7.51
N PRO A 478 -27.32 -13.75 8.32
CA PRO A 478 -28.42 -13.82 9.30
C PRO A 478 -29.79 -13.94 8.66
N TRP A 479 -29.96 -13.55 7.40
CA TRP A 479 -31.24 -13.67 6.71
C TRP A 479 -31.45 -15.01 6.03
N GLU A 480 -30.51 -15.95 6.19
CA GLU A 480 -30.67 -17.30 5.66
C GLU A 480 -30.53 -18.32 6.78
N SER B 2 13.69 -20.49 24.86
CA SER B 2 12.69 -20.20 25.88
C SER B 2 11.53 -19.38 25.32
N GLN B 3 10.38 -19.47 25.98
CA GLN B 3 9.19 -18.71 25.62
C GLN B 3 8.56 -18.13 26.87
N GLN B 4 8.04 -16.92 26.75
CA GLN B 4 7.18 -16.33 27.76
C GLN B 4 5.74 -16.50 27.27
N VAL B 5 4.91 -17.14 28.10
CA VAL B 5 3.62 -17.64 27.61
C VAL B 5 2.73 -16.52 27.09
N ASP B 6 2.83 -15.33 27.66
CA ASP B 6 1.95 -14.24 27.25
C ASP B 6 2.50 -13.42 26.08
N LYS B 7 3.69 -13.72 25.59
CA LYS B 7 4.27 -13.03 24.43
C LYS B 7 5.15 -14.05 23.69
N ILE B 8 4.48 -15.04 23.11
CA ILE B 8 5.14 -16.13 22.40
C ILE B 8 5.79 -15.61 21.12
N LYS B 9 7.00 -16.07 20.86
CA LYS B 9 7.78 -15.66 19.68
C LYS B 9 7.76 -16.77 18.62
N ALA B 10 7.36 -16.42 17.39
CA ALA B 10 7.61 -17.27 16.24
C ALA B 10 9.08 -17.14 15.80
N SER B 11 9.46 -17.92 14.78
CA SER B 11 10.84 -17.98 14.31
C SER B 11 11.51 -16.62 14.31
N TYR B 12 10.87 -15.63 13.72
CA TYR B 12 11.26 -14.24 13.91
C TYR B 12 10.33 -13.66 14.96
N PRO B 13 10.82 -13.18 16.13
CA PRO B 13 12.23 -12.99 16.49
C PRO B 13 12.87 -14.06 17.38
N LEU B 14 12.23 -15.23 17.54
CA LEU B 14 12.75 -16.25 18.46
C LEU B 14 14.24 -16.49 18.29
N PHE B 15 14.68 -16.73 17.06
CA PHE B 15 16.05 -17.17 16.82
C PHE B 15 17.07 -16.04 16.95
N LEU B 16 16.64 -14.81 17.26
CA LEU B 16 17.54 -13.73 17.64
C LEU B 16 17.88 -13.72 19.11
N ASP B 17 17.21 -14.53 19.93
CA ASP B 17 17.59 -14.68 21.33
C ASP B 17 19.05 -15.10 21.42
N GLN B 18 19.73 -14.71 22.49
CA GLN B 18 21.16 -14.97 22.59
C GLN B 18 21.49 -16.45 22.54
N ASP B 19 20.68 -17.30 23.18
CA ASP B 19 21.07 -18.70 23.23
C ASP B 19 20.98 -19.35 21.85
N TYR B 20 19.99 -18.98 21.05
CA TYR B 20 19.95 -19.47 19.68
C TYR B 20 21.08 -18.88 18.85
N LYS B 21 21.38 -17.59 19.04
CA LYS B 21 22.48 -16.98 18.29
C LYS B 21 23.79 -17.68 18.58
N ASP B 22 24.05 -17.98 19.86
CA ASP B 22 25.28 -18.68 20.23
C ASP B 22 25.30 -20.08 19.65
N MET B 23 24.16 -20.76 19.71
CA MET B 23 24.06 -22.10 19.15
C MET B 23 24.36 -22.09 17.65
N LEU B 24 23.81 -21.12 16.92
CA LEU B 24 24.03 -21.08 15.47
C LEU B 24 25.47 -20.71 15.15
N ALA B 25 26.11 -19.88 15.97
CA ALA B 25 27.52 -19.58 15.77
C ALA B 25 28.37 -20.84 15.93
N LYS B 26 28.03 -21.67 16.90
CA LYS B 26 28.79 -22.90 17.17
C LYS B 26 28.62 -23.92 16.06
N LYS B 27 27.41 -23.99 15.48
CA LYS B 27 27.18 -24.89 14.35
C LYS B 27 28.02 -24.47 13.16
N ARG B 28 28.01 -23.18 12.85
CA ARG B 28 28.81 -22.64 11.75
C ARG B 28 30.29 -22.97 11.94
N ASP B 29 30.85 -22.53 13.07
CA ASP B 29 32.30 -22.66 13.30
C ASP B 29 32.72 -24.11 13.45
N GLY B 30 31.86 -24.94 14.01
CA GLY B 30 32.23 -26.31 14.27
C GLY B 30 32.18 -27.21 13.05
N PHE B 31 31.16 -27.05 12.19
CA PHE B 31 30.87 -28.10 11.24
C PHE B 31 30.54 -27.63 9.82
N GLU B 32 30.28 -26.35 9.59
CA GLU B 32 29.86 -25.92 8.27
C GLU B 32 31.03 -25.59 7.34
N GLU B 33 32.26 -25.47 7.84
CA GLU B 33 33.42 -25.13 7.01
C GLU B 33 33.10 -23.98 6.06
N LYS B 34 32.50 -22.95 6.64
CA LYS B 34 31.99 -21.82 5.88
C LYS B 34 33.14 -20.93 5.41
N TYR B 35 33.00 -20.39 4.21
CA TYR B 35 33.92 -19.37 3.73
C TYR B 35 33.99 -18.21 4.72
N PRO B 36 35.16 -17.60 4.90
CA PRO B 36 35.27 -16.46 5.81
C PRO B 36 34.37 -15.32 5.35
N GLN B 37 33.85 -14.57 6.33
CA GLN B 37 32.93 -13.47 6.01
C GLN B 37 33.58 -12.45 5.07
N ASP B 38 34.87 -12.15 5.25
CA ASP B 38 35.52 -11.22 4.32
C ASP B 38 35.48 -11.71 2.87
N LYS B 39 35.56 -13.04 2.66
CA LYS B 39 35.49 -13.58 1.32
C LYS B 39 34.06 -13.52 0.80
N ILE B 40 33.09 -13.80 1.66
CA ILE B 40 31.69 -13.66 1.29
C ILE B 40 31.40 -12.23 0.87
N ASP B 41 31.90 -11.25 1.63
CA ASP B 41 31.66 -9.85 1.29
C ASP B 41 32.30 -9.50 -0.06
N GLU B 42 33.49 -10.01 -0.31
CA GLU B 42 34.20 -9.73 -1.55
C GLU B 42 33.43 -10.26 -2.75
N VAL B 43 32.95 -11.50 -2.65
CA VAL B 43 32.24 -12.09 -3.78
C VAL B 43 30.92 -11.37 -3.98
N PHE B 44 30.21 -11.07 -2.88
CA PHE B 44 28.96 -10.31 -3.02
C PHE B 44 29.18 -9.01 -3.77
N GLN B 45 30.16 -8.22 -3.33
CA GLN B 45 30.49 -6.97 -4.00
C GLN B 45 30.79 -7.22 -5.49
N TRP B 46 31.56 -8.27 -5.79
CA TRP B 46 31.84 -8.59 -7.20
C TRP B 46 30.55 -8.82 -8.00
N THR B 47 29.56 -9.52 -7.40
CA THR B 47 28.31 -9.81 -8.12
C THR B 47 27.50 -8.55 -8.40
N THR B 48 27.88 -7.41 -7.84
CA THR B 48 27.19 -6.17 -8.13
C THR B 48 27.86 -5.34 -9.21
N THR B 49 28.95 -5.81 -9.82
CA THR B 49 29.76 -5.01 -10.73
C THR B 49 29.37 -5.22 -12.19
N LYS B 50 29.81 -4.27 -13.02
CA LYS B 50 29.66 -4.43 -14.46
C LYS B 50 30.45 -5.62 -15.00
N GLU B 51 31.62 -5.91 -14.42
CA GLU B 51 32.40 -7.06 -14.84
C GLU B 51 31.58 -8.35 -14.70
N TYR B 52 30.93 -8.53 -13.53
CA TYR B 52 30.09 -9.69 -13.33
C TYR B 52 28.90 -9.67 -14.28
N GLN B 53 28.29 -8.50 -14.46
CA GLN B 53 27.16 -8.41 -15.38
C GLN B 53 27.53 -8.94 -16.76
N GLU B 54 28.72 -8.62 -17.24
CA GLU B 54 29.11 -9.07 -18.58
C GLU B 54 29.21 -10.59 -18.64
N LEU B 55 29.81 -11.20 -17.62
CA LEU B 55 29.84 -12.66 -17.56
C LEU B 55 28.43 -13.23 -17.45
N ASN B 56 27.61 -12.59 -16.63
CA ASN B 56 26.24 -13.03 -16.42
C ASN B 56 25.46 -13.05 -17.73
N PHE B 57 25.60 -12.01 -18.55
CA PHE B 57 24.90 -11.96 -19.82
C PHE B 57 25.56 -12.82 -20.91
N GLN B 58 26.70 -13.43 -20.62
CA GLN B 58 27.26 -14.40 -21.56
C GLN B 58 26.71 -15.81 -21.37
N ARG B 59 25.84 -16.03 -20.37
CA ARG B 59 25.28 -17.37 -20.17
C ARG B 59 24.54 -17.86 -21.40
N GLU B 60 24.76 -19.13 -21.72
CA GLU B 60 24.04 -19.79 -22.80
C GLU B 60 23.28 -21.02 -22.35
N ALA B 61 23.66 -21.63 -21.24
CA ALA B 61 23.09 -22.90 -20.81
C ALA B 61 22.37 -22.84 -19.48
N LEU B 62 22.85 -22.03 -18.55
CA LEU B 62 22.30 -21.91 -17.21
C LEU B 62 21.23 -20.82 -17.18
N THR B 63 20.08 -21.14 -16.60
CA THR B 63 19.02 -20.19 -16.27
C THR B 63 18.94 -20.11 -14.75
N VAL B 64 18.79 -18.88 -14.24
CA VAL B 64 18.72 -18.64 -12.81
C VAL B 64 17.55 -17.73 -12.53
N ASN B 65 16.63 -18.18 -11.67
CA ASN B 65 15.49 -17.38 -11.26
C ASN B 65 14.68 -16.95 -12.48
N PRO B 66 14.09 -17.90 -13.19
CA PRO B 66 13.27 -17.57 -14.36
C PRO B 66 12.06 -16.73 -14.02
N ALA B 67 11.51 -16.08 -15.05
CA ALA B 67 10.30 -15.30 -14.96
C ALA B 67 9.27 -15.85 -15.95
N LYS B 68 9.03 -17.15 -15.89
CA LYS B 68 8.04 -17.84 -16.70
C LYS B 68 7.79 -19.19 -16.07
N ALA B 69 6.71 -19.82 -16.49
CA ALA B 69 6.36 -21.18 -16.13
C ALA B 69 6.07 -21.98 -17.39
N CYS B 70 5.54 -23.20 -17.25
CA CYS B 70 5.41 -24.13 -18.37
C CYS B 70 3.96 -24.22 -18.85
N GLN B 71 3.83 -24.66 -20.10
CA GLN B 71 2.55 -24.66 -20.82
C GLN B 71 1.36 -25.15 -20.01
N PRO B 72 1.40 -26.37 -19.46
CA PRO B 72 0.16 -26.90 -18.86
C PRO B 72 -0.42 -26.02 -17.76
N LEU B 73 0.39 -25.21 -17.08
CA LEU B 73 -0.17 -24.26 -16.12
C LEU B 73 -1.21 -23.36 -16.78
N GLY B 74 -0.89 -22.85 -17.97
CA GLY B 74 -1.82 -22.01 -18.69
C GLY B 74 -3.02 -22.75 -19.25
N ALA B 75 -2.84 -24.01 -19.65
CA ALA B 75 -3.98 -24.81 -20.11
C ALA B 75 -4.99 -25.02 -18.99
N VAL B 76 -4.50 -25.22 -17.76
CA VAL B 76 -5.38 -25.38 -16.61
C VAL B 76 -6.18 -24.11 -16.35
N LEU B 77 -5.50 -22.96 -16.33
CA LEU B 77 -6.21 -21.71 -16.10
C LEU B 77 -7.26 -21.48 -17.18
N CYS B 78 -6.91 -21.78 -18.44
CA CYS B 78 -7.89 -21.61 -19.52
C CYS B 78 -9.11 -22.49 -19.29
N ALA B 79 -8.88 -23.77 -18.96
CA ALA B 79 -9.96 -24.73 -18.78
C ALA B 79 -10.86 -24.34 -17.62
N LEU B 80 -10.29 -23.77 -16.56
CA LEU B 80 -11.10 -23.35 -15.42
C LEU B 80 -12.16 -22.33 -15.79
N GLY B 81 -12.02 -21.64 -16.92
CA GLY B 81 -12.95 -20.61 -17.30
C GLY B 81 -14.20 -21.10 -17.99
N PHE B 82 -14.42 -22.41 -18.05
CA PHE B 82 -15.57 -22.98 -18.74
C PHE B 82 -16.48 -23.68 -17.76
N GLU B 83 -17.79 -23.58 -18.01
CA GLU B 83 -18.79 -24.03 -17.07
C GLU B 83 -18.62 -25.51 -16.73
N LYS B 84 -18.64 -25.81 -15.44
CA LYS B 84 -18.54 -27.17 -14.90
C LYS B 84 -17.48 -28.00 -15.63
N THR B 85 -16.31 -27.38 -15.84
CA THR B 85 -15.24 -28.03 -16.58
C THR B 85 -14.11 -28.45 -15.64
N MET B 86 -13.66 -29.70 -15.78
CA MET B 86 -12.53 -30.18 -15.02
C MET B 86 -11.27 -30.09 -15.87
N PRO B 87 -10.27 -29.31 -15.48
CA PRO B 87 -8.96 -29.43 -16.13
C PRO B 87 -8.39 -30.81 -15.86
N TYR B 88 -7.79 -31.40 -16.88
CA TYR B 88 -7.29 -32.76 -16.81
C TYR B 88 -5.96 -32.79 -17.53
N VAL B 89 -4.89 -33.19 -16.85
CA VAL B 89 -3.57 -33.17 -17.47
C VAL B 89 -3.09 -34.60 -17.62
N HIS B 90 -3.01 -35.03 -18.87
CA HIS B 90 -2.53 -36.36 -19.23
C HIS B 90 -1.03 -36.42 -19.05
N GLY B 91 -0.58 -37.34 -18.21
CA GLY B 91 0.83 -37.43 -17.89
C GLY B 91 1.05 -37.67 -16.42
N SER B 92 2.08 -37.04 -15.85
CA SER B 92 2.57 -37.30 -14.51
C SER B 92 1.82 -36.48 -13.46
N GLN B 93 1.55 -37.10 -12.32
CA GLN B 93 0.72 -36.40 -11.31
C GLN B 93 1.47 -35.31 -10.55
N GLY B 94 2.80 -35.41 -10.42
CA GLY B 94 3.53 -34.36 -9.71
C GLY B 94 3.32 -32.99 -10.32
N CYS B 95 3.13 -32.93 -11.63
CA CYS B 95 2.86 -31.66 -12.28
C CYS B 95 1.60 -31.02 -11.74
N VAL B 96 0.54 -31.82 -11.59
CA VAL B 96 -0.75 -31.28 -11.19
C VAL B 96 -0.73 -30.80 -9.74
N ALA B 97 0.02 -31.49 -8.87
CA ALA B 97 0.19 -30.98 -7.51
C ALA B 97 0.81 -29.59 -7.54
N TYR B 98 1.81 -29.39 -8.40
CA TYR B 98 2.46 -28.08 -8.51
C TYR B 98 1.54 -27.03 -9.16
N PHE B 99 0.81 -27.40 -10.22
CA PHE B 99 -0.08 -26.41 -10.84
C PHE B 99 -1.10 -25.91 -9.84
N ARG B 100 -1.71 -26.84 -9.10
CA ARG B 100 -2.74 -26.48 -8.16
C ARG B 100 -2.17 -25.62 -7.02
N SER B 101 -1.02 -26.00 -6.46
CA SER B 101 -0.45 -25.27 -5.34
C SER B 101 -0.03 -23.86 -5.76
N TYR B 102 0.49 -23.73 -6.99
CA TYR B 102 0.90 -22.43 -7.52
C TYR B 102 -0.27 -21.48 -7.59
N PHE B 103 -1.38 -21.91 -8.19
CA PHE B 103 -2.58 -21.07 -8.22
C PHE B 103 -3.23 -20.95 -6.84
N ASN B 104 -3.24 -22.02 -6.02
CA ASN B 104 -3.75 -21.89 -4.66
C ASN B 104 -3.13 -20.69 -3.95
N ARG B 105 -1.80 -20.58 -4.04
CA ARG B 105 -1.09 -19.56 -3.28
C ARG B 105 -1.34 -18.15 -3.82
N HIS B 106 -1.59 -18.01 -5.11
CA HIS B 106 -1.85 -16.69 -5.70
C HIS B 106 -3.29 -16.23 -5.45
N PHE B 107 -4.26 -17.14 -5.62
CA PHE B 107 -5.66 -16.77 -5.50
C PHE B 107 -6.22 -16.99 -4.11
N ARG B 108 -5.53 -17.75 -3.28
CA ARG B 108 -6.00 -18.17 -1.96
C ARG B 108 -7.38 -18.81 -2.10
N GLU B 109 -7.48 -19.75 -3.02
CA GLU B 109 -8.72 -20.43 -3.36
C GLU B 109 -8.42 -21.88 -3.72
N PRO B 110 -9.42 -22.77 -3.63
CA PRO B 110 -9.27 -24.10 -4.19
C PRO B 110 -9.02 -24.01 -5.69
N VAL B 111 -8.25 -24.98 -6.19
CA VAL B 111 -7.96 -25.09 -7.61
C VAL B 111 -8.12 -26.56 -7.95
N SER B 112 -9.14 -26.89 -8.74
CA SER B 112 -9.46 -28.26 -9.04
C SER B 112 -8.84 -28.63 -10.39
N CYS B 113 -8.13 -29.76 -10.39
CA CYS B 113 -7.41 -30.27 -11.55
C CYS B 113 -7.06 -31.73 -11.25
N VAL B 114 -7.18 -32.59 -12.25
CA VAL B 114 -6.83 -34.00 -12.07
C VAL B 114 -5.72 -34.36 -13.03
N SER B 115 -5.06 -35.47 -12.71
CA SER B 115 -4.06 -36.15 -13.49
C SER B 115 -4.58 -37.55 -13.82
N ASP B 116 -4.01 -38.21 -14.83
CA ASP B 116 -4.30 -39.64 -14.98
C ASP B 116 -3.09 -40.50 -14.61
N SER B 117 -2.14 -39.88 -13.91
CA SER B 117 -1.17 -40.60 -13.08
C SER B 117 -0.39 -41.63 -13.89
N MET B 118 0.18 -41.20 -15.01
CA MET B 118 1.07 -42.05 -15.76
C MET B 118 2.37 -42.26 -15.01
N THR B 119 2.88 -43.49 -15.02
CA THR B 119 4.07 -43.88 -14.29
C THR B 119 5.09 -44.48 -15.24
N GLU B 120 6.19 -44.96 -14.66
CA GLU B 120 7.33 -45.36 -15.48
C GLU B 120 6.95 -46.42 -16.50
N ASP B 121 6.03 -47.32 -16.15
CA ASP B 121 5.65 -48.39 -17.05
C ASP B 121 5.11 -47.85 -18.37
N ALA B 122 4.39 -46.71 -18.31
CA ALA B 122 3.80 -46.11 -19.52
C ALA B 122 4.85 -45.70 -20.55
N ALA B 123 6.12 -45.58 -20.15
CA ALA B 123 7.18 -45.27 -21.10
C ALA B 123 7.43 -46.40 -22.09
N VAL B 124 7.05 -47.62 -21.74
CA VAL B 124 7.15 -48.73 -22.68
C VAL B 124 5.95 -48.76 -23.62
N PHE B 125 4.73 -48.59 -23.05
CA PHE B 125 3.51 -48.89 -23.79
C PHE B 125 2.54 -47.72 -23.91
N GLY B 126 2.87 -46.53 -23.40
CA GLY B 126 2.03 -45.36 -23.57
C GLY B 126 0.89 -45.27 -22.56
N GLY B 127 0.20 -44.14 -22.58
CA GLY B 127 -0.81 -43.87 -21.58
C GLY B 127 -2.27 -44.05 -21.94
N GLN B 128 -2.56 -44.89 -22.94
CA GLN B 128 -3.95 -45.07 -23.37
C GLN B 128 -4.85 -45.55 -22.23
N GLN B 129 -4.39 -46.54 -21.47
CA GLN B 129 -5.25 -47.08 -20.41
C GLN B 129 -5.47 -46.05 -19.31
N ASN B 130 -4.45 -45.26 -18.98
CA ASN B 130 -4.63 -44.14 -18.03
C ASN B 130 -5.73 -43.20 -18.50
N MET B 131 -5.76 -42.90 -19.79
CA MET B 131 -6.79 -42.02 -20.32
C MET B 131 -8.17 -42.65 -20.18
N LYS B 132 -8.29 -43.93 -20.54
CA LYS B 132 -9.58 -44.59 -20.45
C LYS B 132 -10.12 -44.57 -19.02
N ASP B 133 -9.36 -45.13 -18.08
CA ASP B 133 -9.82 -45.14 -16.70
C ASP B 133 -9.88 -43.73 -16.11
N GLY B 134 -8.93 -42.88 -16.46
CA GLY B 134 -8.90 -41.53 -15.92
C GLY B 134 -10.13 -40.72 -16.28
N LEU B 135 -10.51 -40.74 -17.56
CA LEU B 135 -11.71 -40.04 -17.99
C LEU B 135 -12.96 -40.63 -17.31
N GLN B 136 -13.09 -41.96 -17.27
CA GLN B 136 -14.25 -42.55 -16.60
C GLN B 136 -14.27 -42.22 -15.12
N ASN B 137 -13.13 -42.34 -14.44
CA ASN B 137 -13.07 -42.06 -13.01
C ASN B 137 -13.41 -40.59 -12.73
N CYS B 138 -12.87 -39.68 -13.54
CA CYS B 138 -13.08 -38.26 -13.33
C CYS B 138 -14.55 -37.88 -13.53
N LYS B 139 -15.14 -38.34 -14.64
CA LYS B 139 -16.55 -38.04 -14.87
C LYS B 139 -17.44 -38.56 -13.74
N ALA B 140 -17.16 -39.78 -13.26
CA ALA B 140 -18.02 -40.39 -12.24
C ALA B 140 -17.88 -39.71 -10.89
N THR B 141 -16.65 -39.33 -10.54
CA THR B 141 -16.35 -38.89 -9.18
C THR B 141 -16.64 -37.42 -8.99
N TYR B 142 -16.26 -36.59 -9.95
CA TYR B 142 -16.37 -35.15 -9.80
C TYR B 142 -17.47 -34.55 -10.67
N LYS B 143 -18.14 -35.36 -11.49
CA LYS B 143 -19.31 -34.97 -12.26
C LYS B 143 -19.15 -33.64 -12.99
N PRO B 144 -18.06 -33.43 -13.72
CA PRO B 144 -18.00 -32.30 -14.65
C PRO B 144 -18.91 -32.52 -15.84
N ASP B 145 -19.27 -31.42 -16.49
CA ASP B 145 -19.96 -31.48 -17.77
C ASP B 145 -19.01 -31.47 -18.95
N MET B 146 -17.73 -31.19 -18.70
CA MET B 146 -16.73 -31.18 -19.75
C MET B 146 -15.40 -31.46 -19.08
N ILE B 147 -14.55 -32.22 -19.77
CA ILE B 147 -13.18 -32.48 -19.33
C ILE B 147 -12.27 -31.92 -20.38
N ALA B 148 -11.37 -31.00 -19.99
CA ALA B 148 -10.46 -30.34 -20.91
C ALA B 148 -9.04 -30.87 -20.72
N VAL B 149 -8.51 -31.54 -21.73
CA VAL B 149 -7.30 -32.37 -21.60
C VAL B 149 -6.08 -31.62 -22.12
N SER B 150 -5.03 -31.54 -21.30
CA SER B 150 -3.70 -31.09 -21.73
C SER B 150 -2.67 -32.17 -21.37
N THR B 151 -1.37 -31.85 -21.50
CA THR B 151 -0.34 -32.86 -21.28
C THR B 151 0.85 -32.34 -20.46
N THR B 152 1.50 -33.28 -19.76
CA THR B 152 2.80 -33.03 -19.17
C THR B 152 3.90 -33.53 -20.09
N CYS B 153 5.14 -33.19 -19.74
CA CYS B 153 6.22 -33.36 -20.71
C CYS B 153 6.54 -34.84 -20.92
N MET B 154 6.31 -35.69 -19.93
CA MET B 154 6.53 -37.11 -20.10
C MET B 154 5.64 -37.67 -21.20
N ALA B 155 4.37 -37.25 -21.24
CA ALA B 155 3.45 -37.71 -22.25
C ALA B 155 3.80 -37.16 -23.63
N GLU B 156 4.37 -35.97 -23.69
CA GLU B 156 4.81 -35.43 -24.98
C GLU B 156 6.05 -36.15 -25.50
N VAL B 157 7.02 -36.42 -24.63
CA VAL B 157 8.25 -37.05 -25.06
C VAL B 157 7.98 -38.44 -25.62
N ILE B 158 7.13 -39.24 -24.93
CA ILE B 158 6.84 -40.58 -25.43
C ILE B 158 5.85 -40.55 -26.59
N GLY B 159 5.16 -39.43 -26.81
CA GLY B 159 4.39 -39.25 -28.03
C GLY B 159 2.96 -39.73 -28.00
N ASP B 160 2.30 -39.75 -26.84
CA ASP B 160 0.90 -40.17 -26.76
C ASP B 160 0.02 -39.33 -27.69
N ASP B 161 -0.80 -40.02 -28.48
CA ASP B 161 -1.73 -39.37 -29.43
C ASP B 161 -3.04 -39.12 -28.70
N LEU B 162 -3.18 -37.92 -28.16
CA LEU B 162 -4.36 -37.54 -27.38
C LEU B 162 -5.66 -37.82 -28.14
N ASN B 163 -5.72 -37.37 -29.40
CA ASN B 163 -6.94 -37.55 -30.17
C ASN B 163 -7.36 -39.01 -30.20
N ALA B 164 -6.43 -39.91 -30.56
CA ALA B 164 -6.79 -41.33 -30.66
C ALA B 164 -7.18 -41.90 -29.31
N PHE B 165 -6.46 -41.51 -28.26
CA PHE B 165 -6.75 -42.05 -26.93
C PHE B 165 -8.13 -41.64 -26.46
N ILE B 166 -8.53 -40.40 -26.71
CA ILE B 166 -9.86 -39.96 -26.32
C ILE B 166 -10.92 -40.65 -27.16
N ASN B 167 -10.68 -40.74 -28.48
CA ASN B 167 -11.62 -41.45 -29.36
C ASN B 167 -11.81 -42.88 -28.92
N ASN B 168 -10.71 -43.56 -28.55
CA ASN B 168 -10.81 -44.95 -28.11
C ASN B 168 -11.51 -45.05 -26.77
N SER B 169 -11.38 -44.04 -25.91
CA SER B 169 -12.12 -44.05 -24.65
C SER B 169 -13.61 -44.02 -24.91
N LYS B 170 -14.04 -43.25 -25.90
CA LYS B 170 -15.46 -43.22 -26.23
C LYS B 170 -15.87 -44.51 -26.93
N LYS B 171 -15.05 -44.98 -27.86
CA LYS B 171 -15.42 -46.19 -28.61
C LYS B 171 -15.63 -47.37 -27.68
N GLU B 172 -14.78 -47.51 -26.65
CA GLU B 172 -14.84 -48.63 -25.71
C GLU B 172 -15.76 -48.38 -24.53
N GLY B 173 -16.49 -47.27 -24.52
CA GLY B 173 -17.52 -47.06 -23.51
C GLY B 173 -17.07 -46.45 -22.19
N PHE B 174 -15.84 -45.93 -22.09
CA PHE B 174 -15.39 -45.36 -20.83
C PHE B 174 -16.06 -44.02 -20.53
N ILE B 175 -16.37 -43.24 -21.57
CA ILE B 175 -17.21 -42.05 -21.41
C ILE B 175 -18.17 -41.99 -22.58
N PRO B 176 -19.33 -41.34 -22.38
CA PRO B 176 -20.31 -41.27 -23.46
C PRO B 176 -19.76 -40.54 -24.67
N ASP B 177 -20.20 -40.97 -25.85
CA ASP B 177 -19.66 -40.40 -27.07
C ASP B 177 -19.94 -38.91 -27.18
N GLU B 178 -21.05 -38.44 -26.61
CA GLU B 178 -21.44 -37.03 -26.67
C GLU B 178 -20.78 -36.19 -25.58
N PHE B 179 -20.07 -36.81 -24.65
CA PHE B 179 -19.46 -36.05 -23.56
C PHE B 179 -18.29 -35.24 -24.10
N PRO B 180 -18.25 -33.93 -23.88
CA PRO B 180 -17.20 -33.10 -24.49
C PRO B 180 -15.85 -33.30 -23.85
N VAL B 181 -14.86 -33.67 -24.66
CA VAL B 181 -13.49 -33.82 -24.21
C VAL B 181 -12.55 -33.09 -25.18
N PRO B 182 -12.57 -31.76 -25.20
CA PRO B 182 -11.56 -31.03 -25.97
C PRO B 182 -10.17 -31.28 -25.41
N PHE B 183 -9.16 -31.10 -26.26
CA PHE B 183 -7.80 -31.40 -25.85
C PHE B 183 -6.80 -30.49 -26.55
N ALA B 184 -5.59 -30.45 -25.99
CA ALA B 184 -4.48 -29.76 -26.62
C ALA B 184 -3.18 -30.37 -26.11
N HIS B 185 -2.23 -30.51 -27.03
CA HIS B 185 -0.87 -30.85 -26.67
C HIS B 185 -0.17 -29.61 -26.11
N THR B 186 0.42 -29.74 -24.91
CA THR B 186 1.03 -28.62 -24.20
C THR B 186 2.43 -28.97 -23.70
N PRO B 187 3.40 -29.12 -24.59
CA PRO B 187 4.77 -29.48 -24.17
C PRO B 187 5.46 -28.36 -23.43
N SER B 188 5.97 -28.67 -22.23
CA SER B 188 6.59 -27.66 -21.38
C SER B 188 7.91 -27.18 -21.92
N PHE B 189 8.51 -27.90 -22.85
CA PHE B 189 9.77 -27.50 -23.45
C PHE B 189 9.56 -26.62 -24.66
N VAL B 190 8.32 -26.18 -24.91
CA VAL B 190 8.02 -25.21 -25.96
C VAL B 190 7.33 -24.02 -25.30
N GLY B 191 7.79 -22.83 -25.63
CA GLY B 191 7.14 -21.62 -25.15
C GLY B 191 7.10 -21.53 -23.64
N SER B 192 5.92 -21.22 -23.11
CA SER B 192 5.77 -21.00 -21.68
C SER B 192 4.31 -21.22 -21.31
N HIS B 193 3.98 -20.86 -20.07
CA HIS B 193 2.60 -21.02 -19.62
C HIS B 193 1.59 -20.30 -20.52
N VAL B 194 1.95 -19.16 -21.14
CA VAL B 194 0.96 -18.46 -21.95
C VAL B 194 0.68 -19.23 -23.24
N THR B 195 1.69 -19.94 -23.76
CA THR B 195 1.49 -20.79 -24.93
C THR B 195 0.49 -21.90 -24.66
N GLY B 196 0.56 -22.47 -23.44
CA GLY B 196 -0.40 -23.49 -23.06
C GLY B 196 -1.83 -22.98 -23.02
N TRP B 197 -2.01 -21.71 -22.62
CA TRP B 197 -3.35 -21.11 -22.61
C TRP B 197 -3.90 -21.02 -24.02
N ASP B 198 -3.09 -20.47 -24.93
CA ASP B 198 -3.43 -20.39 -26.35
C ASP B 198 -3.77 -21.78 -26.90
N ASN B 199 -2.90 -22.74 -26.67
CA ASN B 199 -3.13 -24.08 -27.20
C ASN B 199 -4.42 -24.67 -26.66
N MET B 200 -4.67 -24.54 -25.35
CA MET B 200 -5.89 -25.08 -24.77
C MET B 200 -7.11 -24.39 -25.35
N PHE B 201 -7.07 -23.07 -25.47
CA PHE B 201 -8.23 -22.35 -25.94
C PHE B 201 -8.55 -22.73 -27.37
N GLU B 202 -7.53 -22.76 -28.20
CA GLU B 202 -7.77 -23.12 -29.60
C GLU B 202 -8.36 -24.53 -29.70
N GLY B 203 -7.91 -25.46 -28.85
CA GLY B 203 -8.49 -26.80 -28.86
C GLY B 203 -9.95 -26.83 -28.47
N ILE B 204 -10.32 -26.06 -27.45
CA ILE B 204 -11.73 -25.97 -27.07
C ILE B 204 -12.56 -25.32 -28.17
N ALA B 205 -12.03 -24.24 -28.78
CA ALA B 205 -12.75 -23.57 -29.86
C ALA B 205 -12.98 -24.53 -31.01
N ARG B 206 -11.94 -25.27 -31.41
CA ARG B 206 -12.08 -26.27 -32.47
C ARG B 206 -13.13 -27.30 -32.12
N TYR B 207 -13.08 -27.80 -30.89
CA TYR B 207 -13.96 -28.89 -30.48
C TYR B 207 -15.43 -28.54 -30.73
N PHE B 208 -15.81 -27.31 -30.44
CA PHE B 208 -17.21 -26.93 -30.50
C PHE B 208 -17.61 -26.32 -31.84
N THR B 209 -16.68 -26.04 -32.75
CA THR B 209 -17.05 -25.32 -33.96
C THR B 209 -16.47 -25.87 -35.26
N LEU B 210 -15.39 -26.65 -35.25
CA LEU B 210 -14.73 -26.98 -36.50
C LEU B 210 -15.69 -27.67 -37.47
N LYS B 211 -16.50 -28.60 -36.98
CA LYS B 211 -17.32 -29.44 -37.84
C LYS B 211 -18.77 -28.97 -37.98
N SER B 212 -19.07 -27.76 -37.53
CA SER B 212 -20.43 -27.24 -37.56
C SER B 212 -20.49 -25.84 -38.19
N MET B 213 -19.53 -25.52 -39.07
CA MET B 213 -19.48 -24.17 -39.63
C MET B 213 -20.55 -23.92 -40.69
N ASP B 214 -21.15 -24.98 -41.25
CA ASP B 214 -22.00 -24.82 -42.43
C ASP B 214 -23.13 -23.83 -42.18
N ASP B 215 -23.69 -23.81 -40.99
CA ASP B 215 -24.87 -23.00 -40.71
C ASP B 215 -24.55 -21.66 -40.05
N LYS B 216 -23.28 -21.32 -39.88
CA LYS B 216 -22.89 -20.10 -39.18
C LYS B 216 -22.90 -18.90 -40.12
N VAL B 217 -23.28 -17.75 -39.57
CA VAL B 217 -23.31 -16.50 -40.31
C VAL B 217 -22.64 -15.43 -39.43
N VAL B 218 -21.53 -14.89 -39.91
CA VAL B 218 -20.83 -13.86 -39.16
C VAL B 218 -21.78 -12.70 -38.90
N GLY B 219 -21.85 -12.30 -37.63
CA GLY B 219 -22.62 -11.16 -37.20
C GLY B 219 -24.05 -11.48 -36.81
N SER B 220 -24.50 -12.71 -37.03
CA SER B 220 -25.93 -13.00 -36.86
C SER B 220 -26.37 -12.98 -35.41
N ASN B 221 -25.47 -13.18 -34.43
CA ASN B 221 -25.92 -13.08 -33.04
C ASN B 221 -25.69 -11.70 -32.44
N LYS B 222 -25.11 -10.77 -33.22
CA LYS B 222 -24.94 -9.36 -32.88
C LYS B 222 -24.03 -9.12 -31.67
N LYS B 223 -23.21 -10.09 -31.31
CA LYS B 223 -22.33 -9.99 -30.16
C LYS B 223 -20.88 -9.89 -30.61
N ILE B 224 -20.01 -9.47 -29.68
CA ILE B 224 -18.56 -9.50 -29.85
C ILE B 224 -17.98 -10.55 -28.90
N ASN B 225 -17.17 -11.45 -29.42
CA ASN B 225 -16.43 -12.36 -28.55
C ASN B 225 -15.22 -11.65 -27.95
N ILE B 226 -14.94 -11.97 -26.69
CA ILE B 226 -13.75 -11.48 -25.98
C ILE B 226 -12.97 -12.68 -25.49
N VAL B 227 -11.69 -12.76 -25.89
CA VAL B 227 -10.76 -13.81 -25.44
C VAL B 227 -9.74 -13.15 -24.52
N PRO B 228 -9.71 -13.48 -23.23
CA PRO B 228 -8.86 -12.71 -22.30
C PRO B 228 -7.41 -13.16 -22.22
N GLY B 229 -7.12 -14.41 -22.62
CA GLY B 229 -5.80 -14.97 -22.43
C GLY B 229 -5.55 -15.28 -20.95
N PHE B 230 -4.29 -15.61 -20.66
CA PHE B 230 -3.79 -15.91 -19.32
C PHE B 230 -3.87 -14.68 -18.42
N GLU B 231 -4.77 -14.72 -17.44
CA GLU B 231 -5.17 -13.55 -16.69
C GLU B 231 -5.36 -13.94 -15.25
N THR B 232 -4.61 -13.31 -14.33
CA THR B 232 -4.62 -13.71 -12.95
C THR B 232 -5.08 -12.60 -12.00
N TYR B 233 -5.68 -11.53 -12.52
CA TYR B 233 -6.39 -10.55 -11.72
C TYR B 233 -7.88 -10.66 -11.98
N LEU B 234 -8.64 -10.93 -10.92
CA LEU B 234 -10.10 -10.99 -11.05
C LEU B 234 -10.67 -9.68 -11.55
N GLY B 235 -10.08 -8.55 -11.14
CA GLY B 235 -10.60 -7.26 -11.57
C GLY B 235 -10.53 -7.08 -13.06
N ASN B 236 -9.65 -7.81 -13.73
CA ASN B 236 -9.52 -7.63 -15.16
C ASN B 236 -10.64 -8.30 -15.93
N PHE B 237 -11.09 -9.49 -15.50
CA PHE B 237 -12.30 -10.03 -16.10
C PHE B 237 -13.48 -9.12 -15.82
N ARG B 238 -13.55 -8.59 -14.60
CA ARG B 238 -14.71 -7.83 -14.18
C ARG B 238 -14.79 -6.48 -14.86
N VAL B 239 -13.65 -5.81 -15.07
CA VAL B 239 -13.70 -4.49 -15.67
C VAL B 239 -14.07 -4.58 -17.15
N ILE B 240 -13.61 -5.63 -17.84
CA ILE B 240 -14.00 -5.78 -19.24
C ILE B 240 -15.50 -6.01 -19.35
N LYS B 241 -16.04 -6.92 -18.55
CA LYS B 241 -17.49 -7.14 -18.56
C LYS B 241 -18.24 -5.87 -18.17
N ARG B 242 -17.73 -5.12 -17.19
CA ARG B 242 -18.43 -3.93 -16.72
C ARG B 242 -18.47 -2.85 -17.80
N MET B 243 -17.35 -2.63 -18.51
CA MET B 243 -17.32 -1.58 -19.51
C MET B 243 -18.19 -1.94 -20.70
N LEU B 244 -18.19 -3.22 -21.11
CA LEU B 244 -19.03 -3.61 -22.24
C LEU B 244 -20.51 -3.49 -21.89
N SER B 245 -20.90 -3.89 -20.67
CA SER B 245 -22.29 -3.73 -20.24
C SER B 245 -22.67 -2.25 -20.13
N GLU B 246 -21.75 -1.41 -19.67
CA GLU B 246 -21.98 0.03 -19.60
C GLU B 246 -22.30 0.60 -20.96
N MET B 247 -21.62 0.11 -21.99
CA MET B 247 -21.83 0.53 -23.36
C MET B 247 -23.07 -0.11 -23.98
N GLY B 248 -23.70 -1.08 -23.31
CA GLY B 248 -24.80 -1.80 -23.93
C GLY B 248 -24.38 -2.73 -25.04
N VAL B 249 -23.14 -3.23 -25.01
CA VAL B 249 -22.60 -4.07 -26.07
C VAL B 249 -22.81 -5.53 -25.71
N GLY B 250 -23.51 -6.26 -26.58
CA GLY B 250 -23.65 -7.70 -26.39
C GLY B 250 -22.30 -8.37 -26.61
N TYR B 251 -21.95 -9.29 -25.71
CA TYR B 251 -20.62 -9.88 -25.75
C TYR B 251 -20.68 -11.30 -25.19
N SER B 252 -19.64 -12.06 -25.49
CA SER B 252 -19.41 -13.38 -24.92
C SER B 252 -17.96 -13.44 -24.49
N LEU B 253 -17.72 -13.59 -23.20
CA LEU B 253 -16.37 -13.73 -22.68
C LEU B 253 -16.01 -15.21 -22.71
N LEU B 254 -15.01 -15.57 -23.52
CA LEU B 254 -14.69 -16.96 -23.78
C LEU B 254 -13.50 -17.35 -22.92
N SER B 255 -13.78 -18.13 -21.88
CA SER B 255 -12.90 -18.48 -20.76
C SER B 255 -13.06 -17.39 -19.73
N ASP B 256 -13.90 -17.66 -18.74
CA ASP B 256 -14.30 -16.71 -17.71
C ASP B 256 -14.24 -17.43 -16.35
N PRO B 257 -13.08 -17.40 -15.71
CA PRO B 257 -12.93 -18.09 -14.41
C PRO B 257 -13.21 -17.23 -13.19
N GLU B 258 -13.76 -16.03 -13.38
CA GLU B 258 -13.94 -15.07 -12.30
C GLU B 258 -14.73 -15.62 -11.12
N GLU B 259 -15.77 -16.40 -11.40
CA GLU B 259 -16.64 -16.94 -10.35
C GLU B 259 -15.95 -18.09 -9.62
N VAL B 260 -15.35 -19.03 -10.35
CA VAL B 260 -14.79 -20.19 -9.69
C VAL B 260 -13.51 -19.86 -8.93
N LEU B 261 -12.90 -18.71 -9.21
CA LEU B 261 -11.74 -18.23 -8.45
C LEU B 261 -12.11 -17.26 -7.33
N ASP B 262 -13.38 -17.17 -6.99
CA ASP B 262 -13.82 -16.23 -5.96
C ASP B 262 -15.16 -16.68 -5.40
N THR B 263 -15.24 -17.94 -4.96
CA THR B 263 -16.51 -18.38 -4.38
C THR B 263 -16.63 -17.92 -2.94
N PRO B 264 -17.84 -17.72 -2.47
CA PRO B 264 -18.01 -17.25 -1.08
C PRO B 264 -17.74 -18.37 -0.07
N ALA B 265 -17.34 -17.97 1.13
CA ALA B 265 -17.21 -18.90 2.24
C ALA B 265 -18.52 -18.83 3.05
N ASP B 266 -19.47 -19.69 2.68
CA ASP B 266 -20.80 -19.67 3.28
C ASP B 266 -21.18 -21.05 3.84
N GLY B 267 -20.22 -21.95 4.02
CA GLY B 267 -20.49 -23.27 4.53
C GLY B 267 -20.54 -24.36 3.48
N GLN B 268 -20.42 -24.01 2.20
CA GLN B 268 -20.41 -24.97 1.11
C GLN B 268 -19.15 -24.78 0.29
N PHE B 269 -18.52 -25.88 -0.07
CA PHE B 269 -17.48 -25.86 -1.08
C PHE B 269 -18.14 -26.07 -2.43
N ARG B 270 -17.83 -25.19 -3.37
CA ARG B 270 -18.35 -25.26 -4.73
C ARG B 270 -17.19 -25.57 -5.67
N MET B 271 -17.10 -26.81 -6.12
CA MET B 271 -16.00 -27.17 -7.01
C MET B 271 -16.06 -26.35 -8.30
N TYR B 272 -17.27 -26.08 -8.80
CA TYR B 272 -17.47 -25.32 -10.02
C TYR B 272 -18.34 -24.11 -9.74
N ALA B 273 -18.11 -23.04 -10.51
CA ALA B 273 -19.00 -21.88 -10.44
C ALA B 273 -18.82 -21.05 -11.70
N GLY B 274 -19.94 -20.60 -12.25
CA GLY B 274 -19.93 -19.71 -13.39
C GLY B 274 -19.29 -20.35 -14.61
N GLY B 275 -18.63 -19.53 -15.40
CA GLY B 275 -17.83 -19.97 -16.52
C GLY B 275 -18.55 -19.80 -17.86
N THR B 276 -17.77 -19.81 -18.93
CA THR B 276 -18.32 -19.77 -20.28
C THR B 276 -19.10 -21.04 -20.57
N THR B 277 -20.30 -20.91 -21.15
CA THR B 277 -21.10 -22.09 -21.41
C THR B 277 -20.71 -22.76 -22.72
N GLN B 278 -21.07 -24.04 -22.84
CA GLN B 278 -20.83 -24.74 -24.10
C GLN B 278 -21.61 -24.10 -25.25
N GLU B 279 -22.84 -23.67 -24.99
CA GLU B 279 -23.62 -22.98 -26.02
C GLU B 279 -22.91 -21.71 -26.47
N GLU B 280 -22.26 -21.00 -25.55
CA GLU B 280 -21.55 -19.79 -25.95
C GLU B 280 -20.41 -20.10 -26.91
N MET B 281 -19.71 -21.21 -26.67
CA MET B 281 -18.64 -21.60 -27.60
C MET B 281 -19.23 -22.10 -28.92
N LYS B 282 -20.30 -22.88 -28.87
CA LYS B 282 -20.92 -23.34 -30.12
C LYS B 282 -21.42 -22.18 -30.96
N ASP B 283 -21.92 -21.13 -30.32
CA ASP B 283 -22.51 -20.01 -31.03
C ASP B 283 -21.49 -18.94 -31.42
N ALA B 284 -20.25 -19.02 -30.93
CA ALA B 284 -19.30 -17.92 -31.09
C ALA B 284 -19.00 -17.57 -32.54
N PRO B 285 -19.00 -18.50 -33.51
CA PRO B 285 -18.77 -18.09 -34.90
C PRO B 285 -19.83 -17.12 -35.43
N ASN B 286 -20.98 -17.05 -34.78
CA ASN B 286 -22.02 -16.13 -35.23
C ASN B 286 -21.82 -14.71 -34.72
N ALA B 287 -20.77 -14.44 -33.95
CA ALA B 287 -20.50 -13.11 -33.46
C ALA B 287 -20.11 -12.20 -34.61
N LEU B 288 -20.22 -10.88 -34.36
CA LEU B 288 -19.72 -9.88 -35.31
C LEU B 288 -18.24 -10.01 -35.53
N ASN B 289 -17.50 -10.36 -34.49
CA ASN B 289 -16.04 -10.37 -34.54
C ASN B 289 -15.56 -10.95 -33.22
N THR B 290 -14.25 -11.11 -33.12
CA THR B 290 -13.59 -11.60 -31.92
C THR B 290 -12.46 -10.65 -31.58
N VAL B 291 -12.42 -10.21 -30.33
CA VAL B 291 -11.36 -9.33 -29.84
C VAL B 291 -10.45 -10.13 -28.91
N LEU B 292 -9.14 -10.05 -29.14
CA LEU B 292 -8.14 -10.73 -28.31
C LEU B 292 -7.51 -9.70 -27.37
N LEU B 293 -7.67 -9.91 -26.06
CA LEU B 293 -7.18 -8.91 -25.12
C LEU B 293 -5.67 -8.98 -24.94
N GLN B 294 -5.07 -10.13 -25.19
CA GLN B 294 -3.62 -10.31 -25.03
C GLN B 294 -3.09 -10.99 -26.28
N PRO B 295 -3.00 -10.25 -27.38
CA PRO B 295 -2.73 -10.88 -28.68
C PRO B 295 -1.36 -11.52 -28.81
N TRP B 296 -0.37 -11.06 -28.04
CA TRP B 296 0.96 -11.65 -28.19
C TRP B 296 1.07 -13.05 -27.61
N HIS B 297 0.05 -13.59 -26.93
CA HIS B 297 0.07 -15.04 -26.68
C HIS B 297 -1.22 -15.71 -27.12
N LEU B 298 -1.88 -15.15 -28.13
CA LEU B 298 -3.10 -15.75 -28.68
C LEU B 298 -2.97 -15.93 -30.19
N GLU B 299 -1.75 -16.19 -30.68
CA GLU B 299 -1.49 -16.27 -32.11
C GLU B 299 -2.17 -17.47 -32.75
N LYS B 300 -2.14 -18.63 -32.09
CA LYS B 300 -2.78 -19.81 -32.64
C LYS B 300 -4.31 -19.65 -32.63
N THR B 301 -4.86 -19.10 -31.55
CA THR B 301 -6.28 -18.77 -31.47
C THR B 301 -6.68 -17.82 -32.59
N LYS B 302 -5.86 -16.81 -32.84
CA LYS B 302 -6.18 -15.86 -33.90
C LYS B 302 -6.29 -16.54 -35.25
N LYS B 303 -5.34 -17.43 -35.56
CA LYS B 303 -5.39 -18.10 -36.87
C LYS B 303 -6.66 -18.91 -37.03
N PHE B 304 -7.15 -19.53 -35.95
CA PHE B 304 -8.35 -20.34 -36.04
C PHE B 304 -9.59 -19.46 -36.17
N VAL B 305 -9.65 -18.39 -35.38
CA VAL B 305 -10.79 -17.48 -35.44
C VAL B 305 -10.85 -16.80 -36.80
N GLU B 306 -9.71 -16.44 -37.38
CA GLU B 306 -9.74 -15.81 -38.69
C GLU B 306 -9.93 -16.83 -39.81
N GLY B 307 -9.26 -17.96 -39.72
CA GLY B 307 -9.26 -18.94 -40.80
C GLY B 307 -10.54 -19.73 -40.88
N THR B 308 -11.13 -20.04 -39.72
CA THR B 308 -12.33 -20.87 -39.69
C THR B 308 -13.59 -20.08 -39.41
N TRP B 309 -13.59 -19.20 -38.39
CA TRP B 309 -14.78 -18.40 -38.13
C TRP B 309 -14.91 -17.24 -39.10
N LYS B 310 -13.84 -16.86 -39.78
CA LYS B 310 -13.85 -15.77 -40.75
C LYS B 310 -14.10 -14.42 -40.09
N HIS B 311 -13.65 -14.25 -38.85
CA HIS B 311 -13.71 -12.95 -38.20
C HIS B 311 -12.46 -12.18 -38.56
N GLU B 312 -12.61 -10.88 -38.66
CA GLU B 312 -11.53 -9.97 -39.03
C GLU B 312 -11.00 -9.34 -37.74
N VAL B 313 -10.20 -10.11 -37.02
CA VAL B 313 -9.78 -9.75 -35.66
C VAL B 313 -9.12 -8.38 -35.67
N PRO B 314 -9.61 -7.41 -34.90
CA PRO B 314 -9.01 -6.08 -34.95
C PRO B 314 -7.59 -6.09 -34.39
N LYS B 315 -6.78 -5.19 -34.94
CA LYS B 315 -5.39 -5.02 -34.51
C LYS B 315 -5.38 -4.10 -33.31
N LEU B 316 -5.59 -4.68 -32.14
CA LEU B 316 -5.65 -3.94 -30.88
C LEU B 316 -4.56 -4.42 -29.93
N ASN B 317 -3.93 -3.47 -29.26
CA ASN B 317 -3.08 -3.77 -28.11
C ASN B 317 -3.94 -4.10 -26.91
N ILE B 318 -3.31 -4.74 -25.92
CA ILE B 318 -3.93 -4.99 -24.62
C ILE B 318 -4.50 -3.67 -24.15
N PRO B 319 -5.72 -3.65 -23.58
CA PRO B 319 -6.29 -2.36 -23.14
C PRO B 319 -5.77 -1.93 -21.78
N MET B 320 -4.54 -1.42 -21.78
CA MET B 320 -3.85 -0.94 -20.59
C MET B 320 -3.41 0.49 -20.84
N GLY B 321 -3.56 1.33 -19.83
CA GLY B 321 -3.22 2.72 -19.97
C GLY B 321 -4.31 3.49 -20.69
N LEU B 322 -4.00 4.76 -20.97
CA LEU B 322 -5.01 5.67 -21.51
C LEU B 322 -5.26 5.42 -23.00
N ASP B 323 -4.19 5.48 -23.83
CA ASP B 323 -4.39 5.40 -25.27
C ASP B 323 -4.99 4.08 -25.69
N TRP B 324 -4.50 2.97 -25.12
CA TRP B 324 -4.94 1.66 -25.58
C TRP B 324 -6.30 1.28 -25.03
N THR B 325 -6.72 1.86 -23.89
CA THR B 325 -8.11 1.72 -23.49
C THR B 325 -9.01 2.53 -24.42
N ASP B 326 -8.59 3.76 -24.76
CA ASP B 326 -9.32 4.57 -25.74
C ASP B 326 -9.54 3.78 -27.03
N GLU B 327 -8.48 3.17 -27.54
CA GLU B 327 -8.56 2.46 -28.83
C GLU B 327 -9.47 1.24 -28.73
N PHE B 328 -9.42 0.55 -27.60
CA PHE B 328 -10.30 -0.59 -27.39
C PHE B 328 -11.76 -0.18 -27.42
N LEU B 329 -12.10 0.88 -26.69
CA LEU B 329 -13.49 1.31 -26.65
C LEU B 329 -13.95 1.82 -28.01
N MET B 330 -13.08 2.56 -28.72
CA MET B 330 -13.48 3.07 -30.02
C MET B 330 -13.70 1.93 -31.01
N LYS B 331 -12.86 0.91 -30.96
CA LYS B 331 -13.03 -0.21 -31.88
C LYS B 331 -14.28 -1.01 -31.55
N VAL B 332 -14.54 -1.23 -30.25
CA VAL B 332 -15.76 -1.92 -29.84
C VAL B 332 -16.97 -1.13 -30.29
N SER B 333 -16.90 0.20 -30.17
CA SER B 333 -18.00 1.05 -30.62
C SER B 333 -18.23 0.90 -32.12
N GLU B 334 -17.15 0.84 -32.89
CA GLU B 334 -17.23 0.69 -34.33
C GLU B 334 -17.91 -0.62 -34.70
N ILE B 335 -17.48 -1.70 -34.06
CA ILE B 335 -17.97 -3.04 -34.39
C ILE B 335 -19.43 -3.18 -33.98
N SER B 336 -19.76 -2.72 -32.78
CA SER B 336 -21.07 -2.96 -32.20
C SER B 336 -22.13 -1.93 -32.63
N GLY B 337 -21.72 -0.74 -33.06
CA GLY B 337 -22.63 0.37 -33.30
C GLY B 337 -23.08 1.11 -32.05
N GLN B 338 -22.57 0.73 -30.86
CA GLN B 338 -22.94 1.36 -29.60
C GLN B 338 -22.01 2.54 -29.34
N PRO B 339 -22.53 3.71 -28.98
CA PRO B 339 -21.65 4.83 -28.64
C PRO B 339 -20.99 4.62 -27.29
N ILE B 340 -19.84 5.25 -27.13
CA ILE B 340 -19.19 5.27 -25.83
C ILE B 340 -20.03 6.16 -24.94
N PRO B 341 -20.54 5.65 -23.82
CA PRO B 341 -21.47 6.42 -23.00
C PRO B 341 -20.77 7.47 -22.13
N ALA B 342 -21.58 8.42 -21.68
CA ALA B 342 -21.08 9.49 -20.82
C ALA B 342 -20.33 8.94 -19.61
N SER B 343 -20.77 7.79 -19.08
CA SER B 343 -20.14 7.24 -17.87
C SER B 343 -18.68 6.90 -18.12
N LEU B 344 -18.37 6.32 -19.28
CA LEU B 344 -17.00 5.95 -19.59
C LEU B 344 -16.17 7.16 -20.01
N THR B 345 -16.78 8.15 -20.67
CA THR B 345 -16.05 9.36 -20.97
C THR B 345 -15.64 10.08 -19.70
N LYS B 346 -16.52 10.09 -18.70
CA LYS B 346 -16.19 10.71 -17.42
C LYS B 346 -15.10 9.92 -16.70
N GLU B 347 -15.23 8.59 -16.70
CA GLU B 347 -14.19 7.75 -16.09
C GLU B 347 -12.82 8.03 -16.70
N ARG B 348 -12.75 8.12 -18.03
CA ARG B 348 -11.50 8.50 -18.68
C ARG B 348 -10.95 9.82 -18.14
N GLY B 349 -11.80 10.85 -18.06
CA GLY B 349 -11.35 12.15 -17.60
C GLY B 349 -10.98 12.18 -16.14
N ARG B 350 -11.53 11.25 -15.37
CA ARG B 350 -11.10 11.12 -13.99
C ARG B 350 -9.70 10.51 -13.91
N LEU B 351 -9.39 9.55 -14.78
CA LEU B 351 -8.00 9.06 -14.86
C LEU B 351 -7.06 10.19 -15.28
N VAL B 352 -7.44 10.96 -16.31
CA VAL B 352 -6.59 12.08 -16.71
C VAL B 352 -6.41 13.05 -15.55
N ASP B 353 -7.48 13.30 -14.77
CA ASP B 353 -7.36 14.20 -13.63
C ASP B 353 -6.30 13.69 -12.66
N MET B 354 -6.33 12.39 -12.34
CA MET B 354 -5.36 11.82 -11.43
C MET B 354 -3.94 11.95 -11.99
N MET B 355 -3.79 11.78 -13.29
CA MET B 355 -2.48 11.99 -13.91
C MET B 355 -1.99 13.43 -13.69
N THR B 356 -2.87 14.41 -13.89
CA THR B 356 -2.45 15.78 -13.67
C THR B 356 -2.13 16.01 -12.20
N ASP B 357 -2.89 15.38 -11.31
CA ASP B 357 -2.68 15.58 -9.87
C ASP B 357 -1.34 15.00 -9.40
N SER B 358 -0.90 13.88 -10.01
CA SER B 358 0.24 13.12 -9.51
C SER B 358 1.49 13.23 -10.37
N HIS B 359 1.44 14.02 -11.45
CA HIS B 359 2.53 14.00 -12.43
C HIS B 359 3.85 14.51 -11.84
N THR B 360 3.83 15.37 -10.82
CA THR B 360 5.11 15.94 -10.36
C THR B 360 5.93 14.92 -9.58
N TRP B 361 5.28 13.97 -8.91
CA TRP B 361 6.02 12.92 -8.21
C TRP B 361 6.40 11.78 -9.14
N LEU B 362 5.67 11.60 -10.23
CA LEU B 362 5.98 10.51 -11.15
C LEU B 362 7.03 10.87 -12.19
N HIS B 363 7.18 12.15 -12.53
CA HIS B 363 8.01 12.54 -13.65
C HIS B 363 9.45 12.05 -13.48
N GLY B 364 9.93 11.39 -14.53
CA GLY B 364 11.31 10.97 -14.55
C GLY B 364 11.65 9.79 -13.66
N LYS B 365 10.68 9.21 -12.95
CA LYS B 365 11.01 8.08 -12.13
C LYS B 365 11.38 6.88 -13.01
N ARG B 366 12.38 6.14 -12.56
CA ARG B 366 13.01 5.07 -13.34
C ARG B 366 12.58 3.72 -12.78
N PHE B 367 12.21 2.82 -13.68
CA PHE B 367 11.65 1.52 -13.31
C PHE B 367 12.33 0.36 -14.05
N ALA B 368 12.54 -0.73 -13.31
CA ALA B 368 12.79 -2.04 -13.88
C ALA B 368 11.51 -2.85 -13.74
N LEU B 369 11.18 -3.65 -14.75
CA LEU B 369 9.92 -4.38 -14.70
C LEU B 369 10.00 -5.66 -15.52
N TRP B 370 9.12 -6.61 -15.17
CA TRP B 370 9.04 -7.86 -15.90
C TRP B 370 7.63 -8.44 -15.84
N GLY B 371 7.41 -9.47 -16.64
CA GLY B 371 6.14 -10.16 -16.70
C GLY B 371 5.94 -10.78 -18.07
N ASP B 372 4.69 -11.11 -18.36
CA ASP B 372 4.34 -11.67 -19.65
C ASP B 372 4.28 -10.58 -20.72
N PRO B 373 4.34 -10.95 -22.00
CA PRO B 373 4.57 -9.94 -23.06
C PRO B 373 3.53 -8.85 -23.13
N ASP B 374 2.24 -9.20 -23.14
CA ASP B 374 1.21 -8.17 -23.26
C ASP B 374 1.15 -7.31 -22.01
N PHE B 375 1.21 -7.92 -20.82
CA PHE B 375 1.21 -7.14 -19.59
C PHE B 375 2.37 -6.16 -19.57
N VAL B 376 3.56 -6.61 -19.96
CA VAL B 376 4.75 -5.77 -19.90
C VAL B 376 4.62 -4.60 -20.86
N MET B 377 4.18 -4.85 -22.09
CA MET B 377 4.12 -3.74 -23.04
C MET B 377 3.04 -2.74 -22.65
N GLY B 378 1.94 -3.19 -22.06
CA GLY B 378 0.95 -2.27 -21.56
C GLY B 378 1.46 -1.47 -20.38
N LEU B 379 2.22 -2.12 -19.50
CA LEU B 379 2.83 -1.38 -18.39
C LEU B 379 3.82 -0.34 -18.91
N VAL B 380 4.64 -0.70 -19.91
CA VAL B 380 5.57 0.24 -20.51
C VAL B 380 4.84 1.44 -21.08
N LYS B 381 3.79 1.18 -21.86
CA LYS B 381 3.03 2.25 -22.50
C LYS B 381 2.48 3.22 -21.47
N PHE B 382 1.87 2.70 -20.40
CA PHE B 382 1.28 3.57 -19.39
C PHE B 382 2.37 4.35 -18.65
N LEU B 383 3.49 3.70 -18.35
CA LEU B 383 4.59 4.43 -17.72
C LEU B 383 5.02 5.61 -18.57
N LEU B 384 5.16 5.42 -19.89
CA LEU B 384 5.48 6.55 -20.77
C LEU B 384 4.40 7.63 -20.72
N GLU B 385 3.13 7.24 -20.66
CA GLU B 385 2.05 8.22 -20.57
C GLU B 385 2.15 9.05 -19.29
N LEU B 386 2.71 8.47 -18.22
CA LEU B 386 2.86 9.14 -16.93
C LEU B 386 4.12 9.96 -16.86
N GLY B 387 4.94 9.97 -17.90
CA GLY B 387 6.20 10.67 -17.84
C GLY B 387 7.26 9.95 -17.04
N CYS B 388 7.15 8.63 -16.91
CA CYS B 388 8.10 7.79 -16.21
C CYS B 388 9.05 7.16 -17.23
N GLU B 389 10.19 6.66 -16.74
CA GLU B 389 11.20 6.03 -17.60
C GLU B 389 11.33 4.53 -17.33
N PRO B 390 10.84 3.66 -18.20
CA PRO B 390 10.98 2.21 -17.96
C PRO B 390 12.29 1.68 -18.49
N VAL B 391 13.34 1.77 -17.67
CA VAL B 391 14.70 1.63 -18.19
C VAL B 391 15.10 0.17 -18.44
N HIS B 392 14.72 -0.78 -17.56
CA HIS B 392 15.02 -2.20 -17.75
C HIS B 392 13.70 -2.94 -17.92
N ILE B 393 13.46 -3.41 -19.13
CA ILE B 393 12.22 -4.10 -19.48
C ILE B 393 12.57 -5.53 -19.82
N LEU B 394 12.12 -6.48 -19.00
CA LEU B 394 12.47 -7.89 -19.13
C LEU B 394 11.25 -8.73 -19.39
N CYS B 395 11.29 -9.52 -20.44
CA CYS B 395 10.26 -10.51 -20.73
C CYS B 395 10.93 -11.84 -21.05
N HIS B 396 11.02 -12.72 -20.06
CA HIS B 396 11.74 -13.97 -20.24
C HIS B 396 11.17 -14.78 -21.39
N ASN B 397 9.84 -14.78 -21.52
CA ASN B 397 9.14 -15.50 -22.56
C ASN B 397 8.72 -14.61 -23.74
N GLY B 398 9.44 -13.54 -23.96
CA GLY B 398 9.17 -12.69 -25.11
C GLY B 398 9.87 -13.21 -26.36
N ASN B 399 9.55 -12.61 -27.50
CA ASN B 399 10.20 -13.00 -28.75
C ASN B 399 10.66 -11.75 -29.51
N LYS B 400 11.34 -11.99 -30.64
CA LYS B 400 12.00 -10.93 -31.37
C LYS B 400 11.01 -9.92 -31.94
N ARG B 401 9.88 -10.41 -32.46
CA ARG B 401 8.87 -9.53 -33.04
C ARG B 401 8.25 -8.65 -31.97
N TRP B 402 7.98 -9.23 -30.81
CA TRP B 402 7.47 -8.47 -29.67
C TRP B 402 8.48 -7.41 -29.25
N LYS B 403 9.75 -7.79 -29.13
CA LYS B 403 10.75 -6.81 -28.73
C LYS B 403 10.81 -5.65 -29.72
N LYS B 404 10.71 -5.95 -31.02
CA LYS B 404 10.69 -4.90 -32.03
C LYS B 404 9.52 -3.95 -31.78
N ALA B 405 8.36 -4.50 -31.44
CA ALA B 405 7.18 -3.67 -31.22
C ALA B 405 7.33 -2.78 -29.98
N VAL B 406 7.88 -3.32 -28.88
CA VAL B 406 8.10 -2.50 -27.70
C VAL B 406 9.17 -1.45 -27.97
N ASP B 407 10.24 -1.81 -28.69
CA ASP B 407 11.27 -0.83 -29.01
C ASP B 407 10.70 0.30 -29.84
N ALA B 408 9.76 0.01 -30.72
CA ALA B 408 9.13 1.08 -31.50
C ALA B 408 8.29 1.99 -30.61
N ILE B 409 7.59 1.43 -29.62
CA ILE B 409 6.83 2.23 -28.67
C ILE B 409 7.76 3.15 -27.89
N LEU B 410 8.89 2.61 -27.44
CA LEU B 410 9.87 3.39 -26.70
C LEU B 410 10.46 4.50 -27.54
N ALA B 411 10.77 4.21 -28.81
CA ALA B 411 11.37 5.21 -29.68
C ALA B 411 10.43 6.36 -29.96
N ALA B 412 9.13 6.16 -29.83
CA ALA B 412 8.15 7.21 -30.11
C ALA B 412 8.00 8.19 -28.95
N SER B 413 8.65 7.95 -27.82
CA SER B 413 8.49 8.79 -26.65
C SER B 413 9.83 9.27 -26.11
N PRO B 414 9.93 10.54 -25.71
CA PRO B 414 11.18 10.98 -25.08
C PRO B 414 11.49 10.22 -23.79
N TYR B 415 10.48 9.60 -23.17
CA TYR B 415 10.68 8.89 -21.92
C TYR B 415 11.22 7.49 -22.15
N GLY B 416 11.41 7.09 -23.40
CA GLY B 416 11.99 5.80 -23.72
C GLY B 416 13.46 5.84 -24.05
N LYS B 417 14.13 6.98 -23.89
CA LYS B 417 15.48 7.15 -24.44
C LYS B 417 16.52 6.31 -23.70
N ASN B 418 16.27 5.96 -22.44
CA ASN B 418 17.22 5.23 -21.62
C ASN B 418 16.74 3.81 -21.34
N ALA B 419 15.83 3.30 -22.16
CA ALA B 419 15.20 2.00 -21.95
C ALA B 419 15.80 0.95 -22.85
N THR B 420 15.89 -0.29 -22.33
CA THR B 420 16.32 -1.44 -23.10
C THR B 420 15.34 -2.58 -22.81
N VAL B 421 14.96 -3.27 -23.86
CA VAL B 421 14.07 -4.42 -23.79
C VAL B 421 14.92 -5.68 -23.88
N TYR B 422 14.71 -6.59 -22.92
CA TYR B 422 15.43 -7.85 -22.84
C TYR B 422 14.45 -9.00 -23.03
N ILE B 423 14.78 -9.94 -23.91
CA ILE B 423 14.00 -11.16 -24.05
C ILE B 423 14.92 -12.34 -23.78
N GLY B 424 14.35 -13.42 -23.24
CA GLY B 424 15.11 -14.62 -22.95
C GLY B 424 16.03 -14.53 -21.76
N LYS B 425 16.00 -13.42 -21.04
CA LYS B 425 16.80 -13.20 -19.84
C LYS B 425 15.94 -13.45 -18.60
N ASP B 426 16.61 -13.70 -17.47
CA ASP B 426 15.93 -14.07 -16.24
C ASP B 426 16.16 -13.02 -15.14
N LEU B 427 15.67 -13.32 -13.93
CA LEU B 427 15.77 -12.37 -12.84
C LEU B 427 17.16 -12.30 -12.23
N TRP B 428 18.06 -13.25 -12.53
CA TRP B 428 19.45 -13.05 -12.15
C TRP B 428 20.14 -12.07 -13.09
N HIS B 429 19.73 -12.05 -14.36
CA HIS B 429 20.14 -10.97 -15.26
C HIS B 429 19.63 -9.63 -14.75
N LEU B 430 18.36 -9.59 -14.37
CA LEU B 430 17.76 -8.33 -13.95
C LEU B 430 18.44 -7.80 -12.69
N ARG B 431 18.76 -8.69 -11.76
CA ARG B 431 19.51 -8.31 -10.57
C ARG B 431 20.76 -7.51 -10.92
N SER B 432 21.54 -7.99 -11.90
CA SER B 432 22.73 -7.23 -12.29
C SER B 432 22.37 -5.82 -12.75
N LEU B 433 21.33 -5.71 -13.58
CA LEU B 433 20.94 -4.43 -14.15
C LEU B 433 20.56 -3.42 -13.06
N VAL B 434 19.87 -3.87 -12.01
CA VAL B 434 19.46 -2.91 -10.99
C VAL B 434 20.60 -2.50 -10.05
N PHE B 435 21.72 -3.22 -10.09
CA PHE B 435 22.95 -2.81 -9.43
C PHE B 435 23.77 -1.84 -10.30
N THR B 436 23.97 -2.18 -11.57
CA THR B 436 24.89 -1.43 -12.42
C THR B 436 24.25 -0.16 -12.98
N ASP B 437 22.92 -0.13 -13.11
CA ASP B 437 22.19 1.00 -13.69
C ASP B 437 20.92 1.13 -12.84
N LYS B 438 21.11 1.67 -11.62
CA LYS B 438 20.09 1.53 -10.57
C LYS B 438 18.84 2.32 -10.93
N PRO B 439 17.66 1.70 -10.89
CA PRO B 439 16.40 2.44 -11.05
C PRO B 439 15.85 2.89 -9.71
N ASP B 440 14.70 3.56 -9.70
CA ASP B 440 14.08 3.95 -8.45
C ASP B 440 13.28 2.79 -7.85
N PHE B 441 12.59 2.04 -8.69
CA PHE B 441 11.74 0.94 -8.24
C PHE B 441 11.77 -0.20 -9.24
N MET B 442 11.39 -1.39 -8.74
CA MET B 442 11.03 -2.53 -9.57
C MET B 442 9.51 -2.68 -9.56
N ILE B 443 8.94 -3.02 -10.72
CA ILE B 443 7.55 -3.49 -10.82
C ILE B 443 7.59 -4.93 -11.29
N GLY B 444 7.15 -5.86 -10.44
CA GLY B 444 7.22 -7.26 -10.77
C GLY B 444 6.48 -8.13 -9.77
N ASN B 445 6.71 -9.43 -9.88
CA ASN B 445 6.02 -10.38 -9.02
C ASN B 445 6.85 -10.65 -7.76
N SER B 446 6.37 -11.57 -6.91
CA SER B 446 6.98 -11.75 -5.58
C SER B 446 8.44 -12.21 -5.64
N TYR B 447 8.89 -12.83 -6.73
CA TYR B 447 10.30 -13.21 -6.85
C TYR B 447 11.23 -12.01 -6.81
N GLY B 448 10.71 -10.81 -7.10
CA GLY B 448 11.52 -9.61 -6.99
C GLY B 448 11.94 -9.29 -5.58
N LYS B 449 11.30 -9.88 -4.56
CA LYS B 449 11.69 -9.50 -3.21
C LYS B 449 13.13 -9.89 -2.91
N PHE B 450 13.64 -10.94 -3.54
CA PHE B 450 15.02 -11.32 -3.26
C PHE B 450 16.00 -10.36 -3.90
N ILE B 451 15.63 -9.75 -5.02
CA ILE B 451 16.44 -8.69 -5.59
C ILE B 451 16.49 -7.48 -4.67
N GLN B 452 15.33 -7.07 -4.13
CA GLN B 452 15.33 -5.93 -3.21
C GLN B 452 16.23 -6.23 -2.00
N ARG B 453 16.15 -7.45 -1.46
CA ARG B 453 17.01 -7.89 -0.36
C ARG B 453 18.48 -7.76 -0.73
N ASP B 454 18.86 -8.27 -1.90
CA ASP B 454 20.24 -8.17 -2.37
C ASP B 454 20.67 -6.71 -2.46
N THR B 455 19.82 -5.83 -3.02
CA THR B 455 20.22 -4.43 -3.18
C THR B 455 20.40 -3.76 -1.82
N LEU B 456 19.53 -4.08 -0.85
CA LEU B 456 19.70 -3.47 0.47
C LEU B 456 21.01 -3.90 1.12
N HIS B 457 21.44 -5.13 0.88
CA HIS B 457 22.69 -5.61 1.48
C HIS B 457 23.88 -4.78 1.01
N LYS B 458 23.83 -4.25 -0.23
CA LYS B 458 24.88 -3.36 -0.68
C LYS B 458 24.86 -2.05 0.10
N GLY B 459 23.67 -1.57 0.41
CA GLY B 459 23.48 -0.40 1.27
C GLY B 459 22.10 0.18 1.06
N LYS B 460 21.64 0.91 2.09
CA LYS B 460 20.31 1.51 2.01
C LYS B 460 20.17 2.40 0.79
N GLU B 461 21.25 3.12 0.43
CA GLU B 461 21.16 4.03 -0.70
C GLU B 461 21.09 3.28 -2.03
N PHE B 462 21.40 1.99 -2.04
CA PHE B 462 21.34 1.17 -3.24
C PHE B 462 20.07 0.34 -3.33
N GLU B 463 19.22 0.37 -2.31
CA GLU B 463 18.04 -0.48 -2.27
C GLU B 463 17.05 -0.07 -3.35
N VAL B 464 16.53 -1.06 -4.07
CA VAL B 464 15.51 -0.85 -5.08
C VAL B 464 14.22 -1.50 -4.56
N PRO B 465 13.23 -0.73 -4.10
CA PRO B 465 12.01 -1.37 -3.59
C PRO B 465 11.16 -1.95 -4.70
N LEU B 466 10.52 -3.07 -4.36
CA LEU B 466 9.62 -3.80 -5.25
C LEU B 466 8.20 -3.30 -5.10
N ILE B 467 7.57 -3.03 -6.25
CA ILE B 467 6.14 -2.78 -6.36
C ILE B 467 5.53 -4.03 -7.00
N ARG B 468 4.62 -4.68 -6.29
CA ARG B 468 4.09 -5.98 -6.69
C ARG B 468 2.95 -5.82 -7.65
N ILE B 469 3.23 -6.05 -8.93
CA ILE B 469 2.21 -6.09 -9.98
C ILE B 469 2.63 -7.19 -10.93
N GLY B 470 1.78 -8.19 -11.12
CA GLY B 470 2.07 -9.33 -11.94
C GLY B 470 1.59 -10.64 -11.35
N PHE B 471 2.31 -11.73 -11.67
CA PHE B 471 1.94 -13.06 -11.26
C PHE B 471 3.22 -13.90 -11.16
N PRO B 472 3.42 -14.67 -10.09
CA PRO B 472 2.56 -14.81 -8.92
C PRO B 472 2.85 -13.77 -7.85
N ILE B 473 1.85 -13.39 -7.07
CA ILE B 473 2.06 -12.60 -5.86
C ILE B 473 1.64 -13.47 -4.69
N PHE B 474 2.64 -13.92 -3.93
CA PHE B 474 2.45 -14.89 -2.87
C PHE B 474 2.61 -14.33 -1.47
N ASP B 475 3.28 -13.17 -1.31
CA ASP B 475 3.63 -12.66 0.00
C ASP B 475 2.80 -11.46 0.42
N ARG B 476 1.73 -11.17 -0.32
CA ARG B 476 0.71 -10.22 0.09
C ARG B 476 -0.62 -10.93 -0.11
N HIS B 477 -1.67 -10.46 0.56
CA HIS B 477 -2.98 -11.07 0.46
C HIS B 477 -3.94 -10.24 -0.39
N HIS B 478 -4.66 -10.92 -1.29
CA HIS B 478 -5.83 -10.40 -1.99
C HIS B 478 -5.50 -9.38 -3.06
N LEU B 479 -4.23 -9.27 -3.48
CA LEU B 479 -3.96 -8.40 -4.61
C LEU B 479 -4.48 -8.99 -5.91
N HIS B 480 -4.77 -10.29 -5.94
CA HIS B 480 -5.41 -10.89 -7.12
C HIS B 480 -6.79 -10.30 -7.38
N ARG B 481 -7.39 -9.58 -6.43
CA ARG B 481 -8.67 -8.94 -6.64
C ARG B 481 -8.56 -7.63 -7.43
N SER B 482 -7.34 -7.12 -7.60
CA SER B 482 -7.06 -5.83 -8.22
C SER B 482 -7.36 -5.84 -9.71
N THR B 483 -7.16 -4.67 -10.31
CA THR B 483 -7.37 -4.44 -11.72
C THR B 483 -6.14 -3.77 -12.33
N THR B 484 -5.76 -4.21 -13.53
CA THR B 484 -4.73 -3.55 -14.31
C THR B 484 -5.19 -3.08 -15.68
N LEU B 485 -6.34 -3.54 -16.17
CA LEU B 485 -6.88 -3.14 -17.47
C LEU B 485 -7.81 -1.94 -17.35
N GLY B 486 -7.98 -1.26 -18.46
CA GLY B 486 -8.93 -0.16 -18.55
C GLY B 486 -8.50 1.08 -17.77
N TYR B 487 -9.40 2.05 -17.72
CA TYR B 487 -9.15 3.24 -16.91
C TYR B 487 -9.09 2.89 -15.43
N GLU B 488 -9.93 1.95 -14.97
CA GLU B 488 -9.90 1.54 -13.58
C GLU B 488 -8.55 0.94 -13.20
N GLY B 489 -8.03 0.05 -14.04
CA GLY B 489 -6.72 -0.52 -13.78
C GLY B 489 -5.61 0.51 -13.82
N ALA B 490 -5.72 1.48 -14.75
CA ALA B 490 -4.73 2.55 -14.81
C ALA B 490 -4.76 3.41 -13.55
N MET B 491 -5.97 3.70 -13.04
CA MET B 491 -6.11 4.44 -11.79
C MET B 491 -5.45 3.67 -10.64
N GLN B 492 -5.64 2.35 -10.60
CA GLN B 492 -5.05 1.56 -9.52
C GLN B 492 -3.54 1.55 -9.63
N ILE B 493 -3.01 1.36 -10.85
CA ILE B 493 -1.55 1.36 -11.05
C ILE B 493 -0.97 2.71 -10.68
N LEU B 494 -1.57 3.79 -11.19
CA LEU B 494 -1.10 5.14 -10.89
C LEU B 494 -1.03 5.37 -9.38
N THR B 495 -2.11 5.00 -8.68
CA THR B 495 -2.18 5.23 -7.24
C THR B 495 -1.08 4.45 -6.54
N THR B 496 -0.91 3.18 -6.92
CA THR B 496 0.15 2.38 -6.32
C THR B 496 1.52 2.97 -6.59
N LEU B 497 1.78 3.43 -7.81
CA LEU B 497 3.10 3.98 -8.14
C LEU B 497 3.39 5.25 -7.35
N VAL B 498 2.47 6.23 -7.36
CA VAL B 498 2.75 7.50 -6.69
C VAL B 498 2.89 7.30 -5.20
N ASN B 499 2.07 6.42 -4.61
CA ASN B 499 2.16 6.22 -3.19
C ASN B 499 3.35 5.36 -2.78
N SER B 500 3.86 4.51 -3.67
CA SER B 500 5.13 3.84 -3.42
C SER B 500 6.27 4.86 -3.36
N ILE B 501 6.25 5.82 -4.29
CA ILE B 501 7.21 6.92 -4.28
C ILE B 501 7.11 7.69 -2.98
N LEU B 502 5.90 8.00 -2.53
CA LEU B 502 5.74 8.83 -1.35
C LEU B 502 6.04 8.06 -0.06
N GLU B 503 5.74 6.76 -0.02
CA GLU B 503 6.14 5.94 1.13
C GLU B 503 7.65 5.90 1.25
N ARG B 504 8.35 5.73 0.13
CA ARG B 504 9.80 5.68 0.18
C ARG B 504 10.40 7.02 0.62
N LEU B 505 9.81 8.14 0.16
CA LEU B 505 10.30 9.45 0.55
C LEU B 505 10.07 9.68 2.03
N ASP B 506 8.90 9.29 2.54
CA ASP B 506 8.67 9.37 3.98
C ASP B 506 9.70 8.56 4.74
N GLU B 507 10.03 7.35 4.26
CA GLU B 507 11.06 6.57 4.93
C GLU B 507 12.39 7.30 4.96
N GLU B 508 12.80 7.88 3.83
CA GLU B 508 14.09 8.52 3.74
C GLU B 508 14.17 9.85 4.50
N THR B 509 13.02 10.44 4.87
CA THR B 509 12.95 11.72 5.57
C THR B 509 12.42 11.57 7.00
N ARG B 510 12.44 10.36 7.53
CA ARG B 510 11.89 10.13 8.85
C ARG B 510 12.90 10.35 9.97
N GLY B 511 14.16 10.68 9.64
CA GLY B 511 15.22 10.77 10.63
C GLY B 511 15.22 12.07 11.40
N MET B 512 14.89 11.99 12.69
CA MET B 512 14.79 13.17 13.54
C MET B 512 16.04 14.04 13.48
N GLN B 513 15.85 15.31 13.13
CA GLN B 513 16.89 16.32 13.09
C GLN B 513 17.99 15.97 12.07
N ALA B 514 17.75 15.04 11.17
CA ALA B 514 18.73 14.67 10.14
C ALA B 514 18.15 14.84 8.75
N THR B 515 17.04 14.18 8.47
CA THR B 515 16.35 14.28 7.18
C THR B 515 14.90 14.71 7.32
N ASP B 516 14.40 14.91 8.55
CA ASP B 516 12.97 15.19 8.66
C ASP B 516 12.62 16.65 8.38
N TYR B 517 13.61 17.46 7.97
CA TYR B 517 13.28 18.78 7.45
C TYR B 517 12.36 18.67 6.24
N ASN B 518 12.46 17.55 5.50
CA ASN B 518 11.62 17.32 4.31
C ASN B 518 10.51 16.28 4.58
N HIS B 519 10.15 16.06 5.84
CA HIS B 519 9.09 15.10 6.21
C HIS B 519 7.72 15.80 6.23
N ASP B 520 7.35 16.30 5.06
CA ASP B 520 6.21 17.21 4.92
C ASP B 520 4.88 16.51 5.22
N LEU B 521 3.99 17.23 5.91
CA LEU B 521 2.63 16.75 6.10
C LEU B 521 1.88 16.63 4.77
N VAL B 522 2.08 17.58 3.88
CA VAL B 522 1.33 17.69 2.63
C VAL B 522 2.26 17.35 1.47
N ARG B 523 1.83 16.42 0.63
CA ARG B 523 2.58 16.03 -0.60
C ARG B 523 1.64 16.07 -1.79
N MET C 4 -1.20 40.43 -25.80
CA MET C 4 -2.45 41.09 -26.12
C MET C 4 -2.26 42.59 -26.06
N SER C 5 -2.85 43.30 -27.01
CA SER C 5 -2.71 44.74 -27.02
C SER C 5 -3.46 45.35 -25.84
N ARG C 6 -3.01 46.54 -25.46
CA ARG C 6 -3.66 47.29 -24.40
C ARG C 6 -5.17 47.37 -24.65
N GLU C 7 -5.55 47.64 -25.90
CA GLU C 7 -6.97 47.80 -26.22
C GLU C 7 -7.74 46.52 -25.97
N GLU C 8 -7.18 45.37 -26.36
CA GLU C 8 -7.82 44.09 -26.08
C GLU C 8 -7.94 43.84 -24.57
N VAL C 9 -6.88 44.13 -23.81
CA VAL C 9 -6.92 43.85 -22.38
C VAL C 9 -7.97 44.72 -21.72
N GLU C 10 -7.99 46.01 -22.06
CA GLU C 10 -9.01 46.89 -21.49
C GLU C 10 -10.40 46.39 -21.82
N SER C 11 -10.61 45.93 -23.05
CA SER C 11 -11.93 45.41 -23.41
C SER C 11 -12.25 44.14 -22.63
N LEU C 12 -11.25 43.28 -22.41
CA LEU C 12 -11.47 42.07 -21.63
C LEU C 12 -11.91 42.43 -20.21
N ILE C 13 -11.23 43.41 -19.60
CA ILE C 13 -11.58 43.82 -18.25
C ILE C 13 -13.04 44.24 -18.20
N GLN C 14 -13.47 45.07 -19.14
CA GLN C 14 -14.83 45.58 -19.06
C GLN C 14 -15.85 44.46 -19.30
N GLU C 15 -15.54 43.55 -20.21
CA GLU C 15 -16.43 42.43 -20.49
C GLU C 15 -16.60 41.52 -19.27
N VAL C 16 -15.50 41.25 -18.56
CA VAL C 16 -15.56 40.42 -17.37
C VAL C 16 -16.39 41.10 -16.27
N LEU C 17 -16.24 42.42 -16.14
CA LEU C 17 -16.94 43.15 -15.08
C LEU C 17 -18.44 43.24 -15.31
N GLU C 18 -18.93 42.91 -16.51
CA GLU C 18 -20.36 43.02 -16.82
C GLU C 18 -21.22 42.13 -15.93
N VAL C 19 -20.67 41.06 -15.37
CA VAL C 19 -21.48 40.14 -14.60
C VAL C 19 -21.85 40.69 -13.23
N TYR C 20 -21.10 41.69 -12.74
CA TYR C 20 -21.26 42.10 -11.35
C TYR C 20 -22.45 43.02 -11.16
N PRO C 21 -23.08 43.00 -9.98
CA PRO C 21 -23.90 44.13 -9.56
C PRO C 21 -23.10 45.43 -9.55
N GLU C 22 -23.84 46.55 -9.62
CA GLU C 22 -23.21 47.85 -9.83
C GLU C 22 -22.12 48.16 -8.80
N LYS C 23 -22.42 47.99 -7.51
CA LYS C 23 -21.46 48.37 -6.47
C LYS C 23 -20.15 47.57 -6.62
N ALA C 24 -20.26 46.26 -6.82
CA ALA C 24 -19.07 45.43 -6.99
C ALA C 24 -18.37 45.75 -8.30
N ARG C 25 -19.13 46.03 -9.36
CA ARG C 25 -18.52 46.38 -10.64
C ARG C 25 -17.64 47.61 -10.49
N LYS C 26 -18.17 48.66 -9.87
CA LYS C 26 -17.44 49.91 -9.71
C LYS C 26 -16.19 49.71 -8.86
N ASP C 27 -16.29 48.85 -7.84
CA ASP C 27 -15.14 48.62 -6.98
C ASP C 27 -14.06 47.82 -7.71
N ARG C 28 -14.45 46.70 -8.33
CA ARG C 28 -13.46 45.81 -8.94
C ARG C 28 -12.74 46.48 -10.10
N ASN C 29 -13.41 47.41 -10.80
CA ASN C 29 -12.73 48.15 -11.87
C ASN C 29 -11.48 48.88 -11.37
N LYS C 30 -11.48 49.31 -10.10
CA LYS C 30 -10.34 50.03 -9.56
C LYS C 30 -9.14 49.13 -9.26
N HIS C 31 -9.34 47.82 -9.23
CA HIS C 31 -8.31 46.84 -8.84
C HIS C 31 -7.77 46.07 -10.02
N LEU C 32 -8.05 46.53 -11.25
CA LEU C 32 -7.65 45.85 -12.47
C LEU C 32 -7.03 46.89 -13.39
N ALA C 33 -5.86 46.61 -13.93
CA ALA C 33 -5.14 47.63 -14.69
C ALA C 33 -4.26 47.00 -15.75
N VAL C 34 -3.86 47.85 -16.70
CA VAL C 34 -2.96 47.47 -17.79
C VAL C 34 -1.68 48.26 -17.62
N ASN C 35 -0.55 47.57 -17.58
CA ASN C 35 0.71 48.26 -17.30
C ASN C 35 1.01 49.27 -18.40
N ASP C 36 1.51 50.44 -18.01
CA ASP C 36 1.87 51.51 -18.96
C ASP C 36 3.16 52.21 -18.56
N PRO C 37 4.20 52.22 -19.41
CA PRO C 37 5.46 52.85 -19.00
C PRO C 37 5.32 54.32 -18.67
N ALA C 38 4.35 55.02 -19.27
CA ALA C 38 4.16 56.43 -18.98
C ALA C 38 3.53 56.67 -17.61
N VAL C 39 3.04 55.62 -16.95
CA VAL C 39 2.47 55.71 -15.61
C VAL C 39 3.32 54.84 -14.71
N THR C 40 4.22 55.45 -13.95
CA THR C 40 5.06 54.71 -13.02
C THR C 40 4.57 54.76 -11.58
N GLN C 41 3.71 55.72 -11.24
CA GLN C 41 3.13 55.83 -9.90
C GLN C 41 1.87 54.97 -9.87
N SER C 42 1.92 53.87 -9.13
CA SER C 42 0.82 52.91 -9.14
C SER C 42 -0.48 53.53 -8.64
N LYS C 43 -0.41 54.54 -7.77
CA LYS C 43 -1.62 55.21 -7.31
C LYS C 43 -2.33 55.99 -8.42
N LYS C 44 -1.79 55.99 -9.64
CA LYS C 44 -2.48 56.58 -10.79
C LYS C 44 -3.20 55.53 -11.63
N CYS C 45 -3.11 54.24 -11.28
CA CYS C 45 -3.72 53.24 -12.15
C CYS C 45 -4.36 52.06 -11.43
N ILE C 46 -4.04 51.78 -10.17
CA ILE C 46 -4.62 50.63 -9.47
C ILE C 46 -4.74 50.95 -7.98
N ILE C 47 -5.86 50.49 -7.37
CA ILE C 47 -6.11 50.59 -5.93
C ILE C 47 -5.78 49.24 -5.31
N SER C 48 -5.28 49.26 -4.07
CA SER C 48 -4.90 48.04 -3.39
C SER C 48 -5.09 48.21 -1.89
N ASN C 49 -4.94 47.10 -1.17
CA ASN C 49 -5.00 47.07 0.29
C ASN C 49 -6.31 47.68 0.81
N LYS C 50 -7.40 47.29 0.16
CA LYS C 50 -8.77 47.63 0.56
C LYS C 50 -9.55 46.38 0.91
N LYS C 51 -10.73 46.59 1.52
CA LYS C 51 -11.62 45.47 1.84
C LYS C 51 -11.97 44.64 0.60
N SER C 52 -12.21 43.34 0.81
CA SER C 52 -12.73 42.51 -0.25
C SER C 52 -14.24 42.69 -0.35
N GLN C 53 -14.75 42.58 -1.56
CA GLN C 53 -16.20 42.68 -1.77
C GLN C 53 -16.88 41.39 -1.32
N PRO C 54 -17.97 41.45 -0.57
CA PRO C 54 -18.57 40.22 -0.06
C PRO C 54 -19.07 39.29 -1.16
N GLY C 55 -18.88 37.99 -0.94
CA GLY C 55 -19.46 36.97 -1.79
C GLY C 55 -18.75 36.69 -3.09
N LEU C 56 -17.56 37.25 -3.34
CA LEU C 56 -16.95 37.14 -4.67
C LEU C 56 -15.82 36.13 -4.72
N MET C 57 -15.54 35.42 -3.64
CA MET C 57 -14.56 34.33 -3.60
C MET C 57 -13.15 34.88 -3.79
N THR C 58 -12.83 35.86 -2.97
CA THR C 58 -11.46 36.25 -2.81
C THR C 58 -10.63 35.05 -2.40
N ILE C 59 -9.35 35.11 -2.72
CA ILE C 59 -8.37 34.09 -2.38
C ILE C 59 -7.61 34.45 -1.10
N ARG C 60 -7.86 35.64 -0.53
CA ARG C 60 -7.15 36.14 0.64
C ARG C 60 -7.41 35.32 1.90
N GLY C 61 -6.44 35.35 2.81
CA GLY C 61 -6.60 34.92 4.18
C GLY C 61 -6.80 36.10 5.13
N CYS C 62 -6.33 35.92 6.38
CA CYS C 62 -6.59 36.88 7.46
C CYS C 62 -5.30 37.26 8.17
N ALA C 63 -5.44 38.21 9.12
CA ALA C 63 -4.29 38.70 9.87
C ALA C 63 -3.60 37.59 10.66
N TYR C 64 -4.35 36.63 11.20
CA TYR C 64 -3.73 35.51 11.93
C TYR C 64 -2.80 34.71 11.03
N ALA C 65 -3.22 34.45 9.78
CA ALA C 65 -2.34 33.77 8.83
C ALA C 65 -1.06 34.56 8.60
N GLY C 66 -1.15 35.89 8.53
CA GLY C 66 0.07 36.69 8.36
C GLY C 66 0.97 36.66 9.57
N SER C 67 0.40 36.73 10.77
CA SER C 67 1.18 36.77 12.00
C SER C 67 1.69 35.39 12.38
N LYS C 68 0.77 34.45 12.55
CA LYS C 68 1.13 33.10 12.99
C LYS C 68 1.82 32.34 11.87
N GLY C 69 1.34 32.53 10.64
CA GLY C 69 1.85 31.75 9.52
C GLY C 69 3.29 32.04 9.14
N VAL C 70 3.66 33.31 9.00
CA VAL C 70 4.98 33.67 8.47
C VAL C 70 5.86 34.32 9.52
N VAL C 71 5.35 35.31 10.26
CA VAL C 71 6.26 36.06 11.12
C VAL C 71 6.67 35.24 12.34
N TRP C 72 5.70 34.67 13.05
CA TRP C 72 5.99 34.00 14.32
C TRP C 72 6.14 32.48 14.21
N GLY C 73 5.20 31.81 13.54
CA GLY C 73 5.16 30.35 13.55
C GLY C 73 6.46 29.67 13.17
N PRO C 74 7.21 30.19 12.20
CA PRO C 74 8.47 29.53 11.80
C PRO C 74 9.59 29.62 12.83
N ILE C 75 9.52 30.53 13.79
CA ILE C 75 10.56 30.68 14.80
C ILE C 75 10.54 29.37 15.60
N LYS C 76 11.62 28.61 15.51
CA LYS C 76 11.52 27.19 15.75
C LYS C 76 11.61 26.80 17.22
N ASP C 77 12.26 27.62 18.05
CA ASP C 77 12.49 27.22 19.43
C ASP C 77 11.55 27.92 20.39
N MET C 78 10.55 28.64 19.89
CA MET C 78 9.42 29.14 20.66
C MET C 78 8.19 28.27 20.43
N ILE C 79 7.27 28.33 21.38
CA ILE C 79 5.97 27.69 21.25
C ILE C 79 4.95 28.79 20.98
N HIS C 80 4.17 28.62 19.92
CA HIS C 80 3.22 29.61 19.46
C HIS C 80 1.81 29.09 19.69
N ILE C 81 1.02 29.79 20.49
CA ILE C 81 -0.30 29.32 20.89
C ILE C 81 -1.33 29.89 19.95
N SER C 82 -2.10 29.02 19.29
CA SER C 82 -3.25 29.48 18.52
C SER C 82 -4.38 29.61 19.53
N HIS C 83 -4.66 30.86 19.93
CA HIS C 83 -5.46 31.16 21.10
C HIS C 83 -6.87 31.51 20.65
N GLY C 84 -7.81 30.63 20.98
CA GLY C 84 -9.14 30.70 20.43
C GLY C 84 -9.66 29.30 20.12
N PRO C 85 -10.71 29.19 19.32
CA PRO C 85 -11.25 27.87 19.00
C PRO C 85 -10.30 27.05 18.12
N VAL C 86 -10.67 25.78 17.92
CA VAL C 86 -9.74 24.79 17.37
C VAL C 86 -9.45 24.98 15.87
N GLY C 87 -10.29 25.68 15.12
CA GLY C 87 -10.13 25.69 13.67
C GLY C 87 -8.80 26.20 13.14
N CYS C 88 -8.47 27.43 13.51
CA CYS C 88 -7.40 28.17 12.86
C CYS C 88 -6.08 27.41 12.93
N GLY C 89 -5.75 26.89 14.11
CA GLY C 89 -4.48 26.21 14.29
C GLY C 89 -4.46 24.89 13.55
N GLN C 90 -5.63 24.27 13.37
CA GLN C 90 -5.65 22.97 12.72
C GLN C 90 -5.50 23.12 11.22
N TYR C 91 -6.23 24.08 10.61
CA TYR C 91 -6.13 24.27 9.17
C TYR C 91 -4.74 24.72 8.77
N SER C 92 -4.04 25.42 9.65
CA SER C 92 -2.73 25.94 9.33
C SER C 92 -1.61 25.06 9.84
N ARG C 93 -1.92 23.95 10.50
CA ARG C 93 -0.86 23.10 11.04
C ARG C 93 -0.05 22.51 9.89
N ALA C 94 1.24 22.84 9.85
CA ALA C 94 2.20 22.25 8.91
C ALA C 94 1.76 22.39 7.46
N GLY C 95 0.95 23.41 7.15
CA GLY C 95 0.62 23.67 5.75
C GLY C 95 1.66 24.49 5.01
N GLN C 96 2.45 25.26 5.74
CA GLN C 96 3.50 26.10 5.18
C GLN C 96 4.85 25.44 5.43
N ARG C 97 5.68 25.38 4.40
CA ARG C 97 6.89 24.55 4.40
C ARG C 97 8.09 25.37 4.87
N ASN C 98 7.96 25.90 6.08
CA ASN C 98 9.00 26.74 6.69
C ASN C 98 10.04 25.81 7.28
N TYR C 99 11.06 25.47 6.50
CA TYR C 99 11.95 24.39 6.87
C TYR C 99 12.86 24.82 8.03
N TYR C 100 13.20 23.85 8.87
CA TYR C 100 14.01 24.09 10.06
C TYR C 100 14.75 22.84 10.48
N ILE C 101 15.83 23.05 11.23
CA ILE C 101 16.60 21.98 11.85
C ILE C 101 16.25 21.98 13.32
N GLY C 102 15.77 20.85 13.81
CA GLY C 102 15.48 20.75 15.23
C GLY C 102 14.91 19.41 15.58
N THR C 103 14.65 19.23 16.88
CA THR C 103 14.13 17.96 17.39
C THR C 103 12.69 18.25 17.80
N THR C 104 11.75 17.94 16.93
CA THR C 104 10.39 18.45 17.11
C THR C 104 9.71 17.81 18.31
N GLY C 105 9.06 18.67 19.11
CA GLY C 105 8.47 18.29 20.37
C GLY C 105 9.41 18.40 21.56
N VAL C 106 10.70 18.67 21.33
CA VAL C 106 11.69 18.68 22.40
C VAL C 106 12.32 20.07 22.48
N ASN C 107 13.06 20.49 21.44
CA ASN C 107 13.62 21.85 21.40
C ASN C 107 13.10 22.69 20.25
N ALA C 108 12.33 22.11 19.34
CA ALA C 108 11.75 22.84 18.22
C ALA C 108 10.30 22.39 18.08
N PHE C 109 9.45 23.28 17.55
CA PHE C 109 8.02 23.03 17.65
C PHE C 109 7.20 23.43 16.43
N VAL C 110 7.81 23.69 15.28
CA VAL C 110 7.13 24.43 14.20
C VAL C 110 5.91 23.68 13.67
N THR C 111 6.04 22.38 13.41
CA THR C 111 4.93 21.66 12.80
C THR C 111 3.89 21.18 13.81
N MET C 112 4.02 21.53 15.08
CA MET C 112 3.01 21.16 16.07
C MET C 112 1.91 22.22 16.11
N ASN C 113 0.75 21.85 16.66
CA ASN C 113 -0.38 22.77 16.81
C ASN C 113 -0.74 22.85 18.29
N PHE C 114 -0.29 23.92 18.94
CA PHE C 114 -0.66 24.24 20.32
C PHE C 114 -1.85 25.18 20.30
N THR C 115 -2.89 24.88 21.08
CA THR C 115 -4.08 25.71 21.05
C THR C 115 -4.77 25.70 22.41
N SER C 116 -5.53 26.77 22.68
CA SER C 116 -6.38 26.81 23.86
C SER C 116 -7.77 26.20 23.63
N ASP C 117 -8.11 25.81 22.41
CA ASP C 117 -9.33 25.05 22.07
C ASP C 117 -10.56 25.63 22.78
N PHE C 118 -10.83 26.91 22.53
CA PHE C 118 -11.94 27.58 23.22
C PHE C 118 -13.24 26.79 23.07
N GLN C 119 -13.95 26.65 24.18
CA GLN C 119 -15.32 26.15 24.20
C GLN C 119 -16.26 27.30 24.57
N GLU C 120 -17.56 27.05 24.55
CA GLU C 120 -18.50 28.14 24.79
C GLU C 120 -18.31 28.73 26.19
N LYS C 121 -17.91 27.90 27.16
CA LYS C 121 -17.66 28.39 28.51
C LYS C 121 -16.57 29.45 28.53
N ASP C 122 -15.58 29.30 27.62
CA ASP C 122 -14.50 30.27 27.52
C ASP C 122 -14.96 31.56 26.90
N ILE C 123 -15.95 31.49 26.00
CA ILE C 123 -16.60 32.69 25.47
C ILE C 123 -17.39 33.39 26.58
N VAL C 124 -18.06 32.62 27.42
CA VAL C 124 -18.94 33.20 28.44
C VAL C 124 -18.14 33.86 29.54
N PHE C 125 -17.11 33.18 30.03
CA PHE C 125 -16.34 33.64 31.19
C PHE C 125 -15.02 34.28 30.83
N GLY C 126 -14.60 34.26 29.57
CA GLY C 126 -13.28 34.74 29.19
C GLY C 126 -12.22 33.64 29.29
N GLY C 127 -11.16 33.80 28.50
CA GLY C 127 -10.11 32.80 28.42
C GLY C 127 -8.79 33.14 29.09
N ASP C 128 -8.71 34.24 29.83
CA ASP C 128 -7.44 34.66 30.41
C ASP C 128 -6.97 33.69 31.49
N LYS C 129 -7.90 33.16 32.28
CA LYS C 129 -7.51 32.15 33.26
C LYS C 129 -7.05 30.88 32.56
N LYS C 130 -7.75 30.46 31.50
CA LYS C 130 -7.31 29.31 30.75
C LYS C 130 -5.92 29.53 30.18
N LEU C 131 -5.66 30.74 29.67
CA LEU C 131 -4.37 31.03 29.05
C LEU C 131 -3.26 30.93 30.08
N ALA C 132 -3.50 31.42 31.30
CA ALA C 132 -2.48 31.34 32.34
C ALA C 132 -2.17 29.89 32.72
N LYS C 133 -3.22 29.08 32.87
CA LYS C 133 -3.03 27.66 33.16
C LYS C 133 -2.32 26.96 32.00
N LEU C 134 -2.70 27.30 30.77
CA LEU C 134 -2.08 26.72 29.59
C LEU C 134 -0.58 26.98 29.57
N ILE C 135 -0.17 28.21 29.89
CA ILE C 135 1.25 28.54 29.92
C ILE C 135 1.98 27.65 30.93
N ASP C 136 1.39 27.43 32.11
CA ASP C 136 2.05 26.55 33.09
C ASP C 136 2.19 25.15 32.53
N GLU C 137 1.17 24.66 31.83
CA GLU C 137 1.25 23.31 31.26
C GLU C 137 2.30 23.24 30.15
N VAL C 138 2.40 24.29 29.33
CA VAL C 138 3.46 24.34 28.34
C VAL C 138 4.83 24.22 29.00
N GLU C 139 5.05 24.99 30.07
CA GLU C 139 6.38 24.98 30.72
C GLU C 139 6.71 23.61 31.30
N THR C 140 5.70 22.91 31.83
CA THR C 140 5.93 21.60 32.42
C THR C 140 6.28 20.56 31.35
N LEU C 141 5.53 20.57 30.25
CA LEU C 141 5.61 19.52 29.26
C LEU C 141 6.62 19.80 28.15
N PHE C 142 7.04 21.05 27.98
CA PHE C 142 8.02 21.43 26.96
C PHE C 142 9.06 22.34 27.59
N PRO C 143 9.85 21.79 28.51
CA PRO C 143 10.78 22.62 29.31
C PRO C 143 11.86 23.31 28.49
N LEU C 144 12.20 22.82 27.30
CA LEU C 144 13.26 23.43 26.50
C LEU C 144 12.77 24.53 25.56
N ASN C 145 11.48 24.88 25.60
CA ASN C 145 11.04 26.03 24.84
C ASN C 145 11.71 27.29 25.37
N LYS C 146 12.02 28.21 24.46
CA LYS C 146 12.80 29.40 24.79
C LYS C 146 11.94 30.65 24.76
N GLY C 147 10.63 30.50 24.77
CA GLY C 147 9.71 31.62 24.72
C GLY C 147 8.39 31.17 24.16
N ILE C 148 7.34 31.95 24.45
CA ILE C 148 5.98 31.62 24.04
C ILE C 148 5.38 32.83 23.34
N SER C 149 4.59 32.60 22.29
CA SER C 149 3.81 33.66 21.70
C SER C 149 2.35 33.24 21.75
N VAL C 150 1.48 34.25 21.84
CA VAL C 150 0.03 34.04 21.91
C VAL C 150 -0.56 34.65 20.65
N GLN C 151 -0.98 33.80 19.72
CA GLN C 151 -1.53 34.24 18.44
C GLN C 151 -3.04 34.29 18.58
N SER C 152 -3.58 35.50 18.68
CA SER C 152 -5.02 35.66 18.97
C SER C 152 -5.87 35.33 17.74
N GLU C 153 -6.88 34.50 17.92
CA GLU C 153 -7.90 34.29 16.91
C GLU C 153 -9.10 35.22 17.16
N CYS C 154 -10.03 35.26 16.19
CA CYS C 154 -11.13 36.22 16.23
C CYS C 154 -11.79 36.46 17.59
N PRO C 155 -12.15 35.45 18.39
CA PRO C 155 -12.93 35.75 19.62
C PRO C 155 -12.18 36.56 20.67
N ILE C 156 -10.85 36.53 20.69
CA ILE C 156 -10.12 37.06 21.83
C ILE C 156 -10.47 38.51 22.07
N GLY C 157 -10.27 39.36 21.06
CA GLY C 157 -10.55 40.77 21.22
C GLY C 157 -12.04 41.08 21.31
N LEU C 158 -12.88 40.23 20.71
CA LEU C 158 -14.32 40.49 20.67
C LEU C 158 -14.96 40.29 22.03
N ILE C 159 -14.40 39.42 22.87
CA ILE C 159 -14.93 39.17 24.20
C ILE C 159 -14.19 39.96 25.27
N GLY C 160 -13.20 40.75 24.89
CA GLY C 160 -12.52 41.63 25.84
C GLY C 160 -11.47 40.97 26.71
N ASP C 161 -10.86 39.88 26.26
CA ASP C 161 -9.75 39.29 27.01
C ASP C 161 -8.53 40.21 26.98
N ASP C 162 -7.67 40.06 27.98
CA ASP C 162 -6.50 40.93 28.16
C ASP C 162 -5.27 40.03 28.15
N ILE C 163 -4.86 39.59 26.95
CA ILE C 163 -3.73 38.67 26.88
C ILE C 163 -2.42 39.39 27.19
N GLU C 164 -2.37 40.71 27.02
CA GLU C 164 -1.16 41.43 27.37
C GLU C 164 -0.91 41.38 28.87
N SER C 165 -1.98 41.49 29.67
CA SER C 165 -1.83 41.35 31.11
C SER C 165 -1.36 39.95 31.49
N VAL C 166 -1.97 38.90 30.92
CA VAL C 166 -1.53 37.53 31.21
C VAL C 166 -0.05 37.37 30.82
N SER C 167 0.30 37.85 29.64
CA SER C 167 1.68 37.71 29.16
C SER C 167 2.66 38.43 30.10
N LYS C 168 2.31 39.63 30.56
CA LYS C 168 3.20 40.33 31.48
C LYS C 168 3.33 39.58 32.79
N VAL C 169 2.20 39.21 33.37
CA VAL C 169 2.19 38.60 34.71
C VAL C 169 2.88 37.26 34.70
N LYS C 170 2.51 36.41 33.74
CA LYS C 170 3.11 35.08 33.65
C LYS C 170 4.57 35.16 33.24
N GLY C 171 4.91 36.08 32.34
CA GLY C 171 6.30 36.25 31.95
C GLY C 171 7.18 36.63 33.14
N ALA C 172 6.66 37.51 33.99
CA ALA C 172 7.39 37.87 35.21
C ALA C 172 7.48 36.69 36.17
N GLU C 173 6.38 35.96 36.35
CA GLU C 173 6.38 34.83 37.26
C GLU C 173 7.42 33.79 36.85
N LEU C 174 7.50 33.51 35.55
CA LEU C 174 8.33 32.42 35.05
C LEU C 174 9.66 32.91 34.49
N SER C 175 9.93 34.22 34.54
CA SER C 175 11.12 34.79 33.92
C SER C 175 11.23 34.31 32.48
N LYS C 176 10.14 34.50 31.73
CA LYS C 176 9.93 33.92 30.42
C LYS C 176 9.50 35.01 29.45
N THR C 177 9.98 34.94 28.21
CA THR C 177 9.50 35.84 27.18
C THR C 177 8.18 35.29 26.68
N ILE C 178 7.09 36.03 26.91
CA ILE C 178 5.77 35.64 26.45
C ILE C 178 5.22 36.80 25.65
N VAL C 179 4.93 36.56 24.38
CA VAL C 179 4.64 37.64 23.45
C VAL C 179 3.15 37.61 23.13
N PRO C 180 2.37 38.62 23.53
CA PRO C 180 0.96 38.66 23.11
C PRO C 180 0.85 39.30 21.73
N VAL C 181 0.18 38.62 20.82
CA VAL C 181 -0.01 39.11 19.46
C VAL C 181 -1.51 39.23 19.17
N ARG C 182 -1.96 40.45 18.92
CA ARG C 182 -3.36 40.77 18.65
C ARG C 182 -3.65 40.72 17.15
N CYS C 183 -3.50 39.52 16.60
CA CYS C 183 -3.61 39.28 15.16
C CYS C 183 -4.96 38.66 14.79
N GLU C 184 -6.02 38.99 15.54
CA GLU C 184 -7.36 38.46 15.24
C GLU C 184 -7.72 38.69 13.78
N GLY C 185 -8.33 37.67 13.16
CA GLY C 185 -8.59 37.72 11.73
C GLY C 185 -9.56 38.80 11.30
N PHE C 186 -10.33 39.37 12.23
CA PHE C 186 -11.24 40.46 11.85
C PHE C 186 -10.51 41.78 11.64
N ARG C 187 -9.24 41.84 12.04
CA ARG C 187 -8.44 43.05 11.91
C ARG C 187 -7.87 43.15 10.50
N GLY C 188 -7.80 44.37 9.99
CA GLY C 188 -7.28 44.55 8.65
C GLY C 188 -8.22 43.98 7.60
N VAL C 189 -7.66 43.62 6.43
CA VAL C 189 -8.42 43.13 5.30
C VAL C 189 -7.82 41.87 4.69
N SER C 190 -6.74 41.34 5.26
CA SER C 190 -5.94 40.33 4.62
C SER C 190 -4.82 39.90 5.56
N GLN C 191 -3.93 39.04 5.06
CA GLN C 191 -2.73 38.69 5.81
C GLN C 191 -1.85 39.88 6.12
N SER C 192 -1.93 40.95 5.33
CA SER C 192 -0.96 42.03 5.41
C SER C 192 -0.93 42.66 6.80
N LEU C 193 -2.10 43.05 7.33
CA LEU C 193 -2.05 43.68 8.64
C LEU C 193 -1.49 42.75 9.70
N GLY C 194 -1.65 41.43 9.53
CA GLY C 194 -1.03 40.49 10.44
C GLY C 194 0.48 40.62 10.47
N HIS C 195 1.10 40.79 9.29
CA HIS C 195 2.53 41.09 9.25
C HIS C 195 2.86 42.27 10.14
N HIS C 196 2.14 43.37 9.95
CA HIS C 196 2.47 44.63 10.63
C HIS C 196 2.31 44.46 12.14
N ILE C 197 1.17 43.92 12.56
CA ILE C 197 0.94 43.63 13.97
C ILE C 197 2.04 42.75 14.53
N ALA C 198 2.43 41.72 13.78
CA ALA C 198 3.45 40.80 14.27
C ALA C 198 4.84 41.46 14.33
N ASN C 199 5.16 42.31 13.35
CA ASN C 199 6.40 43.10 13.41
C ASN C 199 6.42 43.96 14.66
N ASP C 200 5.33 44.66 14.91
CA ASP C 200 5.30 45.51 16.10
C ASP C 200 5.43 44.68 17.37
N ALA C 201 4.90 43.46 17.37
CA ALA C 201 5.05 42.62 18.57
C ALA C 201 6.50 42.19 18.77
N VAL C 202 7.21 41.84 17.69
CA VAL C 202 8.64 41.59 17.77
C VAL C 202 9.33 42.79 18.41
N ARG C 203 9.05 43.99 17.88
CA ARG C 203 9.64 45.23 18.39
C ARG C 203 9.39 45.42 19.88
N ASP C 204 8.14 45.26 20.29
CA ASP C 204 7.74 45.65 21.63
C ASP C 204 8.12 44.63 22.69
N TRP C 205 8.30 43.36 22.33
CA TRP C 205 8.47 42.31 23.32
C TRP C 205 9.76 41.50 23.21
N VAL C 206 10.49 41.56 22.09
CA VAL C 206 11.66 40.70 21.91
C VAL C 206 12.90 41.49 21.47
N LEU C 207 12.74 42.40 20.51
CA LEU C 207 13.88 42.88 19.76
C LEU C 207 14.83 43.71 20.63
N GLY C 208 14.34 44.38 21.66
CA GLY C 208 15.19 45.23 22.47
C GLY C 208 15.87 44.55 23.62
N LYS C 209 15.72 43.22 23.73
CA LYS C 209 16.19 42.45 24.88
C LYS C 209 17.68 42.68 25.14
N ARG C 210 18.49 42.76 24.09
CA ARG C 210 19.93 42.84 24.21
C ARG C 210 20.46 44.24 23.83
N ASP C 211 19.62 45.27 23.97
CA ASP C 211 19.96 46.59 23.45
C ASP C 211 21.29 47.09 23.99
N GLU C 212 21.59 46.84 25.25
CA GLU C 212 22.84 47.33 25.84
C GLU C 212 23.81 46.19 26.11
N ASP C 213 23.52 44.99 25.62
CA ASP C 213 24.37 43.83 25.82
C ASP C 213 25.49 43.86 24.80
N THR C 214 26.74 43.86 25.26
CA THR C 214 27.91 43.93 24.38
C THR C 214 28.67 42.62 24.32
N THR C 215 28.09 41.52 24.80
CA THR C 215 28.87 40.30 24.89
C THR C 215 28.99 39.60 23.54
N PHE C 216 28.14 39.92 22.57
CA PHE C 216 28.25 39.32 21.25
C PHE C 216 29.38 39.98 20.47
N ALA C 217 30.29 39.19 19.93
CA ALA C 217 31.41 39.72 19.17
C ALA C 217 30.96 39.95 17.72
N SER C 218 30.78 41.21 17.34
CA SER C 218 30.37 41.56 15.98
C SER C 218 31.59 41.69 15.07
N THR C 219 31.34 41.59 13.76
CA THR C 219 32.35 41.83 12.74
C THR C 219 31.80 42.79 11.71
N PRO C 220 32.66 43.39 10.88
CA PRO C 220 32.19 44.35 9.89
C PRO C 220 31.33 43.74 8.79
N TYR C 221 31.22 42.41 8.73
CA TYR C 221 30.52 41.73 7.66
C TYR C 221 29.25 41.03 8.13
N ASP C 222 28.72 41.43 9.28
CA ASP C 222 27.52 40.84 9.85
C ASP C 222 26.28 41.40 9.16
N VAL C 223 25.41 40.50 8.71
CA VAL C 223 24.15 40.83 8.08
C VAL C 223 23.05 39.98 8.69
N ALA C 224 21.81 40.37 8.43
CA ALA C 224 20.66 39.53 8.72
C ALA C 224 19.82 39.35 7.46
N ILE C 225 19.28 38.14 7.28
CA ILE C 225 18.31 37.84 6.23
C ILE C 225 16.93 38.12 6.82
N ILE C 226 16.26 39.12 6.27
CA ILE C 226 14.99 39.62 6.79
C ILE C 226 13.90 39.30 5.76
N GLY C 227 12.91 38.52 6.15
CA GLY C 227 11.80 38.22 5.26
C GLY C 227 12.07 37.08 4.29
N ASP C 228 12.64 35.99 4.80
CA ASP C 228 12.73 34.73 4.06
C ASP C 228 12.21 33.63 4.98
N TYR C 229 11.11 32.99 4.59
CA TYR C 229 10.49 32.02 5.46
C TYR C 229 10.90 30.59 5.11
N ASN C 230 11.97 30.45 4.33
CA ASN C 230 12.71 29.22 4.10
C ASN C 230 11.83 28.11 3.50
N ILE C 231 11.03 28.48 2.50
CA ILE C 231 10.12 27.51 1.89
C ILE C 231 10.95 26.47 1.15
N GLY C 232 10.86 25.23 1.60
CA GLY C 232 11.66 24.17 1.02
C GLY C 232 13.17 24.38 1.16
N GLY C 233 13.60 25.23 2.08
CA GLY C 233 15.01 25.51 2.24
C GLY C 233 15.50 26.74 1.51
N ASP C 234 14.59 27.58 1.00
CA ASP C 234 14.93 28.80 0.26
C ASP C 234 15.97 29.66 0.97
N ALA C 235 15.82 29.85 2.28
CA ALA C 235 16.75 30.72 3.00
C ALA C 235 18.12 30.09 3.12
N TRP C 236 18.18 28.76 3.25
CA TRP C 236 19.46 28.08 3.32
C TRP C 236 20.22 28.21 2.00
N SER C 237 19.50 28.11 0.87
CA SER C 237 20.13 28.23 -0.44
C SER C 237 20.50 29.66 -0.78
N SER C 238 20.09 30.61 0.05
CA SER C 238 20.52 32.02 -0.01
C SER C 238 21.69 32.28 0.92
N ARG C 239 21.55 31.82 2.16
CA ARG C 239 22.59 31.98 3.17
C ARG C 239 23.93 31.47 2.67
N ILE C 240 23.92 30.29 2.03
CA ILE C 240 25.19 29.69 1.64
C ILE C 240 25.97 30.64 0.73
N LEU C 241 25.26 31.36 -0.15
CA LEU C 241 25.91 32.29 -1.07
C LEU C 241 26.43 33.52 -0.35
N LEU C 242 25.64 34.08 0.54
CA LEU C 242 26.05 35.26 1.29
C LEU C 242 27.32 34.98 2.09
N GLU C 243 27.43 33.76 2.64
CA GLU C 243 28.60 33.44 3.44
C GLU C 243 29.77 32.99 2.59
N GLU C 244 29.53 32.42 1.40
CA GLU C 244 30.63 32.20 0.48
C GLU C 244 31.27 33.52 0.06
N MET C 245 30.46 34.58 0.00
CA MET C 245 30.88 35.92 -0.35
C MET C 245 31.61 36.63 0.78
N GLY C 246 31.77 35.98 1.94
CA GLY C 246 32.50 36.56 3.05
C GLY C 246 31.66 37.20 4.13
N LEU C 247 30.35 37.17 4.02
CA LEU C 247 29.48 37.75 5.02
C LEU C 247 29.14 36.71 6.09
N ARG C 248 28.69 37.19 7.24
CA ARG C 248 28.28 36.35 8.35
C ARG C 248 26.80 36.63 8.60
N CYS C 249 25.96 35.63 8.35
N CYS C 249 25.97 35.62 8.38
CA CYS C 249 24.52 35.78 8.54
CA CYS C 249 24.53 35.79 8.54
C CYS C 249 24.18 35.51 10.00
C CYS C 249 24.14 35.52 9.98
N VAL C 250 24.07 36.58 10.78
CA VAL C 250 23.78 36.44 12.21
C VAL C 250 22.36 35.95 12.45
N ALA C 251 21.42 36.29 11.58
CA ALA C 251 20.02 35.97 11.81
C ALA C 251 19.29 35.74 10.50
N GLN C 252 18.25 34.91 10.58
CA GLN C 252 17.31 34.61 9.50
C GLN C 252 15.90 34.82 10.05
N TRP C 253 15.16 35.78 9.49
CA TRP C 253 13.78 36.07 9.90
C TRP C 253 12.82 35.64 8.78
N SER C 254 11.96 34.64 9.01
CA SER C 254 11.86 33.81 10.21
C SER C 254 12.05 32.33 9.93
N GLY C 255 12.25 31.98 8.68
CA GLY C 255 12.44 30.56 8.36
C GLY C 255 13.72 30.03 8.99
N ASP C 256 13.59 28.91 9.72
CA ASP C 256 14.65 28.30 10.51
C ASP C 256 15.18 29.24 11.58
N GLY C 257 14.40 30.25 11.94
CA GLY C 257 14.84 31.24 12.89
C GLY C 257 14.73 30.78 14.32
N SER C 258 15.42 31.52 15.18
CA SER C 258 15.44 31.23 16.61
C SER C 258 15.29 32.56 17.35
N ILE C 259 14.83 32.46 18.60
CA ILE C 259 14.63 33.69 19.32
C ILE C 259 15.96 34.38 19.58
N SER C 260 17.06 33.63 19.80
CA SER C 260 18.32 34.30 20.03
C SER C 260 18.80 35.03 18.77
N GLU C 261 18.53 34.48 17.58
CA GLU C 261 18.87 35.18 16.35
C GLU C 261 18.14 36.51 16.25
N ILE C 262 16.84 36.52 16.56
CA ILE C 262 16.08 37.76 16.56
C ILE C 262 16.73 38.78 17.48
N GLU C 263 17.06 38.36 18.70
CA GLU C 263 17.63 39.25 19.70
C GLU C 263 19.02 39.74 19.34
N LEU C 264 19.74 39.02 18.49
CA LEU C 264 21.07 39.46 18.05
C LEU C 264 21.01 40.35 16.82
N THR C 265 19.87 40.48 16.18
CA THR C 265 19.82 41.20 14.93
C THR C 265 20.20 42.67 15.05
N PRO C 266 19.89 43.39 16.15
CA PRO C 266 20.33 44.78 16.24
C PRO C 266 21.84 44.95 16.26
N LYS C 267 22.60 43.86 16.29
CA LYS C 267 24.06 43.95 16.24
C LYS C 267 24.62 43.92 14.82
N VAL C 268 23.79 43.75 13.80
CA VAL C 268 24.31 43.56 12.45
C VAL C 268 24.61 44.89 11.79
N LYS C 269 25.34 44.84 10.69
CA LYS C 269 25.73 46.05 9.95
C LYS C 269 24.81 46.38 8.80
N LEU C 270 24.01 45.42 8.34
CA LEU C 270 23.15 45.59 7.19
C LEU C 270 22.03 44.56 7.26
N ASN C 271 20.79 45.03 7.07
CA ASN C 271 19.62 44.17 6.98
C ASN C 271 19.29 43.93 5.52
N LEU C 272 19.28 42.67 5.12
CA LEU C 272 18.99 42.27 3.76
C LEU C 272 17.53 41.83 3.70
N VAL C 273 16.70 42.61 3.04
CA VAL C 273 15.26 42.38 3.03
C VAL C 273 14.90 41.66 1.74
N HIS C 274 14.37 40.45 1.87
CA HIS C 274 13.84 39.76 0.68
C HIS C 274 12.37 40.14 0.58
N CYS C 275 11.54 39.64 1.49
CA CYS C 275 10.12 40.01 1.46
C CYS C 275 9.94 41.40 2.08
N TYR C 276 9.91 42.41 1.23
CA TYR C 276 9.62 43.78 1.64
C TYR C 276 8.28 43.89 2.34
N ARG C 277 7.23 43.31 1.75
CA ARG C 277 5.88 43.47 2.27
C ARG C 277 5.77 43.12 3.74
N SER C 278 6.30 41.96 4.13
CA SER C 278 6.05 41.45 5.47
C SER C 278 6.99 42.00 6.53
N MET C 279 8.18 42.49 6.19
CA MET C 279 9.14 42.92 7.19
C MET C 279 9.75 44.30 6.94
N ASN C 280 9.23 45.07 5.99
CA ASN C 280 9.73 46.44 5.87
C ASN C 280 9.46 47.24 7.15
N TYR C 281 8.42 46.87 7.91
CA TYR C 281 8.11 47.61 9.13
C TYR C 281 9.27 47.53 10.12
N ILE C 282 9.74 46.32 10.41
CA ILE C 282 10.77 46.16 11.42
C ILE C 282 12.10 46.67 10.89
N SER C 283 12.31 46.59 9.58
CA SER C 283 13.54 47.11 8.96
C SER C 283 13.62 48.62 9.11
N ARG C 284 12.52 49.32 8.89
CA ARG C 284 12.54 50.76 9.11
C ARG C 284 12.78 51.09 10.58
N HIS C 285 12.16 50.33 11.48
CA HIS C 285 12.38 50.55 12.90
C HIS C 285 13.85 50.39 13.26
N MET C 286 14.47 49.32 12.78
CA MET C 286 15.87 49.09 13.13
C MET C 286 16.76 50.18 12.56
N GLU C 287 16.39 50.77 11.42
CA GLU C 287 17.20 51.88 10.90
C GLU C 287 17.04 53.12 11.76
N GLU C 288 15.80 53.43 12.15
CA GLU C 288 15.53 54.57 13.01
C GLU C 288 16.21 54.43 14.36
N LYS C 289 16.07 53.26 14.99
CA LYS C 289 16.53 53.10 16.37
C LYS C 289 18.02 52.78 16.45
N TYR C 290 18.51 51.85 15.63
CA TYR C 290 19.87 51.37 15.74
C TYR C 290 20.79 51.89 14.64
N GLY C 291 20.25 52.61 13.66
CA GLY C 291 21.05 53.12 12.56
C GLY C 291 21.42 52.09 11.52
N ILE C 292 20.78 50.92 11.53
CA ILE C 292 21.16 49.83 10.63
C ILE C 292 20.51 50.07 9.28
N PRO C 293 21.27 50.21 8.20
CA PRO C 293 20.65 50.35 6.89
C PRO C 293 20.04 49.02 6.46
N TRP C 294 19.08 49.12 5.55
CA TRP C 294 18.47 47.94 4.95
C TRP C 294 18.38 48.16 3.44
N MET C 295 18.35 47.05 2.72
CA MET C 295 18.22 47.09 1.27
C MET C 295 17.40 45.89 0.79
N GLU C 296 16.63 46.12 -0.28
CA GLU C 296 15.88 45.05 -0.92
C GLU C 296 16.78 44.26 -1.86
N TYR C 297 16.60 42.94 -1.88
CA TYR C 297 17.33 42.10 -2.82
C TYR C 297 16.40 41.01 -3.37
N ASN C 298 16.91 40.26 -4.33
CA ASN C 298 16.12 39.28 -5.09
C ASN C 298 17.03 38.13 -5.49
N PHE C 299 16.75 36.94 -4.96
CA PHE C 299 17.53 35.74 -5.25
C PHE C 299 16.75 34.74 -6.11
N PHE C 300 15.82 35.22 -6.95
CA PHE C 300 15.13 34.37 -7.91
C PHE C 300 15.83 34.46 -9.26
N GLY C 301 16.56 33.41 -9.60
CA GLY C 301 17.15 33.31 -10.93
C GLY C 301 18.54 33.89 -10.94
N PRO C 302 19.34 33.52 -11.95
CA PRO C 302 20.74 33.99 -11.99
C PRO C 302 20.88 35.48 -12.22
N THR C 303 20.07 36.07 -13.10
CA THR C 303 20.18 37.51 -13.34
C THR C 303 19.98 38.28 -12.05
N LYS C 304 18.88 38.02 -11.35
CA LYS C 304 18.61 38.74 -10.11
C LYS C 304 19.59 38.38 -9.00
N THR C 305 19.97 37.09 -8.89
CA THR C 305 20.89 36.69 -7.84
C THR C 305 22.24 37.37 -8.01
N ILE C 306 22.72 37.43 -9.26
CA ILE C 306 23.99 38.08 -9.55
C ILE C 306 23.90 39.57 -9.25
N GLU C 307 22.82 40.22 -9.69
CA GLU C 307 22.64 41.63 -9.43
C GLU C 307 22.63 41.90 -7.93
N SER C 308 21.95 41.05 -7.17
CA SER C 308 21.85 41.23 -5.72
C SER C 308 23.20 41.07 -5.03
N LEU C 309 23.92 39.99 -5.35
CA LEU C 309 25.21 39.77 -4.73
C LEU C 309 26.10 40.99 -4.94
N ARG C 310 26.11 41.52 -6.17
CA ARG C 310 26.96 42.68 -6.46
C ARG C 310 26.52 43.91 -5.69
N ALA C 311 25.20 44.13 -5.62
CA ALA C 311 24.71 45.29 -4.89
C ALA C 311 24.98 45.17 -3.40
N ILE C 312 24.86 43.97 -2.85
CA ILE C 312 25.17 43.74 -1.44
C ILE C 312 26.66 43.93 -1.18
N ALA C 313 27.50 43.30 -2.00
CA ALA C 313 28.94 43.41 -1.81
C ALA C 313 29.41 44.86 -1.90
N ALA C 314 28.76 45.66 -2.72
CA ALA C 314 29.17 47.07 -2.89
C ALA C 314 28.99 47.88 -1.62
N LYS C 315 28.21 47.38 -0.66
CA LYS C 315 28.01 48.05 0.62
C LYS C 315 29.19 47.85 1.57
N PHE C 316 30.10 46.94 1.26
CA PHE C 316 31.20 46.58 2.14
C PHE C 316 32.51 47.07 1.51
N ASP C 317 33.52 46.24 1.33
CA ASP C 317 34.80 46.72 0.87
C ASP C 317 35.27 45.84 -0.27
N GLU C 318 36.49 46.13 -0.77
CA GLU C 318 37.03 45.41 -1.91
C GLU C 318 37.17 43.92 -1.65
N SER C 319 37.39 43.52 -0.39
CA SER C 319 37.57 42.11 -0.09
C SER C 319 36.27 41.33 -0.31
N ILE C 320 35.13 41.94 0.03
CA ILE C 320 33.85 41.28 -0.21
C ILE C 320 33.51 41.30 -1.69
N GLN C 321 33.79 42.42 -2.37
CA GLN C 321 33.52 42.46 -3.81
C GLN C 321 34.35 41.43 -4.55
N LYS C 322 35.59 41.20 -4.11
CA LYS C 322 36.42 40.16 -4.70
C LYS C 322 35.79 38.78 -4.52
N LYS C 323 35.36 38.47 -3.29
CA LYS C 323 34.70 37.18 -3.06
C LYS C 323 33.38 37.08 -3.81
N CYS C 324 32.66 38.20 -3.95
CA CYS C 324 31.43 38.21 -4.74
C CYS C 324 31.69 37.72 -6.16
N GLU C 325 32.72 38.25 -6.80
CA GLU C 325 33.00 37.82 -8.16
C GLU C 325 33.50 36.38 -8.20
N GLU C 326 34.16 35.90 -7.13
CA GLU C 326 34.54 34.50 -7.07
C GLU C 326 33.32 33.59 -6.98
N VAL C 327 32.32 33.97 -6.18
CA VAL C 327 31.09 33.20 -6.10
C VAL C 327 30.40 33.16 -7.45
N ILE C 328 30.29 34.31 -8.11
CA ILE C 328 29.65 34.36 -9.42
C ILE C 328 30.37 33.46 -10.40
N ALA C 329 31.71 33.45 -10.37
CA ALA C 329 32.48 32.60 -11.28
C ALA C 329 32.30 31.13 -10.97
N LYS C 330 32.17 30.78 -9.68
CA LYS C 330 31.98 29.39 -9.30
C LYS C 330 30.70 28.83 -9.90
N TYR C 331 29.60 29.57 -9.78
CA TYR C 331 28.29 29.05 -10.14
C TYR C 331 27.91 29.29 -11.60
N LYS C 332 28.64 30.12 -12.31
CA LYS C 332 28.42 30.41 -13.71
C LYS C 332 28.19 29.14 -14.53
N PRO C 333 29.11 28.16 -14.54
CA PRO C 333 28.85 26.96 -15.35
C PRO C 333 27.61 26.20 -14.93
N GLU C 334 27.23 26.29 -13.65
CA GLU C 334 26.08 25.52 -13.17
C GLU C 334 24.77 26.10 -13.70
N TRP C 335 24.54 27.42 -13.55
CA TRP C 335 23.28 27.96 -14.05
C TRP C 335 23.30 28.06 -15.58
N GLU C 336 24.48 28.21 -16.20
CA GLU C 336 24.52 28.21 -17.65
C GLU C 336 24.11 26.86 -18.21
N ALA C 337 24.47 25.77 -17.52
CA ALA C 337 24.04 24.45 -17.95
C ALA C 337 22.53 24.25 -17.74
N VAL C 338 21.96 24.84 -16.67
CA VAL C 338 20.52 24.77 -16.49
C VAL C 338 19.81 25.51 -17.62
N VAL C 339 20.31 26.70 -17.97
CA VAL C 339 19.73 27.46 -19.07
C VAL C 339 19.83 26.66 -20.37
N ALA C 340 21.01 26.10 -20.64
CA ALA C 340 21.21 25.39 -21.89
C ALA C 340 20.26 24.19 -22.02
N LYS C 341 19.92 23.55 -20.92
CA LYS C 341 19.02 22.42 -20.97
C LYS C 341 17.56 22.85 -21.07
N TYR C 342 17.15 23.81 -20.25
CA TYR C 342 15.72 24.05 -20.08
C TYR C 342 15.18 25.26 -20.84
N ARG C 343 15.98 26.28 -21.09
CA ARG C 343 15.46 27.43 -21.82
C ARG C 343 14.95 27.05 -23.21
N PRO C 344 15.63 26.20 -23.98
CA PRO C 344 15.07 25.81 -25.28
C PRO C 344 13.72 25.14 -25.18
N ARG C 345 13.45 24.49 -24.05
CA ARG C 345 12.20 23.78 -23.85
C ARG C 345 11.07 24.66 -23.32
N LEU C 346 11.38 25.92 -22.96
CA LEU C 346 10.41 26.83 -22.36
C LEU C 346 10.34 28.19 -23.06
N GLU C 347 11.27 28.47 -23.98
CA GLU C 347 11.35 29.78 -24.63
C GLU C 347 10.02 30.16 -25.25
N GLY C 348 9.61 31.40 -25.03
CA GLY C 348 8.41 31.95 -25.63
C GLY C 348 7.14 31.64 -24.89
N LYS C 349 7.18 30.74 -23.91
CA LYS C 349 5.96 30.39 -23.20
C LYS C 349 5.56 31.49 -22.22
N ARG C 350 4.25 31.64 -22.08
CA ARG C 350 3.63 32.78 -21.39
C ARG C 350 3.02 32.31 -20.08
N VAL C 351 3.24 33.09 -19.03
CA VAL C 351 2.87 32.74 -17.66
C VAL C 351 1.94 33.81 -17.11
N MET C 352 0.93 33.38 -16.36
CA MET C 352 0.16 34.26 -15.50
C MET C 352 0.39 33.85 -14.06
N LEU C 353 0.62 34.84 -13.20
CA LEU C 353 0.87 34.60 -11.78
C LEU C 353 -0.20 35.24 -10.93
N TYR C 354 -0.48 34.61 -9.79
CA TYR C 354 -1.26 35.26 -8.74
C TYR C 354 -0.79 34.69 -7.41
N ILE C 355 -0.17 35.54 -6.57
CA ILE C 355 0.34 35.07 -5.30
C ILE C 355 0.07 36.17 -4.25
N GLY C 356 0.91 36.30 -3.22
CA GLY C 356 0.52 37.03 -2.02
C GLY C 356 0.96 38.47 -1.94
N GLY C 357 2.25 38.70 -1.65
CA GLY C 357 2.78 40.01 -1.38
C GLY C 357 4.16 40.32 -1.93
N LEU C 358 4.83 39.35 -2.54
CA LEU C 358 6.19 39.52 -3.04
C LEU C 358 6.40 38.79 -4.36
N ARG C 359 6.14 37.49 -4.35
CA ARG C 359 6.52 36.66 -5.48
C ARG C 359 5.86 37.05 -6.81
N PRO C 360 4.68 37.67 -6.85
CA PRO C 360 4.11 38.04 -8.17
C PRO C 360 4.99 38.97 -8.99
N ARG C 361 5.90 39.72 -8.38
CA ARG C 361 6.92 40.45 -9.13
C ARG C 361 8.30 39.84 -8.99
N HIS C 362 8.59 39.18 -7.86
CA HIS C 362 9.96 38.79 -7.59
C HIS C 362 10.44 37.64 -8.46
N VAL C 363 9.54 36.80 -8.97
CA VAL C 363 9.97 35.64 -9.76
C VAL C 363 10.01 35.93 -11.25
N ILE C 364 9.68 37.16 -11.68
CA ILE C 364 9.62 37.45 -13.11
C ILE C 364 10.99 37.23 -13.76
N GLY C 365 12.05 37.70 -13.11
CA GLY C 365 13.38 37.57 -13.70
C GLY C 365 13.77 36.11 -13.94
N ALA C 366 13.41 35.23 -13.02
CA ALA C 366 13.71 33.82 -13.17
C ALA C 366 12.98 33.22 -14.37
N TYR C 367 11.70 33.60 -14.58
CA TYR C 367 11.00 33.15 -15.78
C TYR C 367 11.68 33.68 -17.03
N GLU C 368 12.11 34.95 -17.00
CA GLU C 368 12.75 35.50 -18.18
C GLU C 368 14.11 34.87 -18.43
N ASP C 369 14.80 34.43 -17.38
CA ASP C 369 16.07 33.70 -17.55
C ASP C 369 15.88 32.38 -18.28
N LEU C 370 14.65 31.89 -18.36
CA LEU C 370 14.31 30.71 -19.14
C LEU C 370 13.57 31.05 -20.42
N GLY C 371 13.62 32.31 -20.85
CA GLY C 371 12.99 32.72 -22.08
C GLY C 371 11.49 32.85 -22.00
N MET C 372 10.92 32.81 -20.81
CA MET C 372 9.48 32.87 -20.63
C MET C 372 9.04 34.32 -20.38
N GLU C 373 7.74 34.56 -20.51
CA GLU C 373 7.17 35.89 -20.40
C GLU C 373 5.98 35.86 -19.45
N VAL C 374 5.98 36.75 -18.45
CA VAL C 374 4.87 36.89 -17.53
C VAL C 374 3.91 37.93 -18.11
N VAL C 375 2.76 37.46 -18.58
CA VAL C 375 1.80 38.32 -19.28
C VAL C 375 0.69 38.84 -18.39
N GLY C 376 0.58 38.32 -17.16
CA GLY C 376 -0.34 38.84 -16.18
C GLY C 376 0.16 38.47 -14.80
N THR C 377 -0.02 39.36 -13.84
CA THR C 377 0.34 39.06 -12.47
C THR C 377 -0.55 39.86 -11.54
N GLY C 378 -0.56 39.43 -10.29
CA GLY C 378 -1.35 40.12 -9.28
C GLY C 378 -1.08 39.55 -7.91
N TYR C 379 -1.60 40.25 -6.91
CA TYR C 379 -1.34 39.95 -5.50
C TYR C 379 -2.65 39.86 -4.73
N GLU C 380 -2.66 38.98 -3.74
CA GLU C 380 -3.78 38.94 -2.78
C GLU C 380 -3.83 40.20 -1.92
N PHE C 381 -2.68 40.68 -1.43
CA PHE C 381 -2.72 41.66 -0.35
C PHE C 381 -1.60 42.69 -0.41
N ALA C 382 -0.96 42.90 -1.56
CA ALA C 382 0.08 43.90 -1.72
C ALA C 382 -0.48 45.31 -1.55
N HIS C 383 0.42 46.26 -1.30
CA HIS C 383 0.08 47.67 -1.20
C HIS C 383 0.60 48.40 -2.45
N ASN C 384 0.33 49.70 -2.53
CA ASN C 384 0.71 50.40 -3.75
C ASN C 384 2.22 50.47 -3.91
N ASP C 385 2.98 50.45 -2.83
CA ASP C 385 4.43 50.43 -3.02
C ASP C 385 4.91 49.14 -3.66
N ASP C 386 4.22 48.02 -3.40
CA ASP C 386 4.47 46.80 -4.16
C ASP C 386 4.12 46.98 -5.63
N TYR C 387 2.97 47.60 -5.93
CA TYR C 387 2.59 47.75 -7.32
C TYR C 387 3.54 48.69 -8.05
N ASP C 388 4.06 49.72 -7.38
CA ASP C 388 5.13 50.54 -7.96
C ASP C 388 6.26 49.67 -8.48
N ARG C 389 6.78 48.79 -7.62
CA ARG C 389 7.88 47.90 -8.01
C ARG C 389 7.45 46.95 -9.11
N THR C 390 6.17 46.60 -9.14
CA THR C 390 5.70 45.60 -10.10
C THR C 390 5.65 46.16 -11.51
N MET C 391 5.22 47.41 -11.65
CA MET C 391 5.07 47.99 -12.97
C MET C 391 6.41 48.07 -13.68
N LYS C 392 7.50 48.20 -12.93
CA LYS C 392 8.83 48.24 -13.52
C LYS C 392 9.26 46.86 -14.01
N GLU C 393 8.92 45.80 -13.28
CA GLU C 393 9.31 44.46 -13.67
C GLU C 393 8.46 43.90 -14.80
N MET C 394 7.18 44.24 -14.84
CA MET C 394 6.27 43.68 -15.84
C MET C 394 6.37 44.45 -17.16
N GLY C 395 6.02 43.75 -18.23
CA GLY C 395 6.08 44.33 -19.55
C GLY C 395 4.97 45.34 -19.81
N ASP C 396 5.17 46.15 -20.86
CA ASP C 396 4.12 47.07 -21.29
C ASP C 396 2.87 46.30 -21.70
N SER C 397 1.71 46.85 -21.34
CA SER C 397 0.39 46.35 -21.75
C SER C 397 0.03 45.02 -21.09
N THR C 398 0.77 44.57 -20.08
CA THR C 398 0.40 43.34 -19.38
C THR C 398 -0.71 43.62 -18.38
N LEU C 399 -1.39 42.54 -17.96
CA LEU C 399 -2.53 42.63 -17.05
C LEU C 399 -2.10 42.54 -15.60
N LEU C 400 -2.68 43.39 -14.77
CA LEU C 400 -2.36 43.48 -13.36
C LEU C 400 -3.68 43.38 -12.61
N TYR C 401 -3.73 42.52 -11.59
CA TYR C 401 -4.97 42.36 -10.81
C TYR C 401 -4.70 42.29 -9.32
N ASP C 402 -5.48 43.07 -8.56
CA ASP C 402 -5.37 43.13 -7.11
C ASP C 402 -6.58 42.45 -6.47
N ASP C 403 -6.31 41.55 -5.53
CA ASP C 403 -7.37 40.82 -4.83
C ASP C 403 -8.36 40.23 -5.84
N VAL C 404 -7.81 39.54 -6.83
CA VAL C 404 -8.61 39.00 -7.92
C VAL C 404 -9.68 38.03 -7.42
N THR C 405 -10.86 38.08 -8.03
CA THR C 405 -11.89 37.11 -7.69
C THR C 405 -11.69 35.82 -8.48
N GLY C 406 -12.25 34.73 -7.94
CA GLY C 406 -12.17 33.46 -8.64
C GLY C 406 -12.72 33.59 -10.05
N TYR C 407 -13.86 34.27 -10.19
CA TYR C 407 -14.49 34.47 -11.49
C TYR C 407 -13.59 35.23 -12.45
N GLU C 408 -13.02 36.35 -11.99
CA GLU C 408 -12.10 37.13 -12.82
C GLU C 408 -10.93 36.28 -13.29
N PHE C 409 -10.29 35.59 -12.34
CA PHE C 409 -9.08 34.86 -12.72
C PHE C 409 -9.38 33.82 -13.79
N GLU C 410 -10.50 33.08 -13.63
CA GLU C 410 -10.91 32.11 -14.63
C GLU C 410 -11.18 32.77 -15.97
N GLU C 411 -11.87 33.91 -15.98
CA GLU C 411 -12.23 34.51 -17.26
C GLU C 411 -11.01 35.13 -17.95
N PHE C 412 -10.11 35.75 -17.17
CA PHE C 412 -8.86 36.24 -17.76
C PHE C 412 -8.09 35.10 -18.40
N VAL C 413 -8.00 33.96 -17.71
CA VAL C 413 -7.23 32.83 -18.23
C VAL C 413 -7.86 32.30 -19.51
N LYS C 414 -9.19 32.24 -19.57
CA LYS C 414 -9.83 31.73 -20.78
C LYS C 414 -9.47 32.57 -22.00
N ARG C 415 -9.31 33.89 -21.82
CA ARG C 415 -9.06 34.77 -22.95
C ARG C 415 -7.58 34.82 -23.29
N ILE C 416 -6.73 34.99 -22.27
CA ILE C 416 -5.30 35.16 -22.50
C ILE C 416 -4.64 33.85 -22.90
N LYS C 417 -5.12 32.72 -22.37
CA LYS C 417 -4.63 31.41 -22.71
C LYS C 417 -3.13 31.28 -22.42
N PRO C 418 -2.74 31.50 -21.18
CA PRO C 418 -1.33 31.30 -20.82
C PRO C 418 -0.93 29.85 -20.98
N ASP C 419 0.37 29.64 -21.15
CA ASP C 419 0.89 28.29 -21.25
C ASP C 419 1.10 27.65 -19.89
N LEU C 420 1.20 28.49 -18.85
CA LEU C 420 1.46 28.07 -17.47
C LEU C 420 0.85 29.09 -16.52
N ILE C 421 0.32 28.61 -15.40
CA ILE C 421 -0.19 29.47 -14.34
C ILE C 421 0.57 29.13 -13.07
N GLY C 422 0.97 30.17 -12.33
CA GLY C 422 1.61 30.01 -11.04
C GLY C 422 0.80 30.66 -9.95
N SER C 423 0.22 29.86 -9.05
CA SER C 423 -0.65 30.42 -8.01
C SER C 423 -0.70 29.44 -6.84
N GLY C 424 -1.82 29.41 -6.14
CA GLY C 424 -1.96 28.68 -4.90
C GLY C 424 -2.81 27.41 -4.99
N ILE C 425 -2.97 26.77 -3.82
CA ILE C 425 -3.64 25.47 -3.77
C ILE C 425 -5.12 25.60 -4.10
N LYS C 426 -5.74 26.74 -3.79
CA LYS C 426 -7.15 26.91 -4.11
C LYS C 426 -7.38 27.15 -5.58
N GLU C 427 -6.33 27.45 -6.33
CA GLU C 427 -6.43 27.67 -7.77
C GLU C 427 -5.99 26.47 -8.60
N LYS C 428 -5.07 25.66 -8.06
CA LYS C 428 -4.37 24.64 -8.82
C LYS C 428 -5.33 23.75 -9.62
N PHE C 429 -6.33 23.20 -8.96
CA PHE C 429 -7.07 22.10 -9.59
C PHE C 429 -8.09 22.60 -10.58
N ILE C 430 -8.49 23.86 -10.46
CA ILE C 430 -9.34 24.51 -11.46
C ILE C 430 -8.61 24.55 -12.80
N PHE C 431 -7.38 25.04 -12.80
CA PHE C 431 -6.74 25.27 -14.08
C PHE C 431 -6.21 23.98 -14.69
N GLN C 432 -5.83 23.01 -13.87
CA GLN C 432 -5.47 21.71 -14.41
C GLN C 432 -6.63 21.10 -15.19
N LYS C 433 -7.85 21.25 -14.66
CA LYS C 433 -9.01 20.69 -15.35
C LYS C 433 -9.26 21.41 -16.66
N MET C 434 -8.88 22.69 -16.76
CA MET C 434 -8.95 23.41 -18.01
C MET C 434 -7.83 23.02 -18.97
N GLY C 435 -6.91 22.17 -18.56
CA GLY C 435 -5.83 21.75 -19.43
C GLY C 435 -4.63 22.68 -19.44
N ILE C 436 -4.49 23.52 -18.42
CA ILE C 436 -3.42 24.52 -18.37
C ILE C 436 -2.42 24.06 -17.32
N PRO C 437 -1.16 23.79 -17.69
CA PRO C 437 -0.15 23.46 -16.69
C PRO C 437 -0.13 24.47 -15.55
N PHE C 438 0.00 23.96 -14.33
CA PHE C 438 -0.06 24.79 -13.12
C PHE C 438 1.08 24.42 -12.19
N ARG C 439 1.74 25.43 -11.65
CA ARG C 439 2.73 25.25 -10.59
C ARG C 439 2.34 26.08 -9.37
N GLU C 440 2.34 25.44 -8.21
CA GLU C 440 2.11 26.15 -6.95
C GLU C 440 3.28 27.07 -6.66
N MET C 441 2.99 28.35 -6.46
CA MET C 441 4.07 29.30 -6.23
C MET C 441 4.08 29.83 -4.80
N HIS C 442 3.37 29.16 -3.89
CA HIS C 442 3.60 29.35 -2.45
C HIS C 442 4.40 28.18 -1.90
N SER C 443 3.88 26.97 -2.06
CA SER C 443 4.48 25.74 -1.54
C SER C 443 5.54 25.15 -2.45
N TRP C 444 5.76 25.73 -3.62
CA TRP C 444 6.63 25.16 -4.64
C TRP C 444 6.19 23.77 -5.06
N ASP C 445 4.92 23.43 -4.84
CA ASP C 445 4.39 22.11 -5.20
C ASP C 445 5.24 21.01 -4.57
N TYR C 446 5.66 21.23 -3.32
CA TYR C 446 6.39 20.26 -2.49
C TYR C 446 7.80 20.02 -3.03
N SER C 447 8.30 20.98 -3.79
CA SER C 447 9.64 20.96 -4.37
C SER C 447 10.47 22.11 -3.80
N GLY C 448 11.46 22.58 -4.54
CA GLY C 448 12.32 23.63 -4.06
C GLY C 448 13.53 23.10 -3.31
N PRO C 449 14.41 24.01 -2.86
CA PRO C 449 14.29 25.48 -2.90
C PRO C 449 14.27 26.06 -4.31
N TYR C 450 13.73 27.27 -4.43
CA TYR C 450 13.84 28.06 -5.66
C TYR C 450 14.78 29.26 -5.54
N HIS C 451 15.19 29.66 -4.33
CA HIS C 451 16.13 30.78 -4.19
C HIS C 451 17.55 30.37 -4.52
N GLY C 452 18.32 31.33 -5.04
CA GLY C 452 19.74 31.12 -5.26
C GLY C 452 20.04 30.35 -6.53
N PHE C 453 21.31 30.05 -6.71
CA PHE C 453 21.72 29.28 -7.88
C PHE C 453 21.24 27.83 -7.79
N ASP C 454 21.36 27.21 -6.62
CA ASP C 454 20.89 25.83 -6.48
C ASP C 454 19.39 25.75 -6.65
N GLY C 455 18.67 26.78 -6.21
CA GLY C 455 17.23 26.81 -6.38
C GLY C 455 16.79 27.03 -7.81
N PHE C 456 17.58 27.78 -8.59
CA PHE C 456 17.22 28.00 -9.98
C PHE C 456 17.15 26.70 -10.77
N ALA C 457 18.08 25.77 -10.49
CA ALA C 457 18.07 24.48 -11.18
C ALA C 457 16.77 23.72 -10.93
N ILE C 458 16.31 23.74 -9.69
CA ILE C 458 15.07 23.05 -9.32
C ILE C 458 13.87 23.75 -9.94
N PHE C 459 13.85 25.08 -9.90
CA PHE C 459 12.78 25.87 -10.52
C PHE C 459 12.67 25.54 -12.00
N ALA C 460 13.79 25.52 -12.70
CA ALA C 460 13.78 25.25 -14.13
C ALA C 460 13.29 23.84 -14.43
N ARG C 461 13.86 22.83 -13.74
CA ARG C 461 13.40 21.46 -13.87
C ARG C 461 11.89 21.36 -13.66
N ASP C 462 11.38 22.07 -12.65
CA ASP C 462 9.96 22.00 -12.30
C ASP C 462 9.08 22.68 -13.33
N MET C 463 9.45 23.86 -13.85
CA MET C 463 8.61 24.48 -14.87
C MET C 463 8.56 23.61 -16.11
N ASP C 464 9.69 23.00 -16.46
CA ASP C 464 9.75 22.11 -17.61
C ASP C 464 8.93 20.83 -17.39
N MET C 465 9.07 20.19 -16.22
CA MET C 465 8.38 18.91 -16.05
C MET C 465 6.88 19.09 -16.19
N THR C 466 6.36 20.23 -15.72
CA THR C 466 4.94 20.47 -15.74
C THR C 466 4.48 21.04 -17.09
N LEU C 467 5.15 22.08 -17.60
CA LEU C 467 4.70 22.66 -18.87
C LEU C 467 4.74 21.65 -20.00
N ASN C 468 5.77 20.80 -20.06
CA ASN C 468 5.92 19.88 -21.19
C ASN C 468 5.42 18.48 -20.88
N ASN C 469 4.64 18.32 -19.82
CA ASN C 469 4.26 16.99 -19.39
C ASN C 469 3.34 16.33 -20.41
N PRO C 470 3.45 15.02 -20.61
CA PRO C 470 2.56 14.35 -21.57
C PRO C 470 1.08 14.42 -21.23
N CYS C 471 0.73 14.63 -19.96
CA CYS C 471 -0.69 14.60 -19.59
C CYS C 471 -1.50 15.69 -20.27
N TRP C 472 -0.89 16.84 -20.62
CA TRP C 472 -1.66 17.98 -21.16
C TRP C 472 -2.15 17.76 -22.59
N LYS C 473 -1.64 16.75 -23.27
CA LYS C 473 -2.09 16.42 -24.62
C LYS C 473 -3.27 15.44 -24.61
N LYS C 474 -3.78 15.07 -23.44
CA LYS C 474 -4.69 13.94 -23.31
C LYS C 474 -6.05 14.31 -22.78
N LEU C 475 -6.37 15.59 -22.67
CA LEU C 475 -7.62 15.93 -22.00
C LEU C 475 -8.83 15.64 -22.89
N GLN C 476 -8.71 15.74 -24.20
CA GLN C 476 -9.85 15.55 -25.08
C GLN C 476 -9.95 14.07 -25.47
N ALA C 477 -11.08 13.45 -25.17
CA ALA C 477 -11.31 12.07 -25.61
C ALA C 477 -11.25 11.98 -27.13
N PRO C 478 -10.62 10.96 -27.69
CA PRO C 478 -10.47 10.89 -29.17
C PRO C 478 -11.80 10.82 -29.91
N TRP C 479 -12.88 10.40 -29.26
CA TRP C 479 -14.20 10.37 -29.88
C TRP C 479 -14.99 11.67 -29.71
N GLU C 480 -14.42 12.70 -29.10
CA GLU C 480 -15.08 14.01 -29.01
C GLU C 480 -14.17 15.06 -29.67
N SER D 2 25.68 23.59 -4.63
CA SER D 2 25.99 23.17 -5.99
C SER D 2 24.98 22.16 -6.53
N GLN D 3 24.85 22.12 -7.85
CA GLN D 3 23.99 21.18 -8.54
C GLN D 3 24.74 20.59 -9.74
N GLN D 4 24.49 19.31 -10.01
CA GLN D 4 24.87 18.68 -11.26
C GLN D 4 23.63 18.67 -12.16
N VAL D 5 23.73 19.28 -13.33
CA VAL D 5 22.52 19.60 -14.11
C VAL D 5 21.74 18.35 -14.50
N ASP D 6 22.41 17.22 -14.73
CA ASP D 6 21.69 16.03 -15.13
C ASP D 6 21.18 15.21 -13.95
N LYS D 7 21.45 15.65 -12.71
CA LYS D 7 20.91 14.96 -11.53
C LYS D 7 20.69 16.04 -10.45
N ILE D 8 19.70 16.88 -10.73
CA ILE D 8 19.37 17.99 -9.83
C ILE D 8 18.80 17.44 -8.53
N LYS D 9 19.23 18.01 -7.41
CA LYS D 9 18.76 17.64 -6.07
C LYS D 9 17.77 18.68 -5.54
N ALA D 10 16.59 18.22 -5.11
CA ALA D 10 15.69 19.02 -4.29
C ALA D 10 16.20 19.06 -2.85
N SER D 11 15.48 19.80 -1.99
CA SER D 11 15.88 20.01 -0.59
C SER D 11 16.42 18.72 0.03
N TYR D 12 15.68 17.61 -0.09
CA TYR D 12 16.24 16.30 0.18
C TYR D 12 16.63 15.65 -1.15
N PRO D 13 17.91 15.31 -1.37
CA PRO D 13 19.06 15.33 -0.45
C PRO D 13 20.02 16.52 -0.54
N LEU D 14 19.65 17.62 -1.22
CA LEU D 14 20.59 18.73 -1.41
C LEU D 14 21.26 19.13 -0.10
N PHE D 15 20.47 19.35 0.95
CA PHE D 15 21.02 19.95 2.17
C PHE D 15 21.84 18.96 2.99
N LEU D 16 21.99 17.71 2.54
CA LEU D 16 22.93 16.76 3.12
C LEU D 16 24.35 16.90 2.55
N ASP D 17 24.54 17.68 1.49
CA ASP D 17 25.87 17.98 1.03
C ASP D 17 26.70 18.62 2.14
N GLN D 18 28.01 18.35 2.12
CA GLN D 18 28.87 18.81 3.21
C GLN D 18 28.87 20.32 3.38
N ASP D 19 28.88 21.08 2.28
CA ASP D 19 28.93 22.52 2.49
C ASP D 19 27.66 23.01 3.20
N TYR D 20 26.49 22.50 2.81
CA TYR D 20 25.28 22.85 3.54
C TYR D 20 25.30 22.39 4.99
N LYS D 21 25.80 21.19 5.25
CA LYS D 21 25.91 20.71 6.62
C LYS D 21 26.80 21.63 7.44
N ASP D 22 27.95 22.01 6.87
CA ASP D 22 28.87 22.86 7.61
C ASP D 22 28.23 24.21 7.90
N MET D 23 27.51 24.76 6.92
CA MET D 23 26.82 26.03 7.10
C MET D 23 25.77 25.93 8.20
N LEU D 24 25.01 24.84 8.24
CA LEU D 24 23.97 24.70 9.26
C LEU D 24 24.58 24.50 10.64
N ALA D 25 25.71 23.82 10.72
CA ALA D 25 26.40 23.69 12.00
C ALA D 25 26.88 25.05 12.50
N LYS D 26 27.37 25.90 11.59
CA LYS D 26 27.84 27.22 11.99
C LYS D 26 26.69 28.14 12.41
N LYS D 27 25.53 28.02 11.73
CA LYS D 27 24.37 28.81 12.14
C LYS D 27 23.97 28.46 13.56
N ARG D 28 23.88 27.16 13.85
CA ARG D 28 23.52 26.68 15.18
C ARG D 28 24.51 27.19 16.22
N ASP D 29 25.79 26.89 16.00
CA ASP D 29 26.78 27.17 17.04
C ASP D 29 26.96 28.67 17.25
N GLY D 30 26.84 29.45 16.17
CA GLY D 30 27.09 30.88 16.22
C GLY D 30 25.96 31.71 16.81
N PHE D 31 24.70 31.35 16.51
CA PHE D 31 23.59 32.29 16.71
C PHE D 31 22.32 31.69 17.31
N GLU D 32 22.15 30.37 17.34
CA GLU D 32 20.91 29.78 17.80
C GLU D 32 20.87 29.52 19.31
N GLU D 33 22.01 29.58 20.00
CA GLU D 33 22.08 29.34 21.44
C GLU D 33 21.28 28.09 21.79
N LYS D 34 21.56 27.03 21.04
CA LYS D 34 20.80 25.80 21.13
C LYS D 34 21.16 25.00 22.38
N TYR D 35 20.17 24.33 22.96
CA TYR D 35 20.45 23.38 24.04
C TYR D 35 21.45 22.31 23.58
N PRO D 36 22.33 21.84 24.46
CA PRO D 36 23.25 20.78 24.08
C PRO D 36 22.51 19.52 23.68
N GLN D 37 23.09 18.80 22.72
CA GLN D 37 22.44 17.58 22.22
C GLN D 37 22.19 16.58 23.34
N ASP D 38 23.10 16.46 24.31
CA ASP D 38 22.85 15.53 25.40
C ASP D 38 21.60 15.91 26.18
N LYS D 39 21.34 17.20 26.32
CA LYS D 39 20.16 17.64 27.03
C LYS D 39 18.91 17.40 26.21
N ILE D 40 18.99 17.64 24.90
CA ILE D 40 17.88 17.33 24.01
C ILE D 40 17.53 15.84 24.12
N ASP D 41 18.55 14.98 24.11
CA ASP D 41 18.32 13.54 24.23
C ASP D 41 17.66 13.19 25.55
N GLU D 42 18.11 13.82 26.64
CA GLU D 42 17.55 13.55 27.95
C GLU D 42 16.07 13.92 28.00
N VAL D 43 15.72 15.10 27.48
CA VAL D 43 14.31 15.52 27.53
C VAL D 43 13.48 14.62 26.61
N PHE D 44 14.00 14.29 25.43
CA PHE D 44 13.28 13.38 24.54
C PHE D 44 12.95 12.07 25.25
N GLN D 45 13.96 11.45 25.85
CA GLN D 45 13.72 10.22 26.58
C GLN D 45 12.65 10.42 27.64
N TRP D 46 12.75 11.53 28.38
CA TRP D 46 11.75 11.81 29.40
C TRP D 46 10.33 11.84 28.81
N THR D 47 10.17 12.42 27.60
CA THR D 47 8.84 12.52 27.01
C THR D 47 8.26 11.17 26.61
N THR D 48 9.04 10.08 26.65
CA THR D 48 8.55 8.75 26.32
C THR D 48 8.14 7.95 27.54
N THR D 49 8.23 8.52 28.74
CA THR D 49 8.09 7.78 29.98
C THR D 49 6.67 7.85 30.54
N LYS D 50 6.37 6.92 31.44
CA LYS D 50 5.10 6.97 32.16
C LYS D 50 4.98 8.20 33.03
N GLU D 51 6.10 8.64 33.62
CA GLU D 51 6.06 9.85 34.43
C GLU D 51 5.60 11.02 33.59
N TYR D 52 6.15 11.16 32.40
CA TYR D 52 5.69 12.24 31.53
C TYR D 52 4.24 12.04 31.16
N GLN D 53 3.84 10.80 30.88
CA GLN D 53 2.45 10.54 30.51
C GLN D 53 1.47 11.03 31.56
N GLU D 54 1.79 10.82 32.84
CA GLU D 54 0.86 11.24 33.89
C GLU D 54 0.71 12.76 33.92
N LEU D 55 1.83 13.49 33.75
CA LEU D 55 1.72 14.95 33.67
C LEU D 55 0.92 15.36 32.45
N ASN D 56 1.19 14.69 31.32
CA ASN D 56 0.54 14.97 30.05
C ASN D 56 -0.97 14.82 30.16
N PHE D 57 -1.42 13.75 30.80
CA PHE D 57 -2.84 13.51 30.98
C PHE D 57 -3.47 14.35 32.09
N GLN D 58 -2.68 15.11 32.84
CA GLN D 58 -3.23 16.06 33.80
C GLN D 58 -3.57 17.40 33.19
N ARG D 59 -3.28 17.61 31.90
CA ARG D 59 -3.60 18.87 31.25
C ARG D 59 -5.09 19.19 31.33
N GLU D 60 -5.40 20.46 31.61
CA GLU D 60 -6.76 20.96 31.60
C GLU D 60 -6.95 22.16 30.68
N ALA D 61 -5.90 22.86 30.33
CA ALA D 61 -6.00 24.09 29.55
C ALA D 61 -5.33 24.02 28.18
N LEU D 62 -4.23 23.30 28.06
CA LEU D 62 -3.44 23.21 26.83
C LEU D 62 -3.93 22.03 25.99
N THR D 63 -4.15 22.28 24.69
CA THR D 63 -4.37 21.21 23.72
C THR D 63 -3.18 21.18 22.77
N VAL D 64 -2.70 19.98 22.46
CA VAL D 64 -1.56 19.85 21.58
C VAL D 64 -1.90 18.83 20.49
N ASN D 65 -1.80 19.25 19.24
CA ASN D 65 -2.04 18.37 18.11
C ASN D 65 -3.43 17.76 18.18
N PRO D 66 -4.47 18.60 18.10
CA PRO D 66 -5.86 18.10 18.13
C PRO D 66 -6.17 17.14 16.99
N ALA D 67 -7.21 16.34 17.21
CA ALA D 67 -7.74 15.46 16.20
C ALA D 67 -9.20 15.80 15.94
N LYS D 68 -9.44 17.06 15.63
CA LYS D 68 -10.74 17.58 15.26
C LYS D 68 -10.54 18.92 14.58
N ALA D 69 -11.59 19.39 13.91
CA ALA D 69 -11.62 20.74 13.35
C ALA D 69 -12.89 21.46 13.82
N CYS D 70 -13.20 22.62 13.26
CA CYS D 70 -14.29 23.45 13.78
C CYS D 70 -15.54 23.33 12.88
N GLN D 71 -16.70 23.68 13.48
CA GLN D 71 -18.02 23.48 12.86
C GLN D 71 -18.13 23.88 11.39
N PRO D 72 -17.80 25.11 10.99
CA PRO D 72 -18.11 25.52 9.61
C PRO D 72 -17.44 24.67 8.56
N LEU D 73 -16.32 23.98 8.86
CA LEU D 73 -15.77 23.04 7.88
C LEU D 73 -16.80 21.99 7.50
N GLY D 74 -17.52 21.46 8.49
CA GLY D 74 -18.53 20.45 8.21
C GLY D 74 -19.75 21.02 7.51
N ALA D 75 -20.14 22.26 7.83
CA ALA D 75 -21.26 22.88 7.13
C ALA D 75 -20.94 23.06 5.66
N VAL D 76 -19.69 23.40 5.35
CA VAL D 76 -19.27 23.56 3.95
C VAL D 76 -19.37 22.22 3.24
N LEU D 77 -18.84 21.15 3.84
CA LEU D 77 -18.90 19.84 3.20
C LEU D 77 -20.34 19.39 2.98
N CYS D 78 -21.21 19.66 3.96
CA CYS D 78 -22.63 19.31 3.82
C CYS D 78 -23.24 20.07 2.66
N ALA D 79 -22.97 21.37 2.58
CA ALA D 79 -23.59 22.21 1.56
C ALA D 79 -23.13 21.79 0.17
N LEU D 80 -21.87 21.39 0.05
CA LEU D 80 -21.35 20.94 -1.23
C LEU D 80 -22.14 19.78 -1.80
N GLY D 81 -22.88 19.04 -0.97
CA GLY D 81 -23.60 17.88 -1.43
C GLY D 81 -24.94 18.19 -2.07
N PHE D 82 -25.26 19.46 -2.28
CA PHE D 82 -26.53 19.81 -2.89
C PHE D 82 -26.33 20.45 -4.26
N GLU D 83 -27.29 20.17 -5.15
CA GLU D 83 -27.17 20.56 -6.55
C GLU D 83 -27.00 22.07 -6.67
N LYS D 84 -25.99 22.47 -7.45
CA LYS D 84 -25.65 23.84 -7.78
C LYS D 84 -25.73 24.75 -6.55
N THR D 85 -25.19 24.27 -5.43
CA THR D 85 -25.25 24.99 -4.18
C THR D 85 -23.88 25.56 -3.86
N MET D 86 -23.86 26.84 -3.51
CA MET D 86 -22.65 27.51 -3.07
C MET D 86 -22.64 27.51 -1.55
N PRO D 87 -21.65 26.88 -0.91
CA PRO D 87 -21.44 27.14 0.51
C PRO D 87 -21.02 28.58 0.72
N TYR D 88 -21.56 29.19 1.77
CA TYR D 88 -21.41 30.60 2.05
C TYR D 88 -21.25 30.73 3.55
N VAL D 89 -20.14 31.30 4.00
CA VAL D 89 -19.88 31.38 5.43
C VAL D 89 -19.89 32.86 5.81
N HIS D 90 -20.91 33.20 6.58
CA HIS D 90 -21.10 34.57 7.07
C HIS D 90 -20.11 34.86 8.20
N GLY D 91 -19.27 35.87 8.01
CA GLY D 91 -18.20 36.16 8.96
C GLY D 91 -16.89 36.48 8.25
N SER D 92 -15.77 36.01 8.81
CA SER D 92 -14.44 36.41 8.37
C SER D 92 -13.94 35.56 7.23
N GLN D 93 -13.29 36.19 6.25
CA GLN D 93 -12.87 35.48 5.06
C GLN D 93 -11.68 34.57 5.30
N GLY D 94 -10.84 34.83 6.31
CA GLY D 94 -9.72 33.94 6.57
C GLY D 94 -10.15 32.51 6.81
N CYS D 95 -11.29 32.33 7.47
CA CYS D 95 -11.81 31.00 7.70
C CYS D 95 -12.02 30.25 6.38
N VAL D 96 -12.57 30.93 5.39
CA VAL D 96 -12.95 30.29 4.15
C VAL D 96 -11.74 29.88 3.34
N ALA D 97 -10.68 30.70 3.35
CA ALA D 97 -9.44 30.28 2.70
C ALA D 97 -8.95 28.97 3.31
N TYR D 98 -9.05 28.86 4.63
CA TYR D 98 -8.60 27.64 5.32
C TYR D 98 -9.52 26.46 5.03
N PHE D 99 -10.84 26.64 5.04
CA PHE D 99 -11.72 25.52 4.72
C PHE D 99 -11.43 24.99 3.33
N ARG D 100 -11.30 25.90 2.37
CA ARG D 100 -11.10 25.48 1.00
C ARG D 100 -9.79 24.73 0.87
N SER D 101 -8.72 25.30 1.42
CA SER D 101 -7.42 24.68 1.24
C SER D 101 -7.33 23.33 1.96
N TYR D 102 -7.98 23.19 3.11
CA TYR D 102 -7.99 21.93 3.84
C TYR D 102 -8.59 20.82 2.99
N PHE D 103 -9.75 21.08 2.40
CA PHE D 103 -10.37 20.11 1.52
C PHE D 103 -9.63 19.99 0.18
N ASN D 104 -9.11 21.11 -0.37
CA ASN D 104 -8.31 21.01 -1.60
C ASN D 104 -7.26 19.92 -1.46
N ARG D 105 -6.54 19.91 -0.33
CA ARG D 105 -5.40 19.03 -0.14
C ARG D 105 -5.80 17.56 0.07
N HIS D 106 -6.98 17.29 0.64
CA HIS D 106 -7.44 15.93 0.86
C HIS D 106 -8.03 15.32 -0.41
N PHE D 107 -8.87 16.07 -1.14
CA PHE D 107 -9.54 15.56 -2.33
C PHE D 107 -8.75 15.84 -3.62
N ARG D 108 -7.76 16.73 -3.57
CA ARG D 108 -7.02 17.18 -4.76
C ARG D 108 -8.01 17.63 -5.84
N GLU D 109 -8.93 18.50 -5.43
CA GLU D 109 -10.00 19.01 -6.27
C GLU D 109 -10.26 20.46 -5.90
N PRO D 110 -10.87 21.23 -6.80
CA PRO D 110 -11.39 22.54 -6.41
C PRO D 110 -12.45 22.36 -5.33
N VAL D 111 -12.53 23.36 -4.48
CA VAL D 111 -13.52 23.42 -3.40
C VAL D 111 -14.06 24.83 -3.40
N SER D 112 -15.33 24.99 -3.77
CA SER D 112 -15.91 26.32 -3.93
C SER D 112 -16.66 26.68 -2.65
N CYS D 113 -16.40 27.89 -2.17
CA CYS D 113 -17.00 28.43 -0.96
C CYS D 113 -16.75 29.93 -0.94
N VAL D 114 -17.75 30.70 -0.51
CA VAL D 114 -17.57 32.15 -0.41
C VAL D 114 -17.71 32.57 1.04
N SER D 115 -17.19 33.78 1.30
CA SER D 115 -17.29 34.53 2.54
C SER D 115 -18.09 35.79 2.22
N ASP D 116 -18.66 36.47 3.23
CA ASP D 116 -19.10 37.84 2.98
C ASP D 116 -18.19 38.87 3.65
N SER D 117 -17.00 38.44 4.08
CA SER D 117 -15.87 39.34 4.36
C SER D 117 -16.19 40.40 5.40
N MET D 118 -16.73 39.97 6.54
CA MET D 118 -16.94 40.87 7.64
C MET D 118 -15.60 41.30 8.22
N THR D 119 -15.51 42.56 8.61
CA THR D 119 -14.29 43.13 9.14
C THR D 119 -14.54 43.74 10.52
N GLU D 120 -13.51 44.38 11.06
CA GLU D 120 -13.55 44.83 12.44
C GLU D 120 -14.73 45.76 12.71
N ASP D 121 -15.08 46.59 11.74
CA ASP D 121 -16.15 47.56 11.96
C ASP D 121 -17.48 46.88 12.30
N ALA D 122 -17.70 45.66 11.80
CA ALA D 122 -18.96 44.95 12.07
C ALA D 122 -19.20 44.73 13.57
N ALA D 123 -18.17 44.84 14.41
CA ALA D 123 -18.38 44.74 15.85
C ALA D 123 -19.19 45.92 16.39
N VAL D 124 -19.24 47.02 15.65
CA VAL D 124 -20.09 48.12 16.04
C VAL D 124 -21.50 47.90 15.53
N PHE D 125 -21.65 47.57 14.25
CA PHE D 125 -22.96 47.63 13.61
C PHE D 125 -23.46 46.33 13.01
N GLY D 126 -22.73 45.23 13.15
CA GLY D 126 -23.21 43.94 12.71
C GLY D 126 -22.97 43.71 11.23
N GLY D 127 -23.23 42.47 10.79
CA GLY D 127 -22.92 42.08 9.43
C GLY D 127 -24.07 42.06 8.44
N GLN D 128 -25.11 42.87 8.68
CA GLN D 128 -26.29 42.86 7.82
C GLN D 128 -25.95 43.27 6.38
N GLN D 129 -25.21 44.36 6.21
CA GLN D 129 -24.90 44.82 4.86
C GLN D 129 -24.00 43.82 4.13
N ASN D 130 -23.05 43.23 4.85
CA ASN D 130 -22.26 42.15 4.25
C ASN D 130 -23.15 41.05 3.70
N MET D 131 -24.19 40.65 4.44
CA MET D 131 -25.09 39.59 3.98
C MET D 131 -25.84 40.02 2.72
N LYS D 132 -26.40 41.24 2.72
CA LYS D 132 -27.14 41.73 1.58
C LYS D 132 -26.29 41.77 0.31
N ASP D 133 -25.16 42.47 0.36
CA ASP D 133 -24.30 42.55 -0.81
C ASP D 133 -23.70 41.18 -1.14
N GLY D 134 -23.35 40.41 -0.11
CA GLY D 134 -22.75 39.11 -0.34
C GLY D 134 -23.66 38.15 -1.08
N LEU D 135 -24.93 38.05 -0.63
CA LEU D 135 -25.87 37.17 -1.33
C LEU D 135 -26.07 37.61 -2.78
N GLN D 136 -26.25 38.91 -3.02
CA GLN D 136 -26.45 39.41 -4.38
C GLN D 136 -25.22 39.18 -5.24
N ASN D 137 -24.03 39.47 -4.71
CA ASN D 137 -22.80 39.29 -5.48
C ASN D 137 -22.59 37.84 -5.83
N CYS D 138 -22.82 36.97 -4.87
CA CYS D 138 -22.58 35.56 -5.08
C CYS D 138 -23.54 35.00 -6.12
N LYS D 139 -24.82 35.30 -5.98
CA LYS D 139 -25.80 34.78 -6.94
C LYS D 139 -25.49 35.24 -8.35
N ALA D 140 -25.10 36.50 -8.51
CA ALA D 140 -24.84 37.04 -9.84
C ALA D 140 -23.57 36.47 -10.45
N THR D 141 -22.52 36.32 -9.65
CA THR D 141 -21.20 36.01 -10.17
C THR D 141 -21.04 34.52 -10.40
N TYR D 142 -21.48 33.70 -9.46
CA TYR D 142 -21.25 32.26 -9.53
C TYR D 142 -22.53 31.50 -9.88
N LYS D 143 -23.66 32.19 -10.03
CA LYS D 143 -24.89 31.60 -10.53
C LYS D 143 -25.24 30.25 -9.88
N PRO D 144 -25.17 30.18 -8.54
CA PRO D 144 -25.73 29.01 -7.86
C PRO D 144 -27.25 29.05 -7.93
N ASP D 145 -27.86 27.89 -7.76
CA ASP D 145 -29.30 27.83 -7.56
C ASP D 145 -29.70 27.84 -6.10
N MET D 146 -28.73 27.72 -5.18
CA MET D 146 -29.02 27.76 -3.75
C MET D 146 -27.74 28.24 -3.09
N ILE D 147 -27.89 29.02 -2.03
CA ILE D 147 -26.78 29.44 -1.19
C ILE D 147 -27.06 28.93 0.22
N ALA D 148 -26.12 28.17 0.77
CA ALA D 148 -26.29 27.57 2.08
C ALA D 148 -25.37 28.26 3.06
N VAL D 149 -25.95 28.92 4.05
CA VAL D 149 -25.23 29.87 4.89
C VAL D 149 -24.88 29.25 6.24
N SER D 150 -23.60 29.33 6.60
CA SER D 150 -23.12 29.03 7.95
C SER D 150 -22.37 30.25 8.51
N THR D 151 -21.70 30.08 9.65
CA THR D 151 -21.05 31.21 10.33
C THR D 151 -19.65 30.89 10.82
N THR D 152 -18.83 31.93 10.88
CA THR D 152 -17.56 31.90 11.60
C THR D 152 -17.74 32.48 12.99
N CYS D 153 -16.71 32.30 13.82
CA CYS D 153 -16.88 32.57 15.24
C CYS D 153 -17.01 34.07 15.53
N MET D 154 -16.43 34.93 14.69
CA MET D 154 -16.63 36.36 14.89
C MET D 154 -18.10 36.73 14.77
N ALA D 155 -18.80 36.16 13.80
CA ALA D 155 -20.22 36.48 13.66
C ALA D 155 -21.04 35.90 14.79
N GLU D 156 -20.63 34.75 15.33
CA GLU D 156 -21.34 34.18 16.48
C GLU D 156 -21.11 35.03 17.73
N VAL D 157 -19.88 35.48 17.98
CA VAL D 157 -19.63 36.25 19.19
C VAL D 157 -20.38 37.58 19.15
N ILE D 158 -20.41 38.25 18.00
CA ILE D 158 -21.12 39.52 17.97
C ILE D 158 -22.63 39.33 17.89
N GLY D 159 -23.08 38.12 17.54
CA GLY D 159 -24.48 37.76 17.69
C GLY D 159 -25.36 38.07 16.51
N ASP D 160 -24.82 38.09 15.29
CA ASP D 160 -25.63 38.35 14.11
C ASP D 160 -26.81 37.40 14.03
N ASP D 161 -27.99 37.95 13.76
CA ASP D 161 -29.20 37.16 13.59
C ASP D 161 -29.30 36.79 12.11
N LEU D 162 -28.79 35.58 11.77
CA LEU D 162 -28.77 35.11 10.37
C LEU D 162 -30.15 35.19 9.74
N ASN D 163 -31.15 34.68 10.46
CA ASN D 163 -32.51 34.62 9.94
C ASN D 163 -33.00 36.01 9.55
N ALA D 164 -32.87 36.98 10.45
CA ALA D 164 -33.33 38.33 10.12
C ALA D 164 -32.52 38.91 8.97
N PHE D 165 -31.22 38.66 8.96
CA PHE D 165 -30.36 39.25 7.92
C PHE D 165 -30.71 38.71 6.56
N ILE D 166 -31.00 37.41 6.46
CA ILE D 166 -31.39 36.80 5.20
C ILE D 166 -32.79 37.28 4.80
N ASN D 167 -33.72 37.28 5.76
CA ASN D 167 -35.04 37.83 5.45
C ASN D 167 -34.95 39.27 4.93
N ASN D 168 -34.12 40.10 5.56
CA ASN D 168 -34.02 41.50 5.14
C ASN D 168 -33.35 41.63 3.77
N SER D 169 -32.43 40.72 3.44
CA SER D 169 -31.84 40.70 2.10
C SER D 169 -32.90 40.46 1.04
N LYS D 170 -33.85 39.59 1.33
CA LYS D 170 -34.93 39.32 0.38
C LYS D 170 -35.91 40.49 0.35
N LYS D 171 -36.28 41.01 1.52
CA LYS D 171 -37.26 42.10 1.57
C LYS D 171 -36.77 43.31 0.79
N GLU D 172 -35.47 43.63 0.90
CA GLU D 172 -34.91 44.80 0.27
C GLU D 172 -34.44 44.56 -1.16
N GLY D 173 -34.71 43.38 -1.71
CA GLY D 173 -34.51 43.14 -3.12
C GLY D 173 -33.12 42.72 -3.54
N PHE D 174 -32.25 42.34 -2.60
CA PHE D 174 -30.91 41.94 -3.00
C PHE D 174 -30.92 40.58 -3.69
N ILE D 175 -31.83 39.70 -3.28
CA ILE D 175 -32.09 38.46 -4.01
C ILE D 175 -33.59 38.21 -4.07
N PRO D 176 -34.05 37.46 -5.08
CA PRO D 176 -35.49 37.15 -5.16
C PRO D 176 -35.95 36.35 -3.95
N ASP D 177 -37.20 36.58 -3.53
CA ASP D 177 -37.63 35.95 -2.29
C ASP D 177 -37.66 34.42 -2.40
N GLU D 178 -37.90 33.88 -3.60
CA GLU D 178 -37.98 32.43 -3.76
C GLU D 178 -36.60 31.77 -3.85
N PHE D 179 -35.53 32.55 -3.93
CA PHE D 179 -34.20 31.95 -4.05
C PHE D 179 -33.84 31.28 -2.72
N PRO D 180 -33.46 30.00 -2.73
CA PRO D 180 -33.29 29.28 -1.45
C PRO D 180 -32.00 29.64 -0.72
N VAL D 181 -32.13 30.09 0.53
CA VAL D 181 -31.01 30.43 1.39
C VAL D 181 -31.21 29.76 2.74
N PRO D 182 -31.08 28.45 2.83
CA PRO D 182 -31.05 27.78 4.13
C PRO D 182 -29.82 28.22 4.91
N PHE D 183 -29.91 28.12 6.24
CA PHE D 183 -28.82 28.64 7.07
C PHE D 183 -28.73 27.84 8.35
N ALA D 184 -27.58 27.95 9.01
CA ALA D 184 -27.36 27.36 10.32
C ALA D 184 -26.29 28.15 11.04
N HIS D 185 -26.51 28.38 12.33
CA HIS D 185 -25.45 28.92 13.18
C HIS D 185 -24.46 27.81 13.47
N THR D 186 -23.16 28.05 13.21
CA THR D 186 -22.15 27.00 13.35
C THR D 186 -20.97 27.53 14.16
N PRO D 187 -21.16 27.71 15.46
CA PRO D 187 -20.08 28.26 16.29
C PRO D 187 -18.93 27.28 16.46
N SER D 188 -17.71 27.75 16.15
CA SER D 188 -16.54 26.88 16.21
C SER D 188 -16.15 26.50 17.63
N PHE D 189 -16.62 27.24 18.62
CA PHE D 189 -16.35 26.94 20.02
C PHE D 189 -17.37 25.96 20.60
N VAL D 190 -18.21 25.35 19.77
CA VAL D 190 -19.12 24.29 20.19
C VAL D 190 -18.82 23.06 19.35
N GLY D 191 -18.66 21.93 20.02
CA GLY D 191 -18.49 20.68 19.31
C GLY D 191 -17.29 20.71 18.37
N SER D 192 -17.51 20.29 17.14
CA SER D 192 -16.44 20.16 16.17
C SER D 192 -17.02 20.22 14.77
N HIS D 193 -16.17 19.96 13.78
CA HIS D 193 -16.60 19.97 12.39
C HIS D 193 -17.81 19.07 12.15
N VAL D 194 -17.94 17.94 12.87
CA VAL D 194 -19.10 17.09 12.59
C VAL D 194 -20.39 17.73 13.09
N THR D 195 -20.34 18.51 14.17
CA THR D 195 -21.50 19.26 14.65
C THR D 195 -21.97 20.27 13.62
N GLY D 196 -21.00 20.91 12.94
CA GLY D 196 -21.37 21.86 11.89
C GLY D 196 -22.11 21.20 10.76
N TRP D 197 -21.73 19.96 10.41
CA TRP D 197 -22.44 19.20 9.39
C TRP D 197 -23.89 18.95 9.82
N ASP D 198 -24.07 18.45 11.04
CA ASP D 198 -25.40 18.25 11.61
C ASP D 198 -26.22 19.55 11.57
N ASN D 199 -25.64 20.64 12.08
CA ASN D 199 -26.36 21.91 12.10
C ASN D 199 -26.72 22.36 10.69
N MET D 200 -25.78 22.25 9.74
CA MET D 200 -26.10 22.69 8.39
C MET D 200 -27.20 21.84 7.80
N PHE D 201 -27.11 20.52 7.98
CA PHE D 201 -28.08 19.65 7.34
C PHE D 201 -29.48 19.92 7.89
N GLU D 202 -29.58 20.02 9.21
CA GLU D 202 -30.88 20.29 9.81
C GLU D 202 -31.46 21.62 9.31
N GLY D 203 -30.61 22.63 9.11
CA GLY D 203 -31.09 23.90 8.58
C GLY D 203 -31.63 23.78 7.17
N ILE D 204 -30.95 22.98 6.33
CA ILE D 204 -31.45 22.78 4.99
C ILE D 204 -32.75 21.99 5.01
N ALA D 205 -32.82 20.97 5.86
CA ALA D 205 -34.05 20.19 5.99
C ALA D 205 -35.20 21.09 6.44
N ARG D 206 -34.96 21.93 7.45
CA ARG D 206 -35.97 22.85 7.95
C ARG D 206 -36.44 23.79 6.85
N TYR D 207 -35.48 24.34 6.10
CA TYR D 207 -35.82 25.32 5.07
C TYR D 207 -36.84 24.76 4.09
N PHE D 208 -36.68 23.51 3.69
CA PHE D 208 -37.51 22.97 2.63
C PHE D 208 -38.76 22.22 3.12
N THR D 209 -38.92 21.99 4.43
CA THR D 209 -40.05 21.19 4.90
C THR D 209 -40.81 21.75 6.09
N LEU D 210 -40.23 22.66 6.89
CA LEU D 210 -40.88 23.01 8.16
C LEU D 210 -42.27 23.58 7.92
N LYS D 211 -42.42 24.42 6.91
CA LYS D 211 -43.66 25.15 6.68
C LYS D 211 -44.58 24.48 5.67
N SER D 212 -44.28 23.24 5.25
CA SER D 212 -45.08 22.60 4.21
C SER D 212 -45.48 21.19 4.61
N MET D 213 -45.57 20.93 5.92
CA MET D 213 -45.82 19.56 6.38
C MET D 213 -47.26 19.11 6.17
N ASP D 214 -48.19 20.06 5.96
CA ASP D 214 -49.61 19.71 5.94
C ASP D 214 -49.96 18.65 4.90
N ASP D 215 -49.29 18.64 3.75
CA ASP D 215 -49.65 17.71 2.68
C ASP D 215 -48.79 16.46 2.67
N LYS D 216 -47.94 16.26 3.65
CA LYS D 216 -47.02 15.13 3.66
C LYS D 216 -47.69 13.88 4.24
N VAL D 217 -47.29 12.74 3.69
CA VAL D 217 -47.76 11.43 4.16
C VAL D 217 -46.55 10.50 4.24
N VAL D 218 -46.22 10.06 5.45
CA VAL D 218 -45.07 9.16 5.62
C VAL D 218 -45.28 7.94 4.74
N GLY D 219 -44.27 7.63 3.94
CA GLY D 219 -44.24 6.44 3.11
C GLY D 219 -44.81 6.62 1.72
N SER D 220 -45.41 7.76 1.43
CA SER D 220 -46.13 7.90 0.17
C SER D 220 -45.20 7.91 -1.04
N ASN D 221 -43.90 8.23 -0.90
CA ASN D 221 -43.04 8.14 -2.08
C ASN D 221 -42.26 6.83 -2.14
N LYS D 222 -42.47 5.91 -1.19
CA LYS D 222 -41.92 4.55 -1.25
C LYS D 222 -40.40 4.51 -1.16
N LYS D 223 -39.76 5.59 -0.74
CA LYS D 223 -38.30 5.66 -0.68
C LYS D 223 -37.81 5.69 0.76
N ILE D 224 -36.51 5.42 0.93
CA ILE D 224 -35.83 5.59 2.20
C ILE D 224 -34.82 6.73 2.05
N ASN D 225 -34.84 7.69 2.96
CA ASN D 225 -33.83 8.73 2.99
C ASN D 225 -32.56 8.20 3.64
N ILE D 226 -31.41 8.59 3.10
CA ILE D 226 -30.11 8.22 3.63
C ILE D 226 -29.36 9.53 3.91
N VAL D 227 -28.95 9.74 5.15
CA VAL D 227 -28.18 10.92 5.53
C VAL D 227 -26.76 10.44 5.85
N PRO D 228 -25.74 10.84 5.09
CA PRO D 228 -24.42 10.23 5.26
C PRO D 228 -23.57 10.84 6.37
N GLY D 229 -23.86 12.07 6.78
CA GLY D 229 -23.00 12.81 7.69
C GLY D 229 -21.71 13.22 7.01
N PHE D 230 -20.79 13.76 7.82
CA PHE D 230 -19.46 14.18 7.40
C PHE D 230 -18.66 13.01 6.88
N GLU D 231 -18.40 13.00 5.57
CA GLU D 231 -17.90 11.82 4.88
C GLU D 231 -16.91 12.28 3.83
N THR D 232 -15.67 11.77 3.89
CA THR D 232 -14.60 12.26 3.03
C THR D 232 -13.97 11.15 2.19
N TYR D 233 -14.60 9.99 2.11
CA TYR D 233 -14.25 8.97 1.13
C TYR D 233 -15.33 8.89 0.06
N LEU D 234 -14.93 9.16 -1.18
CA LEU D 234 -15.89 9.09 -2.28
C LEU D 234 -16.51 7.71 -2.37
N GLY D 235 -15.74 6.67 -2.08
CA GLY D 235 -16.26 5.34 -2.19
C GLY D 235 -17.42 5.06 -1.26
N ASN D 236 -17.53 5.81 -0.16
CA ASN D 236 -18.60 5.55 0.78
C ASN D 236 -19.94 6.05 0.28
N PHE D 237 -19.99 7.22 -0.35
CA PHE D 237 -21.23 7.64 -1.00
C PHE D 237 -21.59 6.64 -2.11
N ARG D 238 -20.60 6.18 -2.85
CA ARG D 238 -20.84 5.35 -4.03
C ARG D 238 -21.29 3.95 -3.63
N VAL D 239 -20.72 3.39 -2.56
CA VAL D 239 -21.08 2.02 -2.21
C VAL D 239 -22.50 1.95 -1.66
N ILE D 240 -22.92 2.98 -0.92
CA ILE D 240 -24.28 3.00 -0.38
C ILE D 240 -25.29 3.05 -1.53
N LYS D 241 -25.06 3.93 -2.50
CA LYS D 241 -25.94 4.00 -3.66
C LYS D 241 -25.92 2.69 -4.45
N ARG D 242 -24.73 2.09 -4.57
CA ARG D 242 -24.62 0.86 -5.31
C ARG D 242 -25.41 -0.26 -4.64
N MET D 243 -25.31 -0.36 -3.31
CA MET D 243 -25.97 -1.48 -2.65
C MET D 243 -27.49 -1.31 -2.67
N LEU D 244 -27.97 -0.09 -2.46
CA LEU D 244 -29.40 0.16 -2.49
C LEU D 244 -29.96 -0.09 -3.89
N SER D 245 -29.23 0.33 -4.93
CA SER D 245 -29.68 0.05 -6.29
C SER D 245 -29.69 -1.44 -6.59
N GLU D 246 -28.67 -2.17 -6.11
CA GLU D 246 -28.62 -3.63 -6.26
C GLU D 246 -29.85 -4.30 -5.67
N MET D 247 -30.33 -3.80 -4.55
CA MET D 247 -31.52 -4.34 -3.92
C MET D 247 -32.81 -3.87 -4.57
N GLY D 248 -32.74 -2.93 -5.52
CA GLY D 248 -33.96 -2.35 -6.05
C GLY D 248 -34.69 -1.46 -5.08
N VAL D 249 -33.98 -0.85 -4.12
CA VAL D 249 -34.57 -0.04 -3.07
C VAL D 249 -34.61 1.41 -3.53
N GLY D 250 -35.80 2.01 -3.51
CA GLY D 250 -35.91 3.44 -3.76
C GLY D 250 -35.32 4.23 -2.60
N TYR D 251 -34.49 5.22 -2.93
CA TYR D 251 -33.77 5.94 -1.89
C TYR D 251 -33.52 7.38 -2.33
N SER D 252 -33.22 8.24 -1.36
CA SER D 252 -32.72 9.58 -1.62
C SER D 252 -31.54 9.80 -0.71
N LEU D 253 -30.38 9.99 -1.30
CA LEU D 253 -29.18 10.33 -0.54
C LEU D 253 -29.17 11.85 -0.34
N LEU D 254 -29.28 12.28 0.91
CA LEU D 254 -29.44 13.68 1.25
C LEU D 254 -28.09 14.25 1.66
N SER D 255 -27.49 15.03 0.75
CA SER D 255 -26.13 15.56 0.79
C SER D 255 -25.24 14.56 0.09
N ASP D 256 -24.96 14.80 -1.19
CA ASP D 256 -24.24 13.86 -2.04
C ASP D 256 -23.21 14.61 -2.88
N PRO D 257 -21.99 14.77 -2.36
CA PRO D 257 -20.95 15.52 -3.05
C PRO D 257 -20.05 14.69 -3.95
N GLU D 258 -20.37 13.43 -4.21
CA GLU D 258 -19.36 12.59 -4.83
C GLU D 258 -19.06 13.03 -6.27
N GLU D 259 -20.02 13.66 -6.96
CA GLU D 259 -19.76 14.17 -8.31
C GLU D 259 -18.92 15.44 -8.28
N VAL D 260 -19.28 16.40 -7.43
CA VAL D 260 -18.55 17.67 -7.45
C VAL D 260 -17.15 17.53 -6.85
N LEU D 261 -16.89 16.46 -6.10
CA LEU D 261 -15.56 16.21 -5.59
C LEU D 261 -14.78 15.25 -6.49
N ASP D 262 -15.24 15.03 -7.72
CA ASP D 262 -14.55 14.12 -8.62
C ASP D 262 -14.91 14.41 -10.07
N THR D 263 -14.76 15.67 -10.49
CA THR D 263 -15.05 16.03 -11.86
C THR D 263 -13.89 15.65 -12.77
N PRO D 264 -14.17 15.36 -14.04
CA PRO D 264 -13.11 14.95 -14.95
C PRO D 264 -12.27 16.12 -15.38
N ALA D 265 -11.01 15.83 -15.73
CA ALA D 265 -10.14 16.85 -16.32
C ALA D 265 -10.27 16.70 -17.84
N ASP D 266 -11.23 17.44 -18.43
CA ASP D 266 -11.50 17.33 -19.86
C ASP D 266 -11.42 18.66 -20.59
N GLY D 267 -10.82 19.69 -19.97
CA GLY D 267 -10.71 21.01 -20.58
C GLY D 267 -11.69 22.02 -20.05
N GLN D 268 -12.62 21.60 -19.20
CA GLN D 268 -13.61 22.49 -18.59
C GLN D 268 -13.56 22.35 -17.09
N PHE D 269 -13.60 23.48 -16.39
CA PHE D 269 -13.82 23.50 -14.97
C PHE D 269 -15.31 23.56 -14.70
N ARG D 270 -15.78 22.65 -13.87
CA ARG D 270 -17.19 22.57 -13.50
C ARG D 270 -17.30 22.94 -12.03
N MET D 271 -17.79 24.16 -11.76
CA MET D 271 -17.94 24.60 -10.38
C MET D 271 -18.92 23.71 -9.61
N TYR D 272 -19.98 23.27 -10.29
CA TYR D 272 -21.01 22.43 -9.71
C TYR D 272 -21.15 21.14 -10.52
N ALA D 273 -21.54 20.06 -9.84
CA ALA D 273 -21.85 18.81 -10.50
C ALA D 273 -22.66 17.94 -9.56
N GLY D 274 -23.70 17.28 -10.10
CA GLY D 274 -24.45 16.31 -9.33
C GLY D 274 -25.13 16.94 -8.13
N GLY D 275 -25.27 16.15 -7.08
CA GLY D 275 -25.77 16.66 -5.81
C GLY D 275 -27.22 16.33 -5.56
N THR D 276 -27.60 16.39 -4.28
CA THR D 276 -29.00 16.24 -3.87
C THR D 276 -29.82 17.43 -4.38
N THR D 277 -30.98 17.15 -4.97
CA THR D 277 -31.80 18.21 -5.52
C THR D 277 -32.64 18.86 -4.42
N GLN D 278 -33.08 20.07 -4.70
CA GLN D 278 -34.01 20.73 -3.78
C GLN D 278 -35.30 19.92 -3.66
N GLU D 279 -35.79 19.36 -4.76
CA GLU D 279 -37.00 18.55 -4.69
C GLU D 279 -36.83 17.33 -3.77
N GLU D 280 -35.65 16.72 -3.76
CA GLU D 280 -35.44 15.58 -2.85
C GLU D 280 -35.59 16.00 -1.40
N MET D 281 -35.12 17.19 -1.04
CA MET D 281 -35.31 17.69 0.32
C MET D 281 -36.78 18.05 0.58
N LYS D 282 -37.44 18.70 -0.39
CA LYS D 282 -38.86 19.05 -0.22
C LYS D 282 -39.73 17.81 -0.06
N ASP D 283 -39.41 16.73 -0.77
CA ASP D 283 -40.19 15.51 -0.81
C ASP D 283 -39.78 14.52 0.29
N ALA D 284 -38.67 14.79 0.99
CA ALA D 284 -38.13 13.81 1.92
C ALA D 284 -39.10 13.40 3.03
N PRO D 285 -39.99 14.25 3.55
CA PRO D 285 -40.93 13.78 4.58
C PRO D 285 -41.83 12.66 4.08
N ASN D 286 -41.98 12.52 2.77
CA ASN D 286 -42.83 11.48 2.21
C ASN D 286 -42.14 10.12 2.16
N ALA D 287 -40.90 10.00 2.61
CA ALA D 287 -40.23 8.72 2.63
C ALA D 287 -40.85 7.78 3.66
N LEU D 288 -40.58 6.47 3.49
CA LEU D 288 -40.96 5.50 4.52
C LEU D 288 -40.26 5.77 5.83
N ASN D 289 -39.01 6.22 5.75
CA ASN D 289 -38.18 6.40 6.93
C ASN D 289 -36.91 7.08 6.47
N THR D 290 -36.08 7.41 7.46
CA THR D 290 -34.80 8.07 7.23
C THR D 290 -33.76 7.30 8.01
N VAL D 291 -32.66 6.93 7.35
CA VAL D 291 -31.57 6.19 7.97
C VAL D 291 -30.37 7.12 8.09
N LEU D 292 -29.80 7.17 9.30
CA LEU D 292 -28.64 8.01 9.57
C LEU D 292 -27.41 7.13 9.60
N LEU D 293 -26.47 7.35 8.65
CA LEU D 293 -25.32 6.47 8.55
C LEU D 293 -24.31 6.75 9.65
N GLN D 294 -24.28 7.97 10.19
CA GLN D 294 -23.33 8.32 11.24
C GLN D 294 -24.10 8.99 12.37
N PRO D 295 -24.85 8.20 13.14
CA PRO D 295 -25.82 8.79 14.06
C PRO D 295 -25.19 9.56 15.20
N TRP D 296 -23.94 9.27 15.57
CA TRP D 296 -23.35 9.99 16.70
C TRP D 296 -22.96 11.43 16.38
N HIS D 297 -23.07 11.89 15.13
CA HIS D 297 -23.01 13.33 14.91
C HIS D 297 -24.21 13.82 14.11
N LEU D 298 -25.36 13.13 14.20
CA LEU D 298 -26.58 13.57 13.53
C LEU D 298 -27.75 13.69 14.51
N GLU D 299 -27.45 14.10 15.75
CA GLU D 299 -28.46 14.16 16.80
C GLU D 299 -29.52 15.23 16.54
N LYS D 300 -29.10 16.41 16.08
CA LYS D 300 -30.07 17.48 15.81
C LYS D 300 -30.92 17.13 14.61
N THR D 301 -30.28 16.63 13.55
CA THR D 301 -31.02 16.11 12.41
C THR D 301 -32.03 15.06 12.85
N LYS D 302 -31.61 14.15 13.74
CA LYS D 302 -32.51 13.11 14.18
C LYS D 302 -33.74 13.70 14.87
N LYS D 303 -33.53 14.67 15.77
CA LYS D 303 -34.66 15.26 16.48
C LYS D 303 -35.65 15.90 15.52
N PHE D 304 -35.15 16.51 14.44
CA PHE D 304 -36.02 17.16 13.47
C PHE D 304 -36.74 16.14 12.60
N VAL D 305 -36.02 15.11 12.16
CA VAL D 305 -36.64 14.09 11.31
C VAL D 305 -37.70 13.33 12.10
N GLU D 306 -37.46 13.07 13.39
CA GLU D 306 -38.47 12.39 14.19
C GLU D 306 -39.59 13.34 14.64
N GLY D 307 -39.24 14.55 15.05
CA GLY D 307 -40.22 15.47 15.60
C GLY D 307 -41.12 16.10 14.55
N THR D 308 -40.57 16.38 13.38
CA THR D 308 -41.30 17.08 12.33
C THR D 308 -41.73 16.18 11.19
N TRP D 309 -40.82 15.35 10.66
CA TRP D 309 -41.20 14.41 9.60
C TRP D 309 -41.91 13.18 10.15
N LYS D 310 -41.81 12.94 11.45
CA LYS D 310 -42.48 11.81 12.11
C LYS D 310 -41.97 10.47 11.61
N HIS D 311 -40.69 10.39 11.22
CA HIS D 311 -40.08 9.12 10.85
C HIS D 311 -39.54 8.43 12.08
N GLU D 312 -39.58 7.10 12.07
CA GLU D 312 -39.17 6.30 13.22
C GLU D 312 -37.75 5.80 12.95
N VAL D 313 -36.79 6.72 13.08
CA VAL D 313 -35.43 6.49 12.62
C VAL D 313 -34.90 5.20 13.25
N PRO D 314 -34.48 4.22 12.45
CA PRO D 314 -34.00 2.96 13.04
C PRO D 314 -32.73 3.12 13.86
N LYS D 315 -32.60 2.26 14.87
CA LYS D 315 -31.43 2.25 15.75
C LYS D 315 -30.35 1.42 15.06
N LEU D 316 -29.62 2.06 14.17
CA LEU D 316 -28.57 1.42 13.39
C LEU D 316 -27.23 2.07 13.69
N ASN D 317 -26.21 1.24 13.83
CA ASN D 317 -24.83 1.69 13.82
C ASN D 317 -24.40 1.99 12.38
N ILE D 318 -23.31 2.75 12.26
CA ILE D 318 -22.64 2.96 10.98
C ILE D 318 -22.44 1.61 10.31
N PRO D 319 -22.71 1.46 9.01
CA PRO D 319 -22.54 0.15 8.35
C PRO D 319 -21.07 -0.10 7.98
N MET D 320 -20.32 -0.42 9.01
CA MET D 320 -18.91 -0.79 8.88
C MET D 320 -18.69 -2.18 9.47
N GLY D 321 -17.90 -2.99 8.79
CA GLY D 321 -17.63 -4.35 9.23
C GLY D 321 -18.77 -5.25 8.84
N LEU D 322 -18.70 -6.50 9.32
CA LEU D 322 -19.61 -7.52 8.88
C LEU D 322 -20.96 -7.41 9.56
N ASP D 323 -20.98 -7.43 10.89
CA ASP D 323 -22.25 -7.43 11.61
C ASP D 323 -23.10 -6.19 11.29
N TRP D 324 -22.46 -5.03 11.27
CA TRP D 324 -23.23 -3.81 11.09
C TRP D 324 -23.60 -3.55 9.64
N THR D 325 -22.86 -4.07 8.66
CA THR D 325 -23.38 -4.05 7.30
C THR D 325 -24.60 -4.99 7.18
N ASP D 326 -24.50 -6.19 7.79
CA ASP D 326 -25.64 -7.12 7.85
C ASP D 326 -26.88 -6.43 8.41
N GLU D 327 -26.73 -5.74 9.54
CA GLU D 327 -27.88 -5.14 10.21
C GLU D 327 -28.48 -4.02 9.36
N PHE D 328 -27.64 -3.25 8.67
CA PHE D 328 -28.12 -2.19 7.77
C PHE D 328 -28.96 -2.79 6.64
N LEU D 329 -28.45 -3.82 5.98
CA LEU D 329 -29.17 -4.43 4.86
C LEU D 329 -30.48 -5.07 5.32
N MET D 330 -30.48 -5.70 6.50
CA MET D 330 -31.69 -6.33 7.01
C MET D 330 -32.75 -5.28 7.36
N LYS D 331 -32.33 -4.13 7.90
CA LYS D 331 -33.29 -3.08 8.24
C LYS D 331 -33.84 -2.41 6.99
N VAL D 332 -32.98 -2.15 6.00
CA VAL D 332 -33.43 -1.61 4.73
C VAL D 332 -34.40 -2.56 4.06
N SER D 333 -34.11 -3.86 4.12
CA SER D 333 -35.02 -4.86 3.57
C SER D 333 -36.37 -4.85 4.27
N GLU D 334 -36.36 -4.72 5.60
CA GLU D 334 -37.59 -4.67 6.39
C GLU D 334 -38.42 -3.45 6.03
N ILE D 335 -37.78 -2.28 5.95
CA ILE D 335 -38.51 -1.03 5.68
C ILE D 335 -39.05 -1.03 4.26
N SER D 336 -38.21 -1.43 3.29
CA SER D 336 -38.55 -1.33 1.87
C SER D 336 -39.40 -2.50 1.38
N GLY D 337 -39.34 -3.65 2.04
CA GLY D 337 -39.95 -4.85 1.51
C GLY D 337 -39.17 -5.54 0.43
N GLN D 338 -37.97 -5.06 0.08
CA GLN D 338 -37.13 -5.67 -0.94
C GLN D 338 -36.25 -6.74 -0.31
N PRO D 339 -36.12 -7.92 -0.90
CA PRO D 339 -35.21 -8.91 -0.33
C PRO D 339 -33.78 -8.51 -0.60
N ILE D 340 -32.88 -9.02 0.24
CA ILE D 340 -31.45 -8.91 0.02
C ILE D 340 -31.13 -9.81 -1.16
N PRO D 341 -30.60 -9.28 -2.25
CA PRO D 341 -30.39 -10.09 -3.44
C PRO D 341 -29.17 -10.99 -3.33
N ALA D 342 -29.16 -12.01 -4.18
CA ALA D 342 -28.07 -12.99 -4.19
C ALA D 342 -26.70 -12.33 -4.35
N SER D 343 -26.63 -11.23 -5.11
CA SER D 343 -25.35 -10.57 -5.38
C SER D 343 -24.72 -10.06 -4.09
N LEU D 344 -25.53 -9.52 -3.17
CA LEU D 344 -25.02 -9.00 -1.91
C LEU D 344 -24.73 -10.13 -0.93
N THR D 345 -25.51 -11.20 -0.97
CA THR D 345 -25.20 -12.35 -0.14
C THR D 345 -23.87 -12.96 -0.52
N LYS D 346 -23.59 -13.03 -1.82
CA LYS D 346 -22.31 -13.53 -2.30
C LYS D 346 -21.16 -12.60 -1.90
N GLU D 347 -21.36 -11.29 -2.06
CA GLU D 347 -20.36 -10.32 -1.65
C GLU D 347 -20.02 -10.49 -0.17
N ARG D 348 -21.03 -10.64 0.68
CA ARG D 348 -20.80 -10.91 2.10
C ARG D 348 -19.89 -12.13 2.31
N GLY D 349 -20.20 -13.24 1.64
CA GLY D 349 -19.40 -14.46 1.80
C GLY D 349 -18.01 -14.34 1.23
N ARG D 350 -17.82 -13.43 0.27
CA ARG D 350 -16.47 -13.15 -0.21
C ARG D 350 -15.68 -12.38 0.83
N LEU D 351 -16.31 -11.46 1.55
CA LEU D 351 -15.64 -10.82 2.67
C LEU D 351 -15.30 -11.84 3.75
N VAL D 352 -16.25 -12.71 4.09
CA VAL D 352 -15.96 -13.76 5.08
C VAL D 352 -14.83 -14.66 4.59
N ASP D 353 -14.81 -14.99 3.30
CA ASP D 353 -13.70 -15.78 2.77
C ASP D 353 -12.36 -15.09 3.02
N MET D 354 -12.30 -13.78 2.74
CA MET D 354 -11.06 -13.06 2.96
C MET D 354 -10.66 -13.07 4.43
N MET D 355 -11.65 -12.94 5.32
CA MET D 355 -11.35 -13.05 6.74
C MET D 355 -10.74 -14.40 7.10
N THR D 356 -11.28 -15.50 6.56
CA THR D 356 -10.69 -16.80 6.89
C THR D 356 -9.28 -16.92 6.30
N ASP D 357 -9.07 -16.33 5.12
CA ASP D 357 -7.76 -16.45 4.46
C ASP D 357 -6.68 -15.67 5.21
N SER D 358 -7.02 -14.55 5.84
CA SER D 358 -6.03 -13.66 6.42
C SER D 358 -6.00 -13.69 7.94
N HIS D 359 -6.81 -14.52 8.59
CA HIS D 359 -6.98 -14.39 10.03
C HIS D 359 -5.68 -14.66 10.80
N THR D 360 -4.78 -15.46 10.23
CA THR D 360 -3.61 -15.84 11.04
C THR D 360 -2.62 -14.69 11.17
N TRP D 361 -2.59 -13.78 10.21
CA TRP D 361 -1.70 -12.63 10.31
C TRP D 361 -2.32 -11.50 11.11
N LEU D 362 -3.64 -11.45 11.19
CA LEU D 362 -4.31 -10.40 11.93
C LEU D 362 -4.47 -10.72 13.40
N HIS D 363 -4.51 -12.00 13.75
CA HIS D 363 -4.85 -12.37 15.12
C HIS D 363 -3.91 -11.74 16.14
N GLY D 364 -4.51 -11.09 17.13
CA GLY D 364 -3.80 -10.48 18.23
C GLY D 364 -3.05 -9.21 17.93
N LYS D 365 -3.11 -8.71 16.71
CA LYS D 365 -2.38 -7.50 16.39
C LYS D 365 -3.00 -6.33 17.12
N ARG D 366 -2.15 -5.47 17.65
CA ARG D 366 -2.54 -4.39 18.56
C ARG D 366 -2.49 -3.06 17.83
N PHE D 367 -3.53 -2.24 18.01
CA PHE D 367 -3.68 -0.99 17.28
C PHE D 367 -4.00 0.18 18.19
N ALA D 368 -3.41 1.32 17.87
CA ALA D 368 -3.88 2.62 18.33
C ALA D 368 -4.60 3.28 17.16
N LEU D 369 -5.70 3.97 17.45
CA LEU D 369 -6.49 4.54 16.36
C LEU D 369 -7.26 5.77 16.83
N TRP D 370 -7.59 6.64 15.89
CA TRP D 370 -8.37 7.85 16.17
C TRP D 370 -9.20 8.28 14.95
N GLY D 371 -10.11 9.22 15.19
CA GLY D 371 -10.96 9.77 14.15
C GLY D 371 -12.25 10.26 14.79
N ASP D 372 -13.25 10.47 13.94
CA ASP D 372 -14.57 10.90 14.38
C ASP D 372 -15.33 9.74 15.01
N PRO D 373 -16.37 10.04 15.79
CA PRO D 373 -16.97 8.99 16.66
C PRO D 373 -17.50 7.77 15.91
N ASP D 374 -18.31 7.95 14.87
CA ASP D 374 -18.89 6.80 14.18
C ASP D 374 -17.81 6.01 13.45
N PHE D 375 -16.92 6.70 12.76
CA PHE D 375 -15.81 6.03 12.07
C PHE D 375 -15.00 5.17 13.05
N VAL D 376 -14.67 5.73 14.22
CA VAL D 376 -13.86 5.02 15.20
C VAL D 376 -14.59 3.79 15.72
N MET D 377 -15.88 3.95 16.06
CA MET D 377 -16.56 2.80 16.62
C MET D 377 -16.74 1.70 15.58
N GLY D 378 -16.96 2.07 14.32
CA GLY D 378 -17.02 1.06 13.27
C GLY D 378 -15.70 0.37 13.03
N LEU D 379 -14.60 1.11 13.11
CA LEU D 379 -13.29 0.50 12.98
C LEU D 379 -13.00 -0.44 14.15
N VAL D 380 -13.36 0.00 15.37
CA VAL D 380 -13.19 -0.86 16.54
C VAL D 380 -13.97 -2.16 16.36
N LYS D 381 -15.24 -2.05 15.96
CA LYS D 381 -16.06 -3.26 15.77
C LYS D 381 -15.42 -4.20 14.75
N PHE D 382 -14.99 -3.67 13.62
CA PHE D 382 -14.43 -4.53 12.60
C PHE D 382 -13.12 -5.16 13.06
N LEU D 383 -12.28 -4.40 13.76
CA LEU D 383 -11.06 -4.98 14.30
C LEU D 383 -11.37 -6.16 15.22
N LEU D 384 -12.38 -6.01 16.09
CA LEU D 384 -12.77 -7.15 16.93
C LEU D 384 -13.22 -8.35 16.09
N GLU D 385 -13.96 -8.10 15.01
CA GLU D 385 -14.41 -9.18 14.15
C GLU D 385 -13.24 -9.90 13.51
N LEU D 386 -12.13 -9.20 13.29
CA LEU D 386 -10.94 -9.76 12.67
C LEU D 386 -10.03 -10.45 13.68
N GLY D 387 -10.39 -10.44 14.96
CA GLY D 387 -9.49 -10.97 15.98
C GLY D 387 -8.34 -10.07 16.33
N CYS D 388 -8.47 -8.76 16.10
CA CYS D 388 -7.43 -7.78 16.43
C CYS D 388 -7.76 -7.14 17.76
N GLU D 389 -6.75 -6.48 18.36
CA GLU D 389 -6.91 -5.83 19.66
C GLU D 389 -6.79 -4.32 19.53
N PRO D 390 -7.89 -3.58 19.60
CA PRO D 390 -7.81 -2.11 19.52
C PRO D 390 -7.53 -1.42 20.84
N VAL D 391 -6.25 -1.31 21.20
CA VAL D 391 -5.86 -1.06 22.58
C VAL D 391 -5.99 0.42 22.96
N HIS D 392 -5.61 1.35 22.07
CA HIS D 392 -5.74 2.78 22.31
C HIS D 392 -6.74 3.35 21.31
N ILE D 393 -7.90 3.73 21.80
CA ILE D 393 -9.00 4.26 20.99
C ILE D 393 -9.23 5.70 21.41
N LEU D 394 -8.94 6.64 20.52
CA LEU D 394 -8.99 8.06 20.81
C LEU D 394 -10.03 8.74 19.94
N CYS D 395 -10.95 9.46 20.56
CA CYS D 395 -11.88 10.30 19.82
C CYS D 395 -11.90 11.66 20.50
N HIS D 396 -11.13 12.60 19.95
CA HIS D 396 -10.99 13.91 20.56
C HIS D 396 -12.35 14.59 20.70
N ASN D 397 -13.23 14.42 19.71
CA ASN D 397 -14.56 15.01 19.70
C ASN D 397 -15.66 14.04 20.10
N GLY D 398 -15.32 13.03 20.88
CA GLY D 398 -16.31 12.11 21.39
C GLY D 398 -16.96 12.62 22.68
N ASN D 399 -18.01 11.93 23.12
CA ASN D 399 -18.74 12.33 24.32
C ASN D 399 -18.93 11.10 25.22
N LYS D 400 -19.49 11.33 26.40
CA LYS D 400 -19.55 10.27 27.42
C LYS D 400 -20.50 9.15 27.01
N ARG D 401 -21.63 9.48 26.38
CA ARG D 401 -22.55 8.42 25.95
C ARG D 401 -21.93 7.56 24.86
N TRP D 402 -21.22 8.18 23.92
CA TRP D 402 -20.49 7.43 22.91
C TRP D 402 -19.45 6.51 23.54
N LYS D 403 -18.67 7.04 24.50
CA LYS D 403 -17.66 6.23 25.16
C LYS D 403 -18.29 5.03 25.84
N LYS D 404 -19.44 5.21 26.49
CA LYS D 404 -20.10 4.07 27.11
C LYS D 404 -20.47 3.00 26.09
N ALA D 405 -20.95 3.42 24.93
CA ALA D 405 -21.35 2.46 23.91
C ALA D 405 -20.15 1.68 23.36
N VAL D 406 -19.01 2.36 23.13
CA VAL D 406 -17.83 1.66 22.65
C VAL D 406 -17.28 0.74 23.73
N ASP D 407 -17.27 1.20 24.99
CA ASP D 407 -16.81 0.35 26.08
C ASP D 407 -17.64 -0.93 26.18
N ALA D 408 -18.95 -0.84 25.91
CA ALA D 408 -19.81 -2.02 25.91
C ALA D 408 -19.50 -2.95 24.75
N ILE D 409 -19.20 -2.39 23.58
CA ILE D 409 -18.80 -3.22 22.44
C ILE D 409 -17.51 -3.96 22.79
N LEU D 410 -16.56 -3.28 23.41
CA LEU D 410 -15.28 -3.88 23.78
C LEU D 410 -15.46 -4.96 24.84
N ALA D 411 -16.30 -4.69 25.86
CA ALA D 411 -16.51 -5.66 26.93
C ALA D 411 -17.15 -6.95 26.45
N ALA D 412 -17.89 -6.90 25.33
CA ALA D 412 -18.56 -8.09 24.81
C ALA D 412 -17.63 -9.01 24.04
N SER D 413 -16.39 -8.62 23.82
CA SER D 413 -15.46 -9.41 23.03
C SER D 413 -14.18 -9.67 23.80
N PRO D 414 -13.66 -10.90 23.75
CA PRO D 414 -12.35 -11.15 24.39
C PRO D 414 -11.24 -10.33 23.78
N TYR D 415 -11.45 -9.80 22.59
CA TYR D 415 -10.42 -8.98 21.95
C TYR D 415 -10.43 -7.54 22.45
N GLY D 416 -11.36 -7.16 23.33
CA GLY D 416 -11.40 -5.84 23.89
C GLY D 416 -10.82 -5.69 25.27
N LYS D 417 -10.18 -6.72 25.81
CA LYS D 417 -9.82 -6.72 27.22
C LYS D 417 -8.68 -5.78 27.55
N ASN D 418 -7.84 -5.41 26.58
CA ASN D 418 -6.72 -4.52 26.85
C ASN D 418 -6.93 -3.15 26.23
N ALA D 419 -8.17 -2.81 25.94
CA ALA D 419 -8.52 -1.59 25.22
C ALA D 419 -9.03 -0.53 26.18
N THR D 420 -8.71 0.73 25.88
CA THR D 420 -9.21 1.88 26.62
C THR D 420 -9.68 2.91 25.62
N VAL D 421 -10.82 3.51 25.91
CA VAL D 421 -11.43 4.54 25.08
C VAL D 421 -11.19 5.90 25.73
N TYR D 422 -10.64 6.83 24.97
CA TYR D 422 -10.30 8.17 25.42
C TYR D 422 -11.12 9.19 24.65
N ILE D 423 -11.77 10.11 25.39
CA ILE D 423 -12.48 11.22 24.77
C ILE D 423 -11.88 12.51 25.29
N GLY D 424 -11.89 13.53 24.43
CA GLY D 424 -11.34 14.82 24.82
C GLY D 424 -9.83 14.87 24.87
N LYS D 425 -9.15 13.82 24.48
CA LYS D 425 -7.69 13.77 24.43
C LYS D 425 -7.19 13.96 22.99
N ASP D 426 -5.94 14.38 22.86
CA ASP D 426 -5.40 14.75 21.56
C ASP D 426 -4.24 13.82 21.17
N LEU D 427 -3.58 14.14 20.05
CA LEU D 427 -2.52 13.27 19.56
C LEU D 427 -1.22 13.40 20.35
N TRP D 428 -1.07 14.42 21.18
CA TRP D 428 0.07 14.44 22.10
C TRP D 428 -0.17 13.48 23.26
N HIS D 429 -1.43 13.32 23.68
CA HIS D 429 -1.78 12.24 24.60
C HIS D 429 -1.52 10.89 23.96
N LEU D 430 -1.93 10.74 22.71
CA LEU D 430 -1.78 9.46 22.04
C LEU D 430 -0.32 9.12 21.86
N ARG D 431 0.51 10.11 21.56
CA ARG D 431 1.94 9.87 21.47
C ARG D 431 2.48 9.18 22.73
N SER D 432 2.10 9.67 23.92
CA SER D 432 2.55 9.02 25.14
C SER D 432 2.12 7.55 25.19
N LEU D 433 0.86 7.28 24.85
CA LEU D 433 0.34 5.92 24.96
C LEU D 433 1.09 4.95 24.07
N VAL D 434 1.47 5.37 22.85
CA VAL D 434 2.17 4.44 21.97
C VAL D 434 3.61 4.24 22.37
N PHE D 435 4.15 5.07 23.28
CA PHE D 435 5.45 4.82 23.90
C PHE D 435 5.30 3.90 25.11
N THR D 436 4.35 4.21 26.00
CA THR D 436 4.28 3.49 27.28
C THR D 436 3.61 2.12 27.17
N ASP D 437 2.76 1.92 26.16
CA ASP D 437 2.03 0.68 25.97
C ASP D 437 2.01 0.43 24.47
N LYS D 438 3.15 -0.02 23.94
CA LYS D 438 3.40 0.07 22.50
C LYS D 438 2.48 -0.87 21.73
N PRO D 439 1.74 -0.38 20.76
CA PRO D 439 0.98 -1.28 19.88
C PRO D 439 1.80 -1.69 18.67
N ASP D 440 1.23 -2.50 17.78
CA ASP D 440 1.91 -2.86 16.54
C ASP D 440 1.80 -1.77 15.47
N PHE D 441 0.63 -1.14 15.36
CA PHE D 441 0.37 -0.11 14.35
C PHE D 441 -0.55 0.96 14.89
N MET D 442 -0.50 2.11 14.24
CA MET D 442 -1.51 3.15 14.37
C MET D 442 -2.39 3.12 13.13
N ILE D 443 -3.68 3.34 13.33
CA ILE D 443 -4.62 3.62 12.24
C ILE D 443 -5.10 5.04 12.44
N GLY D 444 -4.77 5.93 11.50
CA GLY D 444 -5.18 7.31 11.67
C GLY D 444 -4.91 8.14 10.43
N ASN D 445 -5.03 9.45 10.61
CA ASN D 445 -4.83 10.38 9.50
C ASN D 445 -3.37 10.82 9.42
N SER D 446 -3.07 11.75 8.50
CA SER D 446 -1.68 12.10 8.21
C SER D 446 -0.93 12.71 9.40
N TYR D 447 -1.63 13.33 10.36
CA TYR D 447 -0.96 13.84 11.55
C TYR D 447 -0.25 12.75 12.33
N GLY D 448 -0.62 11.48 12.14
CA GLY D 448 0.04 10.36 12.76
C GLY D 448 1.48 10.16 12.31
N LYS D 449 1.85 10.72 11.16
CA LYS D 449 3.21 10.49 10.69
C LYS D 449 4.21 11.08 11.67
N PHE D 450 3.84 12.14 12.40
CA PHE D 450 4.80 12.73 13.32
C PHE D 450 4.98 11.87 14.57
N ILE D 451 3.94 11.16 14.99
CA ILE D 451 4.09 10.17 16.06
C ILE D 451 5.00 9.04 15.62
N GLN D 452 4.82 8.52 14.39
CA GLN D 452 5.71 7.47 13.92
C GLN D 452 7.16 7.95 13.92
N ARG D 453 7.40 9.18 13.45
CA ARG D 453 8.74 9.77 13.47
C ARG D 453 9.31 9.79 14.89
N ASP D 454 8.51 10.25 15.86
CA ASP D 454 8.95 10.27 17.25
C ASP D 454 9.32 8.87 17.74
N THR D 455 8.49 7.86 17.44
CA THR D 455 8.78 6.53 17.97
C THR D 455 10.05 5.94 17.36
N LEU D 456 10.29 6.17 16.07
CA LEU D 456 11.52 5.66 15.44
C LEU D 456 12.75 6.28 16.09
N HIS D 457 12.66 7.56 16.49
CA HIS D 457 13.80 8.22 17.11
C HIS D 457 14.22 7.52 18.39
N LYS D 458 13.27 6.94 19.12
CA LYS D 458 13.66 6.19 20.30
C LYS D 458 14.44 4.93 19.89
N GLY D 459 14.07 4.31 18.78
CA GLY D 459 14.76 3.17 18.20
C GLY D 459 13.87 2.40 17.24
N LYS D 460 14.51 1.66 16.33
CA LYS D 460 13.74 0.90 15.34
C LYS D 460 12.76 -0.05 16.01
N GLU D 461 13.15 -0.65 17.14
CA GLU D 461 12.28 -1.58 17.84
C GLU D 461 11.08 -0.89 18.49
N PHE D 462 11.09 0.43 18.61
CA PHE D 462 9.99 1.16 19.22
C PHE D 462 9.08 1.80 18.19
N GLU D 463 9.44 1.71 16.92
CA GLU D 463 8.70 2.40 15.88
C GLU D 463 7.31 1.78 15.75
N VAL D 464 6.31 2.65 15.67
CA VAL D 464 4.92 2.26 15.44
C VAL D 464 4.51 2.81 14.07
N PRO D 465 4.38 1.97 13.04
CA PRO D 465 4.02 2.47 11.73
C PRO D 465 2.58 2.90 11.64
N LEU D 466 2.36 3.94 10.85
CA LEU D 466 1.05 4.51 10.59
C LEU D 466 0.39 3.82 9.39
N ILE D 467 -0.86 3.43 9.58
CA ILE D 467 -1.75 3.02 8.51
C ILE D 467 -2.76 4.14 8.30
N ARG D 468 -2.79 4.72 7.10
CA ARG D 468 -3.59 5.93 6.84
C ARG D 468 -5.03 5.58 6.47
N ILE D 469 -5.93 5.77 7.42
CA ILE D 469 -7.37 5.65 7.20
C ILE D 469 -8.02 6.74 8.04
N GLY D 470 -8.79 7.61 7.39
CA GLY D 470 -9.41 8.74 8.07
C GLY D 470 -9.33 10.05 7.30
N PHE D 471 -9.29 11.16 8.01
CA PHE D 471 -9.33 12.48 7.41
C PHE D 471 -8.63 13.46 8.34
N PRO D 472 -7.75 14.33 7.81
CA PRO D 472 -7.31 14.42 6.42
C PRO D 472 -6.15 13.47 6.08
N ILE D 473 -6.08 13.01 4.83
CA ILE D 473 -4.90 12.32 4.31
C ILE D 473 -4.28 13.21 3.25
N PHE D 474 -3.14 13.81 3.57
CA PHE D 474 -2.50 14.83 2.75
C PHE D 474 -1.21 14.36 2.09
N ASP D 475 -0.56 13.31 2.59
CA ASP D 475 0.77 12.92 2.13
C ASP D 475 0.76 11.65 1.29
N ARG D 476 -0.41 11.19 0.86
CA ARG D 476 -0.59 10.16 -0.14
C ARG D 476 -1.59 10.70 -1.14
N HIS D 477 -1.62 10.14 -2.35
CA HIS D 477 -2.51 10.59 -3.40
C HIS D 477 -3.66 9.60 -3.64
N HIS D 478 -4.87 10.13 -3.73
CA HIS D 478 -6.06 9.46 -4.23
C HIS D 478 -6.61 8.42 -3.27
N LEU D 479 -6.19 8.45 -2.00
CA LEU D 479 -6.84 7.56 -1.04
C LEU D 479 -8.26 8.02 -0.73
N HIS D 480 -8.61 9.28 -1.04
CA HIS D 480 -9.99 9.72 -0.87
C HIS D 480 -10.96 8.97 -1.77
N ARG D 481 -10.47 8.27 -2.79
CA ARG D 481 -11.33 7.46 -3.64
C ARG D 481 -11.75 6.14 -3.00
N SER D 482 -11.15 5.78 -1.86
CA SER D 482 -11.35 4.49 -1.21
C SER D 482 -12.74 4.38 -0.60
N THR D 483 -12.98 3.21 -0.02
CA THR D 483 -14.23 2.88 0.65
C THR D 483 -13.91 2.33 2.03
N THR D 484 -14.71 2.72 3.01
CA THR D 484 -14.66 2.11 4.32
C THR D 484 -15.98 1.48 4.78
N LEU D 485 -17.10 1.79 4.13
CA LEU D 485 -18.40 1.27 4.49
C LEU D 485 -18.74 -0.01 3.73
N GLY D 486 -19.68 -0.77 4.28
CA GLY D 486 -20.19 -1.96 3.61
C GLY D 486 -19.19 -3.10 3.58
N TYR D 487 -19.57 -4.16 2.87
CA TYR D 487 -18.64 -5.26 2.65
C TYR D 487 -17.44 -4.80 1.82
N GLU D 488 -17.69 -3.95 0.83
CA GLU D 488 -16.58 -3.45 0.00
C GLU D 488 -15.54 -2.73 0.83
N GLY D 489 -15.99 -1.84 1.71
CA GLY D 489 -15.08 -1.11 2.56
C GLY D 489 -14.36 -2.01 3.54
N ALA D 490 -15.06 -3.04 4.05
CA ALA D 490 -14.43 -3.99 4.94
C ALA D 490 -13.34 -4.78 4.22
N MET D 491 -13.60 -5.17 2.97
CA MET D 491 -12.59 -5.81 2.15
C MET D 491 -11.37 -4.92 1.97
N GLN D 492 -11.61 -3.63 1.70
CA GLN D 492 -10.49 -2.69 1.53
C GLN D 492 -9.71 -2.52 2.83
N ILE D 493 -10.38 -2.35 3.97
CA ILE D 493 -9.67 -2.22 5.24
C ILE D 493 -8.88 -3.48 5.56
N LEU D 494 -9.51 -4.65 5.43
CA LEU D 494 -8.82 -5.91 5.72
C LEU D 494 -7.55 -6.02 4.89
N THR D 495 -7.67 -5.75 3.59
CA THR D 495 -6.52 -5.87 2.70
C THR D 495 -5.39 -4.92 3.11
N THR D 496 -5.76 -3.67 3.43
CA THR D 496 -4.77 -2.70 3.90
C THR D 496 -4.11 -3.17 5.19
N LEU D 497 -4.90 -3.69 6.13
CA LEU D 497 -4.33 -4.09 7.41
C LEU D 497 -3.37 -5.28 7.25
N VAL D 498 -3.82 -6.34 6.57
CA VAL D 498 -2.98 -7.53 6.47
C VAL D 498 -1.72 -7.23 5.67
N ASN D 499 -1.82 -6.41 4.62
CA ASN D 499 -0.62 -6.13 3.85
C ASN D 499 0.31 -5.12 4.51
N SER D 500 -0.21 -4.25 5.39
CA SER D 500 0.66 -3.44 6.23
C SER D 500 1.47 -4.33 7.16
N ILE D 501 0.82 -5.34 7.74
CA ILE D 501 1.50 -6.30 8.59
C ILE D 501 2.60 -7.02 7.81
N LEU D 502 2.28 -7.44 6.60
CA LEU D 502 3.24 -8.21 5.83
C LEU D 502 4.36 -7.35 5.25
N GLU D 503 4.04 -6.10 4.91
CA GLU D 503 5.07 -5.15 4.50
C GLU D 503 6.06 -4.93 5.64
N ARG D 504 5.56 -4.74 6.86
CA ARG D 504 6.45 -4.49 7.99
C ARG D 504 7.26 -5.73 8.32
N LEU D 505 6.64 -6.91 8.20
CA LEU D 505 7.40 -8.14 8.45
C LEU D 505 8.51 -8.30 7.42
N ASP D 506 8.22 -8.02 6.15
CA ASP D 506 9.27 -8.08 5.13
C ASP D 506 10.41 -7.14 5.46
N GLU D 507 10.10 -5.91 5.90
CA GLU D 507 11.13 -4.96 6.28
C GLU D 507 12.01 -5.54 7.39
N GLU D 508 11.38 -6.11 8.41
CA GLU D 508 12.11 -6.60 9.57
C GLU D 508 12.91 -7.87 9.27
N THR D 509 12.61 -8.57 8.16
CA THR D 509 13.30 -9.80 7.78
C THR D 509 14.13 -9.64 6.50
N ARG D 510 14.40 -8.41 6.10
CA ARG D 510 15.13 -8.18 4.87
C ARG D 510 16.65 -8.20 5.08
N GLY D 511 17.12 -8.45 6.30
CA GLY D 511 18.52 -8.34 6.60
C GLY D 511 19.33 -9.57 6.24
N MET D 512 20.18 -9.44 5.22
CA MET D 512 20.96 -10.56 4.70
C MET D 512 21.72 -11.26 5.81
N GLN D 513 21.49 -12.56 5.95
CA GLN D 513 22.20 -13.42 6.89
C GLN D 513 21.97 -13.01 8.35
N ALA D 514 20.99 -12.14 8.62
CA ALA D 514 20.67 -11.73 9.98
C ALA D 514 19.22 -12.05 10.32
N THR D 515 18.29 -11.55 9.53
CA THR D 515 16.87 -11.79 9.74
C THR D 515 16.18 -12.40 8.54
N ASP D 516 16.88 -12.59 7.42
CA ASP D 516 16.17 -13.07 6.23
C ASP D 516 15.94 -14.56 6.22
N TYR D 517 16.27 -15.27 7.31
CA TYR D 517 15.78 -16.64 7.43
C TYR D 517 14.25 -16.68 7.40
N ASN D 518 13.58 -15.60 7.81
CA ASN D 518 12.12 -15.54 7.79
C ASN D 518 11.59 -14.62 6.66
N HIS D 519 12.38 -14.41 5.61
CA HIS D 519 11.97 -13.59 4.47
C HIS D 519 11.27 -14.45 3.41
N ASP D 520 10.14 -15.04 3.82
CA ASP D 520 9.46 -16.06 3.05
C ASP D 520 8.86 -15.49 1.77
N LEU D 521 9.02 -16.25 0.68
CA LEU D 521 8.31 -15.94 -0.55
C LEU D 521 6.79 -16.04 -0.40
N VAL D 522 6.30 -17.03 0.35
CA VAL D 522 4.87 -17.31 0.49
C VAL D 522 4.43 -16.91 1.88
N ARG D 523 3.37 -16.10 1.96
CA ARG D 523 2.78 -15.72 3.24
C ARG D 523 1.27 -15.95 3.22
#